data_9J8S
#
_entry.id   9J8S
#
_cell.length_a   1.00
_cell.length_b   1.00
_cell.length_c   1.00
_cell.angle_alpha   90.00
_cell.angle_beta   90.00
_cell.angle_gamma   90.00
#
_symmetry.space_group_name_H-M   'P 1'
#
loop_
_entity.id
_entity.type
_entity.pdbx_description
1 polymer 'Phosphatidylglycerol lysyltransferase'
2 non-polymer '(1S)-2-{[{[(2R)-2,3-DIHYDROXYPROPYL]OXY}(HYDROXY)PHOSPHORYL]OXY}-1-[(PALMITOYLOXY)METHYL]ETHYL STEARATE'
#
_entity_poly.entity_id   1
_entity_poly.type   'polypeptide(L)'
_entity_poly.pdbx_seq_one_letter_code
;MWSHPQFEKGGSGMRTDAPVPEHPAPPSSPASPQRIRLIDRITAYRQPIGLVFTLLLFGLALVACYHLLREIDPGALHDA
IADVPRPALLGALSATALGFVILLGYEWSASRFAGVTLPMRSLATGGFSAFAIGNAVGLSLLSGGSVRYRLYSRHGIGAA
EIARMTLFASLSLGCALPVLAALAALCDLDDAASALHLPRALVAVIAIAVLSLAVGLVAFLARHRLPGERPSPDSLLVRL
GRRSLRLPGLRLSLLQLLITALDVAAAATVLYLLLPETPPFAAFLLVYLLALAAGVLSHVPGGVGVFEAVLLAAFAGQLG
AAPLAAALLLYRLIYVVLPLLLACLLLLFLEARRLWVTRQAIRVASGFAAPILAILVFLSGVVLLFSGATPAIDTRLEHL
GFLIPHRLIDASHLVASLIGVLCLLLAQGLRRRLSAAWALTLVLLLVGALLSLLKGFDWEEASLLSLTAALLAMFRRSFY
RPSRLMEVPFSPLYVGASICVVGASVWLLLFANQDVHYSNQLWWQFALDADAPRALRAALGSCLLLLALALGWLLRAAPP
AIREPNAEELQRAARIIRHSDQPDGGLALTGDKALLFHESDDAFLMYARRGRSMIALYDPIGPAMQRAELIWQFRDLCDL
HHARPVFYQVRAENLPFYMDIGLTALKLGEEARVDLLRFDLENKGKEMKDLRYTWNRGQRDGLALEFHEPGQAPLDELKA
ISDAWLGGKQVREKGFSLGRFTPAYLNFFRIAIVRHQGKPVAFANLLETDSRELASLDLMRVHPDAPKLTMEFLMLGLIL
HYKAQGHARFSLGMVPLAGLQPRRGAPLTQRLGALVFRRGEQFYNFQGLRRFKDKFQPDWEPRYLAVPAGLDPLVALADT
AALIAGGLTGLVKRRNSSSVDAL
;
_entity_poly.pdbx_strand_id   A,B
#
# COMPACT_ATOMS: atom_id res chain seq x y z
N ARG A 46 -17.12 11.82 -31.90
CA ARG A 46 -16.21 10.82 -32.54
C ARG A 46 -16.19 9.54 -31.70
N GLN A 47 -15.89 9.69 -30.41
CA GLN A 47 -15.71 8.56 -29.51
C GLN A 47 -17.02 7.79 -29.37
N PRO A 48 -18.16 8.40 -28.97
CA PRO A 48 -19.43 7.68 -28.85
C PRO A 48 -19.93 7.10 -30.18
N ILE A 49 -19.72 7.84 -31.28
CA ILE A 49 -20.18 7.41 -32.59
C ILE A 49 -19.40 6.18 -33.04
N GLY A 50 -18.07 6.24 -32.91
CA GLY A 50 -17.20 5.13 -33.28
C GLY A 50 -17.43 3.90 -32.40
N LEU A 51 -17.79 4.13 -31.13
CA LEU A 51 -18.12 3.05 -30.21
C LEU A 51 -19.41 2.35 -30.66
N VAL A 52 -20.46 3.16 -30.87
CA VAL A 52 -21.76 2.63 -31.26
C VAL A 52 -21.64 1.88 -32.58
N PHE A 53 -20.90 2.44 -33.53
CA PHE A 53 -20.71 1.82 -34.83
C PHE A 53 -20.10 0.42 -34.69
N THR A 54 -19.01 0.32 -33.94
CA THR A 54 -18.32 -0.95 -33.73
C THR A 54 -19.24 -1.91 -32.98
N LEU A 55 -19.93 -1.41 -31.96
CA LEU A 55 -20.80 -2.24 -31.14
C LEU A 55 -21.90 -2.85 -31.99
N LEU A 56 -22.48 -2.06 -32.90
CA LEU A 56 -23.55 -2.55 -33.77
C LEU A 56 -23.00 -3.57 -34.75
N LEU A 57 -21.80 -3.32 -35.29
CA LEU A 57 -21.18 -4.25 -36.24
C LEU A 57 -20.93 -5.60 -35.58
N PHE A 58 -20.48 -5.57 -34.32
CA PHE A 58 -20.26 -6.79 -33.56
C PHE A 58 -21.59 -7.50 -33.35
N GLY A 59 -22.60 -6.76 -32.87
CA GLY A 59 -23.93 -7.30 -32.66
C GLY A 59 -24.46 -7.99 -33.90
N LEU A 60 -24.29 -7.35 -35.07
CA LEU A 60 -24.79 -7.90 -36.32
C LEU A 60 -24.05 -9.19 -36.63
N ALA A 61 -22.72 -9.20 -36.43
CA ALA A 61 -21.90 -10.36 -36.75
C ALA A 61 -22.26 -11.54 -35.87
N LEU A 62 -22.67 -11.27 -34.61
CA LEU A 62 -23.14 -12.30 -33.71
C LEU A 62 -24.42 -12.92 -34.29
N VAL A 63 -25.37 -12.06 -34.65
CA VAL A 63 -26.63 -12.51 -35.20
C VAL A 63 -26.38 -13.31 -36.48
N ALA A 64 -25.41 -12.86 -37.29
CA ALA A 64 -25.08 -13.57 -38.51
C ALA A 64 -24.57 -14.98 -38.21
N CYS A 65 -23.69 -15.09 -37.23
CA CYS A 65 -23.10 -16.38 -36.86
C CYS A 65 -24.16 -17.29 -36.24
N TYR A 66 -25.10 -16.72 -35.49
CA TYR A 66 -26.18 -17.51 -34.91
C TYR A 66 -27.03 -18.12 -36.02
N HIS A 67 -27.41 -17.27 -37.00
CA HIS A 67 -28.26 -17.70 -38.09
C HIS A 67 -27.51 -18.60 -39.08
N LEU A 68 -26.19 -18.66 -38.96
CA LEU A 68 -25.38 -19.45 -39.90
C LEU A 68 -25.06 -20.81 -39.30
N LEU A 69 -24.87 -20.88 -37.97
CA LEU A 69 -24.61 -22.14 -37.28
C LEU A 69 -25.88 -22.61 -36.59
N ARG A 70 -27.01 -22.58 -37.31
CA ARG A 70 -28.29 -22.94 -36.74
C ARG A 70 -28.40 -24.46 -36.63
N GLU A 71 -27.88 -25.15 -37.66
CA GLU A 71 -28.03 -26.59 -37.77
C GLU A 71 -27.14 -27.29 -36.73
N ILE A 72 -25.93 -26.76 -36.52
CA ILE A 72 -24.94 -27.42 -35.68
C ILE A 72 -25.33 -27.27 -34.21
N ASP A 73 -25.16 -28.38 -33.46
CA ASP A 73 -25.33 -28.40 -32.02
C ASP A 73 -23.95 -28.58 -31.39
N PRO A 74 -23.75 -28.15 -30.12
CA PRO A 74 -22.43 -28.19 -29.48
C PRO A 74 -21.77 -29.57 -29.51
N GLY A 75 -22.57 -30.63 -29.46
CA GLY A 75 -22.04 -31.98 -29.56
C GLY A 75 -21.22 -32.17 -30.84
N ALA A 76 -21.79 -31.75 -31.97
CA ALA A 76 -21.15 -31.90 -33.27
C ALA A 76 -19.84 -31.12 -33.30
N LEU A 77 -19.88 -29.91 -32.71
CA LEU A 77 -18.72 -29.03 -32.69
C LEU A 77 -17.59 -29.68 -31.90
N HIS A 78 -17.92 -30.23 -30.72
CA HIS A 78 -16.93 -30.87 -29.88
C HIS A 78 -16.29 -32.04 -30.60
N ASP A 79 -17.11 -32.79 -31.36
CA ASP A 79 -16.63 -33.92 -32.13
C ASP A 79 -15.68 -33.44 -33.23
N ALA A 80 -16.01 -32.29 -33.83
CA ALA A 80 -15.19 -31.71 -34.89
C ALA A 80 -13.84 -31.27 -34.33
N ILE A 81 -13.84 -30.71 -33.11
CA ILE A 81 -12.62 -30.25 -32.47
C ILE A 81 -11.74 -31.46 -32.14
N ALA A 82 -12.37 -32.55 -31.68
CA ALA A 82 -11.64 -33.75 -31.30
C ALA A 82 -11.11 -34.47 -32.54
N ASP A 83 -11.75 -34.25 -33.69
CA ASP A 83 -11.42 -34.94 -34.92
C ASP A 83 -10.01 -34.57 -35.37
N VAL A 84 -9.62 -33.30 -35.21
CA VAL A 84 -8.37 -32.79 -35.74
C VAL A 84 -7.22 -33.66 -35.25
N PRO A 85 -6.33 -34.13 -36.17
CA PRO A 85 -5.19 -34.98 -35.78
C PRO A 85 -4.06 -34.19 -35.12
N ARG A 86 -3.15 -34.91 -34.45
CA ARG A 86 -2.06 -34.29 -33.71
C ARG A 86 -1.06 -33.61 -34.66
N PRO A 87 -0.69 -34.22 -35.81
CA PRO A 87 0.22 -33.57 -36.76
C PRO A 87 -0.30 -32.23 -37.30
N ALA A 88 -1.62 -32.12 -37.43
CA ALA A 88 -2.26 -30.88 -37.89
C ALA A 88 -2.11 -29.78 -36.84
N LEU A 89 -2.34 -30.12 -35.58
CA LEU A 89 -2.19 -29.17 -34.48
C LEU A 89 -0.74 -28.73 -34.39
N LEU A 90 0.19 -29.68 -34.40
CA LEU A 90 1.61 -29.39 -34.29
C LEU A 90 2.09 -28.62 -35.52
N GLY A 91 1.42 -28.82 -36.66
CA GLY A 91 1.72 -28.06 -37.86
C GLY A 91 1.30 -26.61 -37.73
N ALA A 92 0.07 -26.39 -37.24
CA ALA A 92 -0.47 -25.05 -37.05
C ALA A 92 0.33 -24.31 -35.99
N LEU A 93 0.71 -25.03 -34.93
CA LEU A 93 1.47 -24.45 -33.83
C LEU A 93 2.85 -24.01 -34.34
N SER A 94 3.36 -24.71 -35.36
CA SER A 94 4.64 -24.38 -35.95
C SER A 94 4.50 -23.24 -36.95
N ALA A 95 3.42 -23.24 -37.73
CA ALA A 95 3.19 -22.21 -38.74
C ALA A 95 2.91 -20.87 -38.08
N THR A 96 2.40 -20.89 -36.85
CA THR A 96 2.22 -19.70 -36.06
C THR A 96 3.58 -19.07 -35.78
N ALA A 97 4.53 -19.90 -35.33
CA ALA A 97 5.87 -19.44 -35.01
C ALA A 97 6.52 -18.85 -36.26
N LEU A 98 6.45 -19.57 -37.39
CA LEU A 98 7.03 -19.10 -38.64
C LEU A 98 6.44 -17.74 -39.01
N GLY A 99 5.11 -17.62 -38.91
CA GLY A 99 4.41 -16.41 -39.29
C GLY A 99 4.73 -15.22 -38.38
N PHE A 100 5.11 -15.51 -37.13
CA PHE A 100 5.46 -14.47 -36.18
C PHE A 100 6.93 -14.07 -36.32
N VAL A 101 7.77 -14.99 -36.83
CA VAL A 101 9.16 -14.67 -37.10
C VAL A 101 9.23 -13.77 -38.33
N ILE A 102 8.28 -13.93 -39.25
CA ILE A 102 8.20 -13.07 -40.43
C ILE A 102 7.72 -11.68 -40.04
N LEU A 103 7.02 -11.57 -38.90
CA LEU A 103 6.54 -10.28 -38.44
C LEU A 103 7.69 -9.43 -37.87
N LEU A 104 8.83 -10.05 -37.57
CA LEU A 104 10.00 -9.29 -37.15
C LEU A 104 10.52 -8.45 -38.32
N GLY A 105 10.59 -9.06 -39.50
CA GLY A 105 10.95 -8.35 -40.72
C GLY A 105 10.04 -7.16 -41.00
N TYR A 106 8.79 -7.28 -40.55
CA TYR A 106 7.82 -6.20 -40.66
C TYR A 106 8.32 -4.99 -39.86
N GLU A 107 8.88 -5.25 -38.67
CA GLU A 107 9.42 -4.21 -37.82
C GLU A 107 10.72 -3.67 -38.42
N TRP A 108 11.53 -4.58 -39.00
CA TRP A 108 12.79 -4.23 -39.61
C TRP A 108 12.58 -3.22 -40.74
N SER A 109 11.53 -3.42 -41.54
CA SER A 109 11.20 -2.51 -42.63
C SER A 109 10.82 -1.13 -42.09
N ALA A 110 10.13 -1.11 -40.95
CA ALA A 110 9.72 0.15 -40.34
C ALA A 110 10.94 0.88 -39.78
N SER A 111 11.85 0.11 -39.16
CA SER A 111 13.05 0.69 -38.60
C SER A 111 13.88 1.36 -39.69
N ARG A 112 13.96 0.70 -40.85
CA ARG A 112 14.75 1.19 -41.97
C ARG A 112 14.09 2.42 -42.57
N PHE A 113 12.75 2.41 -42.66
CA PHE A 113 12.00 3.49 -43.26
C PHE A 113 12.14 4.76 -42.44
N ALA A 114 11.96 4.65 -41.12
CA ALA A 114 12.01 5.79 -40.23
C ALA A 114 13.45 6.23 -39.98
N GLY A 115 14.39 5.30 -40.21
CA GLY A 115 15.81 5.58 -39.98
C GLY A 115 16.14 5.55 -38.51
N VAL A 116 15.86 4.41 -37.87
CA VAL A 116 16.12 4.21 -36.45
C VAL A 116 17.12 3.07 -36.31
N THR A 117 18.25 3.37 -35.66
CA THR A 117 19.26 2.36 -35.39
C THR A 117 19.00 1.78 -33.99
N LEU A 118 18.63 0.49 -33.95
CA LEU A 118 18.37 -0.20 -32.69
C LEU A 118 19.11 -1.53 -32.67
N PRO A 119 19.41 -2.09 -31.48
CA PRO A 119 19.91 -3.45 -31.37
C PRO A 119 18.88 -4.48 -31.85
N MET A 120 19.37 -5.63 -32.31
CA MET A 120 18.51 -6.64 -32.92
C MET A 120 17.61 -7.27 -31.86
N ARG A 121 18.14 -7.43 -30.64
CA ARG A 121 17.37 -8.00 -29.54
C ARG A 121 16.22 -7.07 -29.18
N SER A 122 16.50 -5.76 -29.18
CA SER A 122 15.49 -4.76 -28.82
C SER A 122 14.43 -4.67 -29.90
N LEU A 123 14.84 -4.67 -31.18
CA LEU A 123 13.91 -4.59 -32.29
C LEU A 123 13.00 -5.81 -32.29
N ALA A 124 13.59 -6.98 -32.03
CA ALA A 124 12.84 -8.23 -32.00
C ALA A 124 11.77 -8.15 -30.92
N THR A 125 12.19 -7.82 -29.70
CA THR A 125 11.28 -7.75 -28.58
C THR A 125 10.13 -6.80 -28.89
N GLY A 126 10.47 -5.60 -29.38
CA GLY A 126 9.49 -4.59 -29.70
C GLY A 126 8.51 -5.08 -30.76
N GLY A 127 9.05 -5.63 -31.86
CA GLY A 127 8.25 -6.12 -32.97
C GLY A 127 7.25 -7.18 -32.51
N PHE A 128 7.76 -8.20 -31.81
CA PHE A 128 6.94 -9.29 -31.35
C PHE A 128 5.83 -8.78 -30.45
N SER A 129 6.20 -8.01 -29.41
CA SER A 129 5.25 -7.60 -28.40
C SER A 129 4.19 -6.65 -28.95
N ALA A 130 4.59 -5.79 -29.89
CA ALA A 130 3.68 -4.81 -30.47
C ALA A 130 2.66 -5.50 -31.37
N PHE A 131 3.12 -6.44 -32.19
CA PHE A 131 2.26 -7.17 -33.10
C PHE A 131 1.32 -8.09 -32.33
N ALA A 132 1.89 -8.79 -31.36
CA ALA A 132 1.13 -9.75 -30.58
C ALA A 132 -0.02 -9.06 -29.87
N ILE A 133 0.24 -7.90 -29.27
CA ILE A 133 -0.76 -7.24 -28.43
C ILE A 133 -1.67 -6.37 -29.28
N GLY A 134 -1.17 -5.88 -30.42
CA GLY A 134 -2.01 -5.16 -31.34
C GLY A 134 -3.09 -6.06 -31.95
N ASN A 135 -2.66 -7.25 -32.39
CA ASN A 135 -3.51 -8.16 -33.15
C ASN A 135 -4.69 -8.63 -32.30
N ALA A 136 -4.49 -8.66 -30.98
CA ALA A 136 -5.44 -9.30 -30.09
C ALA A 136 -6.40 -8.27 -29.51
N VAL A 137 -5.86 -7.22 -28.89
CA VAL A 137 -6.66 -6.32 -28.10
C VAL A 137 -6.57 -4.92 -28.70
N GLY A 138 -6.61 -4.87 -30.03
CA GLY A 138 -6.27 -3.67 -30.79
C GLY A 138 -7.17 -2.48 -30.44
N LEU A 139 -6.51 -1.39 -29.98
CA LEU A 139 -7.13 -0.08 -29.81
C LEU A 139 -8.00 -0.01 -28.56
N SER A 140 -8.18 -1.13 -27.84
CA SER A 140 -8.97 -1.14 -26.62
C SER A 140 -8.05 -0.92 -25.42
N LEU A 141 -7.08 -1.83 -25.26
CA LEU A 141 -6.07 -1.73 -24.22
C LEU A 141 -4.70 -1.94 -24.86
N LEU A 142 -3.80 -0.96 -24.64
CA LEU A 142 -2.39 -1.12 -24.93
C LEU A 142 -2.21 -1.53 -26.40
N SER A 143 -2.41 -0.56 -27.30
CA SER A 143 -2.24 -0.78 -28.73
C SER A 143 -0.77 -1.02 -29.06
N GLY A 144 -0.53 -1.48 -30.29
CA GLY A 144 0.81 -1.80 -30.75
C GLY A 144 1.73 -0.59 -30.74
N GLY A 145 1.16 0.59 -31.06
CA GLY A 145 1.90 1.84 -31.04
C GLY A 145 2.43 2.16 -29.65
N SER A 146 1.55 2.02 -28.64
CA SER A 146 1.90 2.28 -27.26
C SER A 146 3.06 1.39 -26.81
N VAL A 147 3.01 0.11 -27.22
CA VAL A 147 4.00 -0.86 -26.81
C VAL A 147 5.33 -0.55 -27.48
N ARG A 148 5.30 -0.14 -28.75
CA ARG A 148 6.51 0.29 -29.43
C ARG A 148 7.09 1.50 -28.69
N TYR A 149 6.24 2.49 -28.40
CA TYR A 149 6.69 3.77 -27.87
C TYR A 149 7.21 3.62 -26.44
N ARG A 150 6.66 2.67 -25.67
CA ARG A 150 7.18 2.38 -24.34
C ARG A 150 8.56 1.73 -24.44
N LEU A 151 8.67 0.68 -25.26
CA LEU A 151 9.86 -0.16 -25.31
C LEU A 151 11.03 0.60 -25.93
N TYR A 152 10.75 1.49 -26.89
CA TYR A 152 11.78 2.12 -27.68
C TYR A 152 12.18 3.50 -27.13
N SER A 153 11.45 4.00 -26.13
CA SER A 153 11.79 5.27 -25.52
C SER A 153 12.88 5.10 -24.46
N ARG A 154 13.18 3.86 -24.07
CA ARG A 154 14.30 3.59 -23.17
C ARG A 154 15.63 3.84 -23.89
N HIS A 155 15.67 3.52 -25.19
CA HIS A 155 16.88 3.71 -25.97
C HIS A 155 17.05 5.18 -26.34
N GLY A 156 15.98 5.97 -26.18
CA GLY A 156 16.04 7.40 -26.41
C GLY A 156 15.79 7.75 -27.87
N ILE A 157 14.77 7.09 -28.45
CA ILE A 157 14.34 7.38 -29.81
C ILE A 157 13.24 8.43 -29.73
N GLY A 158 13.21 9.30 -30.75
CA GLY A 158 12.25 10.39 -30.80
C GLY A 158 10.82 9.88 -31.00
N ALA A 159 9.86 10.61 -30.44
CA ALA A 159 8.46 10.24 -30.52
C ALA A 159 7.97 10.28 -31.96
N ALA A 160 8.53 11.20 -32.76
CA ALA A 160 8.17 11.33 -34.16
C ALA A 160 8.66 10.12 -34.96
N GLU A 161 9.83 9.61 -34.61
CA GLU A 161 10.40 8.45 -35.29
C GLU A 161 9.51 7.22 -35.05
N ILE A 162 9.24 6.94 -33.77
CA ILE A 162 8.41 5.81 -33.40
C ILE A 162 7.05 5.97 -34.08
N ALA A 163 6.44 7.14 -33.95
CA ALA A 163 5.14 7.38 -34.55
C ALA A 163 5.18 6.95 -36.02
N ARG A 164 6.23 7.37 -36.72
CA ARG A 164 6.38 7.08 -38.14
C ARG A 164 6.48 5.58 -38.34
N MET A 165 7.25 4.90 -37.48
CA MET A 165 7.43 3.46 -37.57
C MET A 165 6.08 2.76 -37.49
N THR A 166 5.28 3.11 -36.46
CA THR A 166 3.98 2.50 -36.27
C THR A 166 3.09 2.77 -37.47
N LEU A 167 3.02 4.03 -37.91
CA LEU A 167 2.16 4.41 -39.03
C LEU A 167 2.53 3.59 -40.27
N PHE A 168 3.83 3.39 -40.49
CA PHE A 168 4.29 2.62 -41.63
C PHE A 168 3.87 1.16 -41.50
N ALA A 169 4.04 0.59 -40.30
CA ALA A 169 3.73 -0.81 -40.06
C ALA A 169 2.25 -1.08 -40.27
N SER A 170 1.40 -0.13 -39.85
CA SER A 170 -0.04 -0.27 -39.99
C SER A 170 -0.45 -0.15 -41.45
N LEU A 171 -0.08 0.97 -42.08
CA LEU A 171 -0.53 1.28 -43.42
C LEU A 171 0.04 0.29 -44.44
N SER A 172 1.16 -0.35 -44.10
CA SER A 172 1.76 -1.36 -44.97
C SER A 172 0.75 -2.45 -45.29
N LEU A 173 0.19 -3.06 -44.24
CA LEU A 173 -0.83 -4.09 -44.40
C LEU A 173 -2.10 -3.47 -44.98
N GLY A 174 -2.47 -2.28 -44.48
CA GLY A 174 -3.70 -1.61 -44.87
C GLY A 174 -3.80 -1.33 -46.36
N CYS A 175 -2.65 -1.16 -47.02
CA CYS A 175 -2.60 -0.84 -48.44
C CYS A 175 -2.16 -2.03 -49.29
N ALA A 176 -1.50 -3.02 -48.67
CA ALA A 176 -1.01 -4.18 -49.40
C ALA A 176 -2.01 -5.34 -49.37
N LEU A 177 -3.14 -5.13 -48.67
CA LEU A 177 -4.14 -6.18 -48.53
C LEU A 177 -4.91 -6.32 -49.84
N PRO A 178 -5.46 -5.24 -50.44
CA PRO A 178 -6.22 -5.35 -51.68
C PRO A 178 -5.40 -5.84 -52.88
N VAL A 179 -4.11 -5.47 -52.92
CA VAL A 179 -3.24 -5.85 -54.01
C VAL A 179 -3.03 -7.36 -54.00
N LEU A 180 -2.75 -7.93 -52.82
CA LEU A 180 -2.57 -9.36 -52.69
C LEU A 180 -3.88 -10.11 -52.95
N ALA A 181 -5.00 -9.48 -52.57
CA ALA A 181 -6.32 -10.06 -52.81
C ALA A 181 -6.58 -10.19 -54.31
N ALA A 182 -6.21 -9.16 -55.06
CA ALA A 182 -6.38 -9.13 -56.50
C ALA A 182 -5.43 -10.12 -57.17
N LEU A 183 -4.19 -10.21 -56.66
CA LEU A 183 -3.19 -11.11 -57.22
C LEU A 183 -3.64 -12.55 -57.04
N ALA A 184 -4.19 -12.86 -55.86
CA ALA A 184 -4.71 -14.20 -55.57
C ALA A 184 -5.91 -14.51 -56.46
N ALA A 185 -6.75 -13.49 -56.70
CA ALA A 185 -7.94 -13.64 -57.51
C ALA A 185 -7.57 -13.98 -58.96
N LEU A 186 -6.46 -13.42 -59.45
CA LEU A 186 -6.03 -13.61 -60.83
C LEU A 186 -5.63 -15.06 -61.08
N CYS A 187 -5.25 -15.78 -60.02
CA CYS A 187 -4.95 -17.21 -60.12
C CYS A 187 -6.24 -18.01 -59.97
N ASP A 188 -6.61 -18.75 -61.03
CA ASP A 188 -7.76 -19.63 -61.03
C ASP A 188 -9.02 -18.82 -60.72
N LEU A 189 -9.48 -18.07 -61.74
CA LEU A 189 -10.64 -17.20 -61.60
C LEU A 189 -11.89 -18.01 -61.27
N ASP A 190 -12.00 -19.21 -61.83
CA ASP A 190 -13.19 -20.04 -61.69
C ASP A 190 -13.40 -20.41 -60.21
N ASP A 191 -12.31 -20.70 -59.50
CA ASP A 191 -12.39 -21.12 -58.11
C ASP A 191 -12.74 -19.92 -57.24
N ALA A 192 -12.17 -18.75 -57.57
CA ALA A 192 -12.44 -17.52 -56.85
C ALA A 192 -13.91 -17.12 -57.03
N ALA A 193 -14.41 -17.25 -58.27
CA ALA A 193 -15.78 -16.90 -58.59
C ALA A 193 -16.76 -17.80 -57.85
N SER A 194 -16.42 -19.09 -57.74
CA SER A 194 -17.24 -20.06 -57.03
C SER A 194 -17.30 -19.71 -55.55
N ALA A 195 -16.15 -19.30 -54.99
CA ALA A 195 -16.03 -18.98 -53.57
C ALA A 195 -16.87 -17.74 -53.23
N LEU A 196 -16.73 -16.69 -54.05
CA LEU A 196 -17.40 -15.42 -53.79
C LEU A 196 -18.87 -15.48 -54.24
N HIS A 197 -19.20 -16.48 -55.06
CA HIS A 197 -20.55 -16.62 -55.61
C HIS A 197 -20.86 -15.41 -56.50
N LEU A 198 -19.89 -15.03 -57.33
CA LEU A 198 -20.03 -13.91 -58.24
C LEU A 198 -19.63 -14.36 -59.66
N PRO A 199 -20.05 -13.65 -60.72
CA PRO A 199 -19.61 -13.96 -62.09
C PRO A 199 -18.09 -13.83 -62.25
N ARG A 200 -17.52 -14.67 -63.12
CA ARG A 200 -16.08 -14.68 -63.36
C ARG A 200 -15.63 -13.35 -63.95
N ALA A 201 -16.46 -12.79 -64.84
CA ALA A 201 -16.15 -11.54 -65.52
C ALA A 201 -16.02 -10.41 -64.50
N LEU A 202 -16.96 -10.35 -63.54
CA LEU A 202 -17.02 -9.24 -62.59
C LEU A 202 -15.79 -9.24 -61.69
N VAL A 203 -15.41 -10.41 -61.17
CA VAL A 203 -14.27 -10.53 -60.26
C VAL A 203 -12.97 -10.30 -61.05
N ALA A 204 -12.97 -10.70 -62.32
CA ALA A 204 -11.79 -10.51 -63.17
C ALA A 204 -11.54 -9.02 -63.39
N VAL A 205 -12.58 -8.28 -63.76
CA VAL A 205 -12.45 -6.86 -64.09
C VAL A 205 -12.17 -6.06 -62.82
N ILE A 206 -12.68 -6.52 -61.68
CA ILE A 206 -12.41 -5.88 -60.39
C ILE A 206 -10.92 -6.02 -60.08
N ALA A 207 -10.38 -7.21 -60.28
CA ALA A 207 -8.96 -7.47 -60.05
C ALA A 207 -8.11 -6.62 -60.98
N ILE A 208 -8.52 -6.52 -62.25
CA ILE A 208 -7.81 -5.73 -63.24
C ILE A 208 -7.88 -4.25 -62.87
N ALA A 209 -9.04 -3.81 -62.37
CA ALA A 209 -9.24 -2.41 -61.99
C ALA A 209 -8.37 -2.07 -60.78
N VAL A 210 -8.22 -3.02 -59.86
CA VAL A 210 -7.46 -2.80 -58.64
C VAL A 210 -5.97 -2.69 -58.98
N LEU A 211 -5.45 -3.61 -59.79
CA LEU A 211 -4.03 -3.62 -60.13
C LEU A 211 -3.69 -2.41 -61.00
N SER A 212 -4.65 -1.96 -61.82
CA SER A 212 -4.46 -0.79 -62.66
C SER A 212 -4.37 0.48 -61.82
N LEU A 213 -5.23 0.57 -60.79
CA LEU A 213 -5.21 1.69 -59.86
C LEU A 213 -3.93 1.67 -59.03
N ALA A 214 -3.44 0.47 -58.69
CA ALA A 214 -2.22 0.33 -57.89
C ALA A 214 -1.02 0.87 -58.66
N VAL A 215 -0.84 0.40 -59.90
CA VAL A 215 0.28 0.79 -60.73
C VAL A 215 0.15 2.27 -61.11
N GLY A 216 -1.09 2.74 -61.28
CA GLY A 216 -1.37 4.13 -61.61
C GLY A 216 -0.95 5.10 -60.51
N LEU A 217 -1.24 4.72 -59.26
CA LEU A 217 -0.84 5.49 -58.09
C LEU A 217 0.68 5.45 -57.91
N VAL A 218 1.29 4.30 -58.19
CA VAL A 218 2.74 4.13 -58.08
C VAL A 218 3.43 5.04 -59.10
N ALA A 219 2.89 5.10 -60.31
CA ALA A 219 3.44 5.95 -61.35
C ALA A 219 3.25 7.43 -60.99
N PHE A 220 2.09 7.75 -60.39
CA PHE A 220 1.74 9.12 -60.06
C PHE A 220 2.64 9.67 -58.96
N LEU A 221 2.98 8.84 -57.97
CA LEU A 221 3.86 9.27 -56.88
C LEU A 221 5.31 9.27 -57.36
N ALA A 222 5.62 8.46 -58.38
CA ALA A 222 6.95 8.41 -58.97
C ALA A 222 7.22 9.66 -59.81
N ARG A 223 6.15 10.24 -60.37
CA ARG A 223 6.25 11.46 -61.17
C ARG A 223 6.76 12.61 -60.29
N HIS A 224 6.14 12.78 -59.11
CA HIS A 224 6.47 13.87 -58.21
C HIS A 224 7.55 13.42 -57.21
N ARG A 225 8.69 12.95 -57.74
CA ARG A 225 9.78 12.47 -56.92
C ARG A 225 10.88 13.54 -56.90
N LEU A 226 11.06 14.17 -55.73
CA LEU A 226 12.10 15.16 -55.54
C LEU A 226 13.44 14.44 -55.41
N PRO A 227 14.45 14.76 -56.25
CA PRO A 227 15.78 14.15 -56.15
C PRO A 227 16.66 14.82 -55.11
N GLY A 228 17.81 14.21 -54.83
CA GLY A 228 18.82 14.76 -53.94
C GLY A 228 18.56 14.40 -52.47
N GLU A 229 17.63 15.13 -51.85
CA GLU A 229 17.37 15.00 -50.42
C GLU A 229 16.69 13.67 -50.12
N ARG A 230 17.17 12.98 -49.08
CA ARG A 230 16.67 11.68 -48.66
C ARG A 230 16.80 11.57 -47.15
N PRO A 231 15.69 11.70 -46.38
CA PRO A 231 15.76 11.66 -44.92
C PRO A 231 16.49 10.44 -44.35
N SER A 232 16.28 9.29 -45.01
CA SER A 232 17.01 8.08 -44.68
C SER A 232 17.49 7.43 -45.99
N PRO A 233 18.46 6.48 -45.92
CA PRO A 233 18.88 5.74 -47.11
C PRO A 233 17.74 5.13 -47.93
N ASP A 234 16.70 4.64 -47.23
CA ASP A 234 15.53 4.05 -47.88
C ASP A 234 14.31 4.93 -47.60
N SER A 235 14.20 6.04 -48.35
CA SER A 235 13.08 6.95 -48.22
C SER A 235 13.09 7.96 -49.36
N LEU A 236 11.91 8.18 -49.97
CA LEU A 236 11.72 9.22 -50.96
C LEU A 236 10.77 10.27 -50.38
N LEU A 237 10.98 11.54 -50.78
CA LEU A 237 10.05 12.60 -50.46
C LEU A 237 9.32 13.00 -51.74
N VAL A 238 7.99 13.15 -51.63
CA VAL A 238 7.16 13.53 -52.76
C VAL A 238 6.51 14.88 -52.47
N ARG A 239 6.42 15.71 -53.51
CA ARG A 239 5.88 17.06 -53.38
C ARG A 239 4.60 17.16 -54.21
N LEU A 240 3.47 17.41 -53.55
CA LEU A 240 2.19 17.55 -54.23
C LEU A 240 1.85 19.02 -54.43
N GLY A 241 2.27 19.87 -53.48
CA GLY A 241 2.03 21.32 -53.56
C GLY A 241 1.77 21.94 -52.20
N ARG A 242 1.08 21.19 -51.32
CA ARG A 242 0.69 21.67 -50.01
C ARG A 242 1.71 21.23 -48.96
N ARG A 243 1.91 19.90 -48.86
CA ARG A 243 2.84 19.33 -47.91
C ARG A 243 3.73 18.31 -48.60
N SER A 244 4.95 18.12 -48.05
CA SER A 244 5.87 17.10 -48.51
C SER A 244 5.62 15.80 -47.74
N LEU A 245 5.35 14.71 -48.48
CA LEU A 245 5.02 13.43 -47.88
C LEU A 245 6.18 12.46 -48.05
N ARG A 246 6.28 11.51 -47.13
CA ARG A 246 7.39 10.56 -47.11
C ARG A 246 6.89 9.17 -47.49
N LEU A 247 7.41 8.65 -48.60
CA LEU A 247 7.05 7.33 -49.11
C LEU A 247 8.28 6.43 -49.07
N PRO A 248 8.11 5.08 -48.95
CA PRO A 248 9.22 4.15 -49.05
C PRO A 248 9.88 4.16 -50.43
N GLY A 249 11.14 3.69 -50.48
CA GLY A 249 11.84 3.49 -51.73
C GLY A 249 11.38 2.21 -52.43
N LEU A 250 11.86 2.02 -53.66
CA LEU A 250 11.44 0.88 -54.48
C LEU A 250 11.89 -0.42 -53.81
N ARG A 251 13.15 -0.47 -53.37
CA ARG A 251 13.71 -1.68 -52.78
C ARG A 251 12.96 -2.03 -51.51
N LEU A 252 12.72 -1.04 -50.66
CA LEU A 252 12.01 -1.24 -49.40
C LEU A 252 10.57 -1.65 -49.66
N SER A 253 9.92 -1.00 -50.64
CA SER A 253 8.54 -1.29 -50.98
C SER A 253 8.39 -2.75 -51.42
N LEU A 254 9.33 -3.24 -52.23
CA LEU A 254 9.29 -4.59 -52.74
C LEU A 254 9.56 -5.59 -51.61
N LEU A 255 10.48 -5.24 -50.70
CA LEU A 255 10.87 -6.14 -49.64
C LEU A 255 9.72 -6.27 -48.64
N GLN A 256 9.04 -5.16 -48.32
CA GLN A 256 7.93 -5.20 -47.38
C GLN A 256 6.75 -5.97 -47.98
N LEU A 257 6.59 -5.89 -49.32
CA LEU A 257 5.47 -6.53 -49.99
C LEU A 257 5.69 -8.04 -50.01
N LEU A 258 6.95 -8.46 -50.10
CA LEU A 258 7.30 -9.87 -49.95
C LEU A 258 7.03 -10.30 -48.51
N ILE A 259 7.41 -9.45 -47.56
CA ILE A 259 7.21 -9.73 -46.14
C ILE A 259 5.73 -9.87 -45.84
N THR A 260 4.91 -8.96 -46.38
CA THR A 260 3.47 -8.99 -46.17
C THR A 260 2.89 -10.27 -46.78
N ALA A 261 3.41 -10.67 -47.95
CA ALA A 261 2.93 -11.86 -48.64
C ALA A 261 3.22 -13.10 -47.80
N LEU A 262 4.46 -13.21 -47.29
CA LEU A 262 4.84 -14.34 -46.47
C LEU A 262 4.04 -14.36 -45.17
N ASP A 263 3.76 -13.17 -44.62
CA ASP A 263 3.04 -13.05 -43.36
C ASP A 263 1.63 -13.61 -43.51
N VAL A 264 0.90 -13.11 -44.52
CA VAL A 264 -0.49 -13.46 -44.71
C VAL A 264 -0.60 -14.92 -45.16
N ALA A 265 0.41 -15.40 -45.87
CA ALA A 265 0.47 -16.79 -46.31
C ALA A 265 0.53 -17.72 -45.09
N ALA A 266 1.48 -17.44 -44.19
CA ALA A 266 1.65 -18.23 -42.99
C ALA A 266 0.39 -18.17 -42.13
N ALA A 267 -0.21 -16.98 -42.04
CA ALA A 267 -1.42 -16.80 -41.27
C ALA A 267 -2.55 -17.66 -41.81
N ALA A 268 -2.72 -17.64 -43.14
CA ALA A 268 -3.75 -18.40 -43.81
C ALA A 268 -3.46 -19.90 -43.70
N THR A 269 -2.17 -20.27 -43.77
CA THR A 269 -1.77 -21.67 -43.70
C THR A 269 -2.15 -22.25 -42.34
N VAL A 270 -2.01 -21.46 -41.28
CA VAL A 270 -2.41 -21.91 -39.95
C VAL A 270 -3.84 -22.42 -40.04
N LEU A 271 -4.74 -21.62 -40.64
CA LEU A 271 -6.15 -21.97 -40.69
C LEU A 271 -6.38 -23.09 -41.71
N TYR A 272 -5.49 -23.19 -42.71
CA TYR A 272 -5.61 -24.19 -43.76
C TYR A 272 -5.40 -25.59 -43.19
N LEU A 273 -4.37 -25.74 -42.33
CA LEU A 273 -4.01 -27.05 -41.79
C LEU A 273 -5.11 -27.61 -40.90
N LEU A 274 -5.89 -26.72 -40.26
CA LEU A 274 -6.90 -27.13 -39.29
C LEU A 274 -8.10 -27.77 -40.00
N LEU A 275 -8.32 -27.40 -41.27
CA LEU A 275 -9.44 -27.94 -42.03
C LEU A 275 -9.11 -29.36 -42.51
N PRO A 276 -10.02 -30.34 -42.31
CA PRO A 276 -9.82 -31.70 -42.83
C PRO A 276 -9.86 -31.73 -44.35
N GLU A 277 -10.97 -31.23 -44.93
CA GLU A 277 -11.09 -31.05 -46.37
C GLU A 277 -10.57 -29.66 -46.71
N THR A 278 -9.79 -29.57 -47.78
CA THR A 278 -9.09 -28.34 -48.14
C THR A 278 -9.61 -27.84 -49.49
N PRO A 279 -10.19 -26.62 -49.55
CA PRO A 279 -10.54 -26.02 -50.84
C PRO A 279 -9.29 -25.54 -51.57
N PRO A 280 -9.40 -25.11 -52.85
CA PRO A 280 -8.25 -24.54 -53.57
C PRO A 280 -7.61 -23.38 -52.82
N PHE A 281 -6.26 -23.32 -52.83
CA PHE A 281 -5.53 -22.41 -51.98
C PHE A 281 -5.82 -20.96 -52.36
N ALA A 282 -5.95 -20.71 -53.67
CA ALA A 282 -6.16 -19.38 -54.20
C ALA A 282 -7.43 -18.76 -53.62
N ALA A 283 -8.55 -19.48 -53.76
CA ALA A 283 -9.84 -19.00 -53.32
C ALA A 283 -9.83 -18.81 -51.81
N PHE A 284 -9.31 -19.80 -51.09
CA PHE A 284 -9.26 -19.77 -49.63
C PHE A 284 -8.51 -18.53 -49.17
N LEU A 285 -7.33 -18.28 -49.77
CA LEU A 285 -6.52 -17.13 -49.44
C LEU A 285 -7.28 -15.85 -49.74
N LEU A 286 -7.95 -15.82 -50.89
CA LEU A 286 -8.73 -14.65 -51.28
C LEU A 286 -9.72 -14.31 -50.17
N VAL A 287 -10.43 -15.31 -49.66
CA VAL A 287 -11.50 -15.06 -48.70
C VAL A 287 -10.87 -14.66 -47.36
N TYR A 288 -9.76 -15.31 -47.01
CA TYR A 288 -9.05 -14.98 -45.79
C TYR A 288 -8.68 -13.49 -45.80
N LEU A 289 -8.08 -13.04 -46.91
CA LEU A 289 -7.72 -11.63 -47.09
C LEU A 289 -8.94 -10.74 -46.92
N LEU A 290 -10.04 -11.08 -47.58
CA LEU A 290 -11.25 -10.28 -47.49
C LEU A 290 -11.74 -10.25 -46.04
N ALA A 291 -11.74 -11.42 -45.39
CA ALA A 291 -12.27 -11.52 -44.04
C ALA A 291 -11.42 -10.69 -43.08
N LEU A 292 -10.10 -10.78 -43.24
CA LEU A 292 -9.17 -10.04 -42.40
C LEU A 292 -9.44 -8.56 -42.53
N ALA A 293 -9.54 -8.11 -43.79
CA ALA A 293 -9.87 -6.73 -44.08
C ALA A 293 -11.15 -6.33 -43.34
N ALA A 294 -12.21 -7.12 -43.54
CA ALA A 294 -13.52 -6.83 -42.99
C ALA A 294 -13.46 -6.70 -41.48
N GLY A 295 -12.67 -7.58 -40.85
CA GLY A 295 -12.51 -7.55 -39.41
C GLY A 295 -11.78 -6.30 -38.92
N VAL A 296 -10.75 -5.89 -39.66
CA VAL A 296 -9.94 -4.74 -39.29
C VAL A 296 -10.79 -3.47 -39.40
N LEU A 297 -11.53 -3.35 -40.51
CA LEU A 297 -12.34 -2.16 -40.76
C LEU A 297 -13.43 -2.06 -39.70
N SER A 298 -13.91 -3.20 -39.20
CA SER A 298 -15.00 -3.23 -38.25
C SER A 298 -14.61 -2.56 -36.92
N HIS A 299 -13.29 -2.45 -36.68
CA HIS A 299 -12.77 -1.85 -35.45
C HIS A 299 -13.22 -2.65 -34.24
N VAL A 300 -13.43 -3.96 -34.41
CA VAL A 300 -13.65 -4.87 -33.31
C VAL A 300 -12.29 -5.29 -32.76
N PRO A 301 -12.05 -5.18 -31.43
CA PRO A 301 -10.71 -5.34 -30.86
C PRO A 301 -9.89 -6.47 -31.48
N GLY A 302 -10.44 -7.69 -31.49
CA GLY A 302 -9.70 -8.84 -31.96
C GLY A 302 -9.99 -9.17 -33.43
N GLY A 303 -11.02 -8.52 -33.99
CA GLY A 303 -11.57 -8.92 -35.27
C GLY A 303 -12.54 -10.09 -35.11
N VAL A 304 -12.91 -10.39 -33.86
CA VAL A 304 -13.79 -11.50 -33.53
C VAL A 304 -15.22 -11.14 -33.88
N GLY A 305 -16.01 -12.16 -34.24
CA GLY A 305 -17.38 -11.95 -34.67
C GLY A 305 -17.47 -11.78 -36.18
N VAL A 306 -16.76 -10.77 -36.70
CA VAL A 306 -16.87 -10.42 -38.11
C VAL A 306 -16.03 -11.36 -38.95
N PHE A 307 -14.77 -11.57 -38.55
CA PHE A 307 -13.89 -12.45 -39.30
C PHE A 307 -14.49 -13.84 -39.44
N GLU A 308 -15.10 -14.34 -38.35
CA GLU A 308 -15.70 -15.67 -38.34
C GLU A 308 -16.96 -15.68 -39.19
N ALA A 309 -17.72 -14.58 -39.16
CA ALA A 309 -18.94 -14.50 -39.94
C ALA A 309 -18.61 -14.65 -41.43
N VAL A 310 -17.58 -13.95 -41.87
CA VAL A 310 -17.23 -13.92 -43.28
C VAL A 310 -16.76 -15.29 -43.74
N LEU A 311 -15.83 -15.91 -42.99
CA LEU A 311 -15.35 -17.24 -43.33
C LEU A 311 -16.50 -18.23 -43.38
N LEU A 312 -17.42 -18.17 -42.40
CA LEU A 312 -18.52 -19.11 -42.33
C LEU A 312 -19.44 -18.93 -43.53
N ALA A 313 -19.73 -17.65 -43.87
CA ALA A 313 -20.59 -17.34 -44.99
C ALA A 313 -19.99 -17.84 -46.31
N ALA A 314 -18.66 -17.78 -46.42
CA ALA A 314 -17.97 -18.21 -47.63
C ALA A 314 -18.07 -19.71 -47.82
N PHE A 315 -17.86 -20.48 -46.73
CA PHE A 315 -17.80 -21.93 -46.81
C PHE A 315 -18.78 -22.55 -45.83
N ALA A 316 -20.04 -22.09 -45.87
CA ALA A 316 -21.09 -22.65 -45.05
C ALA A 316 -21.42 -24.07 -45.54
N GLY A 317 -21.68 -24.18 -46.85
CA GLY A 317 -22.14 -25.43 -47.45
C GLY A 317 -21.00 -26.31 -47.96
N GLN A 318 -19.94 -25.67 -48.48
CA GLN A 318 -18.88 -26.40 -49.16
C GLN A 318 -18.09 -27.26 -48.18
N LEU A 319 -17.76 -26.70 -47.01
CA LEU A 319 -16.95 -27.39 -46.03
C LEU A 319 -17.77 -27.83 -44.82
N GLY A 320 -19.06 -27.44 -44.78
CA GLY A 320 -19.88 -27.68 -43.61
C GLY A 320 -19.62 -26.64 -42.52
N ALA A 321 -20.46 -26.66 -41.48
CA ALA A 321 -20.41 -25.64 -40.45
C ALA A 321 -19.48 -26.09 -39.32
N ALA A 322 -19.72 -27.31 -38.82
CA ALA A 322 -19.05 -27.78 -37.61
C ALA A 322 -17.54 -27.81 -37.81
N PRO A 323 -17.00 -28.46 -38.86
CA PRO A 323 -15.54 -28.54 -39.04
C PRO A 323 -14.88 -27.17 -39.20
N LEU A 324 -15.61 -26.25 -39.86
CA LEU A 324 -15.10 -24.92 -40.10
C LEU A 324 -15.08 -24.16 -38.78
N ALA A 325 -16.17 -24.24 -38.02
CA ALA A 325 -16.27 -23.54 -36.75
C ALA A 325 -15.15 -24.01 -35.82
N ALA A 326 -14.85 -25.31 -35.86
CA ALA A 326 -13.79 -25.87 -35.03
C ALA A 326 -12.43 -25.34 -35.47
N ALA A 327 -12.24 -25.22 -36.79
CA ALA A 327 -10.99 -24.69 -37.32
C ALA A 327 -10.83 -23.23 -36.91
N LEU A 328 -11.92 -22.47 -36.95
CA LEU A 328 -11.89 -21.05 -36.62
C LEU A 328 -11.55 -20.85 -35.15
N LEU A 329 -12.16 -21.65 -34.26
CA LEU A 329 -11.86 -21.57 -32.84
C LEU A 329 -10.39 -21.89 -32.58
N LEU A 330 -9.89 -22.99 -33.16
CA LEU A 330 -8.50 -23.36 -32.96
C LEU A 330 -7.58 -22.32 -33.56
N TYR A 331 -8.01 -21.66 -34.64
CA TYR A 331 -7.19 -20.63 -35.27
C TYR A 331 -7.06 -19.45 -34.31
N ARG A 332 -8.19 -18.99 -33.80
CA ARG A 332 -8.24 -17.85 -32.89
C ARG A 332 -7.45 -18.16 -31.61
N LEU A 333 -7.54 -19.38 -31.09
CA LEU A 333 -6.85 -19.73 -29.86
C LEU A 333 -5.35 -19.80 -30.11
N ILE A 334 -4.94 -20.24 -31.30
CA ILE A 334 -3.55 -20.53 -31.55
C ILE A 334 -2.85 -19.30 -32.08
N TYR A 335 -3.52 -18.53 -32.95
CA TYR A 335 -2.85 -17.47 -33.69
C TYR A 335 -2.98 -16.11 -33.00
N VAL A 336 -4.03 -15.92 -32.21
CA VAL A 336 -4.24 -14.64 -31.57
C VAL A 336 -3.97 -14.76 -30.07
N VAL A 337 -4.68 -15.67 -29.39
CA VAL A 337 -4.69 -15.70 -27.94
C VAL A 337 -3.31 -16.14 -27.42
N LEU A 338 -2.70 -17.14 -28.06
CA LEU A 338 -1.48 -17.71 -27.53
C LEU A 338 -0.39 -16.64 -27.55
N PRO A 339 -0.08 -16.04 -28.72
CA PRO A 339 0.97 -15.03 -28.80
C PRO A 339 0.78 -13.88 -27.81
N LEU A 340 -0.46 -13.43 -27.65
CA LEU A 340 -0.79 -12.37 -26.71
C LEU A 340 -0.35 -12.76 -25.30
N LEU A 341 -0.63 -13.99 -24.88
CA LEU A 341 -0.29 -14.45 -23.54
C LEU A 341 1.22 -14.60 -23.42
N LEU A 342 1.90 -15.00 -24.50
CA LEU A 342 3.35 -15.06 -24.49
C LEU A 342 3.91 -13.65 -24.27
N ALA A 343 3.40 -12.69 -25.03
CA ALA A 343 3.87 -11.31 -24.93
C ALA A 343 3.60 -10.78 -23.53
N CYS A 344 2.41 -11.05 -22.99
CA CYS A 344 2.07 -10.60 -21.64
C CYS A 344 3.12 -11.08 -20.64
N LEU A 345 3.48 -12.36 -20.73
CA LEU A 345 4.43 -12.96 -19.80
C LEU A 345 5.82 -12.41 -20.05
N LEU A 346 6.22 -12.29 -21.31
CA LEU A 346 7.53 -11.76 -21.64
C LEU A 346 7.76 -10.42 -20.94
N LEU A 347 6.86 -9.47 -21.22
CA LEU A 347 6.99 -8.09 -20.76
C LEU A 347 6.85 -8.03 -19.24
N LEU A 348 6.05 -8.91 -18.64
CA LEU A 348 6.01 -9.00 -17.19
C LEU A 348 7.39 -9.46 -16.68
N PHE A 349 8.00 -10.42 -17.38
CA PHE A 349 9.30 -10.94 -16.99
C PHE A 349 10.34 -9.83 -17.03
N LEU A 350 10.38 -9.10 -18.15
CA LEU A 350 11.33 -8.01 -18.30
C LEU A 350 11.15 -6.98 -17.19
N GLU A 351 9.90 -6.67 -16.85
CA GLU A 351 9.63 -5.70 -15.80
C GLU A 351 10.16 -6.20 -14.47
N ALA A 352 9.90 -7.48 -14.15
CA ALA A 352 10.32 -8.06 -12.88
C ALA A 352 11.84 -8.12 -12.82
N ARG A 353 12.49 -8.48 -13.93
CA ARG A 353 13.94 -8.61 -13.98
C ARG A 353 14.59 -7.24 -13.81
N ARG A 354 14.01 -6.23 -14.45
CA ARG A 354 14.48 -4.85 -14.33
C ARG A 354 14.34 -4.38 -12.89
N LEU A 355 13.23 -4.71 -12.23
CA LEU A 355 13.00 -4.29 -10.85
C LEU A 355 14.04 -4.94 -9.93
N TRP A 356 14.33 -6.23 -10.15
CA TRP A 356 15.25 -6.97 -9.30
C TRP A 356 16.68 -6.47 -9.47
N VAL A 357 17.12 -6.27 -10.72
CA VAL A 357 18.48 -5.86 -11.00
C VAL A 357 18.68 -4.42 -10.51
N THR A 358 17.97 -3.48 -11.13
CA THR A 358 18.09 -2.06 -10.80
C THR A 358 17.05 -1.71 -9.74
N ARG A 359 17.47 -1.71 -8.47
CA ARG A 359 16.57 -1.50 -7.36
C ARG A 359 16.53 -0.04 -6.94
N GLN A 360 17.68 0.63 -6.98
CA GLN A 360 17.85 1.96 -6.40
C GLN A 360 17.30 3.03 -7.34
N ALA A 361 17.72 2.98 -8.61
CA ALA A 361 17.37 4.00 -9.59
C ALA A 361 15.86 4.03 -9.81
N ILE A 362 15.24 2.85 -9.91
CA ILE A 362 13.80 2.74 -10.07
C ILE A 362 13.16 3.02 -8.72
N ARG A 363 12.30 4.05 -8.68
CA ARG A 363 11.73 4.50 -7.42
C ARG A 363 10.20 4.34 -7.46
N VAL A 364 9.56 4.98 -8.44
CA VAL A 364 8.11 5.13 -8.40
C VAL A 364 7.43 4.02 -9.20
N ALA A 365 8.18 3.39 -10.12
CA ALA A 365 7.65 2.25 -10.88
C ALA A 365 6.45 2.72 -11.70
N SER A 366 6.76 3.27 -12.88
CA SER A 366 5.75 3.60 -13.87
C SER A 366 6.06 2.83 -15.16
N GLY A 367 6.27 1.52 -15.00
CA GLY A 367 6.71 0.66 -16.09
C GLY A 367 5.54 -0.02 -16.80
N PHE A 368 5.71 -1.32 -17.07
CA PHE A 368 4.92 -2.04 -18.06
C PHE A 368 4.15 -3.19 -17.41
N ALA A 369 3.63 -2.96 -16.20
CA ALA A 369 2.95 -4.01 -15.47
C ALA A 369 1.46 -3.70 -15.41
N ALA A 370 1.09 -2.45 -15.11
CA ALA A 370 -0.29 -2.06 -14.91
C ALA A 370 -1.13 -2.34 -16.16
N PRO A 371 -0.65 -2.04 -17.38
CA PRO A 371 -1.43 -2.32 -18.59
C PRO A 371 -1.59 -3.82 -18.86
N ILE A 372 -0.51 -4.59 -18.72
CA ILE A 372 -0.58 -6.03 -18.91
C ILE A 372 -1.54 -6.63 -17.89
N LEU A 373 -1.40 -6.28 -16.61
CA LEU A 373 -2.25 -6.86 -15.59
C LEU A 373 -3.70 -6.50 -15.85
N ALA A 374 -3.95 -5.31 -16.41
CA ALA A 374 -5.33 -4.93 -16.71
C ALA A 374 -5.86 -5.86 -17.78
N ILE A 375 -5.01 -6.22 -18.75
CA ILE A 375 -5.42 -7.09 -19.85
C ILE A 375 -5.74 -8.46 -19.29
N LEU A 376 -4.81 -9.04 -18.52
CA LEU A 376 -4.99 -10.37 -17.97
C LEU A 376 -6.22 -10.46 -17.08
N VAL A 377 -6.45 -9.42 -16.27
CA VAL A 377 -7.62 -9.36 -15.43
C VAL A 377 -8.87 -9.34 -16.30
N PHE A 378 -8.84 -8.60 -17.41
CA PHE A 378 -10.01 -8.52 -18.26
C PHE A 378 -10.27 -9.89 -18.86
N LEU A 379 -9.22 -10.55 -19.33
CA LEU A 379 -9.37 -11.88 -19.89
C LEU A 379 -9.97 -12.81 -18.85
N SER A 380 -9.47 -12.72 -17.60
CA SER A 380 -10.00 -13.53 -16.52
C SER A 380 -11.50 -13.37 -16.41
N GLY A 381 -11.95 -12.12 -16.36
CA GLY A 381 -13.38 -11.84 -16.27
C GLY A 381 -14.15 -12.42 -17.45
N VAL A 382 -13.52 -12.45 -18.63
CA VAL A 382 -14.12 -13.06 -19.80
C VAL A 382 -14.29 -14.55 -19.53
N VAL A 383 -13.22 -15.17 -19.03
CA VAL A 383 -13.21 -16.60 -18.80
C VAL A 383 -14.27 -17.00 -17.78
N LEU A 384 -14.47 -16.16 -16.77
CA LEU A 384 -15.50 -16.42 -15.78
C LEU A 384 -16.88 -16.37 -16.42
N LEU A 385 -17.14 -15.37 -17.25
CA LEU A 385 -18.46 -15.13 -17.79
C LEU A 385 -18.82 -16.22 -18.79
N PHE A 386 -17.85 -16.65 -19.59
CA PHE A 386 -18.07 -17.68 -20.59
C PHE A 386 -18.36 -19.00 -19.90
N SER A 387 -17.56 -19.33 -18.87
CA SER A 387 -17.78 -20.57 -18.16
C SER A 387 -19.19 -20.59 -17.60
N GLY A 388 -19.61 -19.46 -17.04
CA GLY A 388 -20.93 -19.35 -16.44
C GLY A 388 -22.04 -19.61 -17.44
N ALA A 389 -21.79 -19.31 -18.71
CA ALA A 389 -22.80 -19.48 -19.74
C ALA A 389 -22.89 -20.93 -20.18
N THR A 390 -21.73 -21.59 -20.30
CA THR A 390 -21.67 -22.97 -20.75
C THR A 390 -22.10 -23.90 -19.62
N PRO A 391 -22.85 -25.00 -19.92
CA PRO A 391 -23.21 -26.01 -18.91
C PRO A 391 -22.05 -26.91 -18.49
N ALA A 392 -22.12 -27.39 -17.25
CA ALA A 392 -21.02 -28.13 -16.62
C ALA A 392 -21.04 -29.58 -17.09
N ILE A 393 -19.94 -30.29 -16.84
CA ILE A 393 -19.85 -31.70 -17.18
C ILE A 393 -20.71 -32.49 -16.18
N ASP A 394 -21.39 -33.52 -16.68
CA ASP A 394 -22.31 -34.31 -15.86
C ASP A 394 -21.55 -35.05 -14.77
N THR A 395 -20.39 -35.61 -15.12
CA THR A 395 -19.59 -36.39 -14.18
C THR A 395 -19.13 -35.52 -13.02
N ARG A 396 -18.64 -34.32 -13.34
CA ARG A 396 -18.16 -33.42 -12.31
C ARG A 396 -19.34 -32.96 -11.45
N LEU A 397 -20.51 -32.75 -12.06
CA LEU A 397 -21.65 -32.28 -11.30
C LEU A 397 -22.15 -33.37 -10.35
N GLU A 398 -22.10 -34.64 -10.78
CA GLU A 398 -22.65 -35.72 -9.97
C GLU A 398 -21.72 -35.98 -8.78
N HIS A 399 -20.40 -35.88 -8.98
CA HIS A 399 -19.45 -35.98 -7.89
C HIS A 399 -19.69 -34.86 -6.88
N LEU A 400 -19.79 -33.62 -7.39
CA LEU A 400 -19.88 -32.44 -6.55
C LEU A 400 -21.19 -32.43 -5.78
N GLY A 401 -22.25 -33.03 -6.35
CA GLY A 401 -23.59 -32.97 -5.78
C GLY A 401 -23.66 -33.52 -4.34
N PHE A 402 -22.77 -34.48 -4.04
CA PHE A 402 -22.72 -35.10 -2.72
C PHE A 402 -22.00 -34.17 -1.74
N LEU A 403 -20.87 -33.59 -2.17
CA LEU A 403 -20.01 -32.81 -1.29
C LEU A 403 -20.70 -31.51 -0.88
N ILE A 404 -21.31 -30.84 -1.86
CA ILE A 404 -21.82 -29.50 -1.67
C ILE A 404 -23.35 -29.57 -1.65
N PRO A 405 -24.02 -28.78 -0.79
CA PRO A 405 -25.47 -28.58 -0.91
C PRO A 405 -25.90 -28.01 -2.26
N HIS A 406 -27.09 -28.41 -2.72
CA HIS A 406 -27.50 -28.23 -4.10
C HIS A 406 -27.77 -26.76 -4.41
N ARG A 407 -28.28 -26.01 -3.43
CA ARG A 407 -28.57 -24.60 -3.61
C ARG A 407 -27.28 -23.78 -3.65
N LEU A 408 -26.25 -24.24 -2.93
CA LEU A 408 -24.99 -23.52 -2.86
C LEU A 408 -24.38 -23.42 -4.25
N ILE A 409 -24.50 -24.49 -5.04
CA ILE A 409 -23.99 -24.51 -6.40
C ILE A 409 -24.60 -23.35 -7.17
N ASP A 410 -25.91 -23.16 -7.06
CA ASP A 410 -26.61 -22.14 -7.82
C ASP A 410 -26.19 -20.75 -7.34
N ALA A 411 -26.02 -20.59 -6.02
CA ALA A 411 -25.55 -19.34 -5.45
C ALA A 411 -24.13 -19.05 -5.93
N SER A 412 -23.23 -20.04 -5.75
CA SER A 412 -21.85 -19.90 -6.19
C SER A 412 -21.81 -19.43 -7.64
N HIS A 413 -22.65 -20.05 -8.48
CA HIS A 413 -22.64 -19.83 -9.90
C HIS A 413 -23.03 -18.39 -10.21
N LEU A 414 -24.03 -17.86 -9.50
CA LEU A 414 -24.49 -16.50 -9.77
C LEU A 414 -23.42 -15.50 -9.33
N VAL A 415 -22.89 -15.70 -8.12
CA VAL A 415 -21.90 -14.79 -7.58
C VAL A 415 -20.67 -14.77 -8.50
N ALA A 416 -20.26 -15.96 -8.96
CA ALA A 416 -19.12 -16.08 -9.86
C ALA A 416 -19.35 -15.29 -11.15
N SER A 417 -20.62 -15.15 -11.55
CA SER A 417 -20.94 -14.39 -12.74
C SER A 417 -20.86 -12.91 -12.47
N LEU A 418 -21.31 -12.49 -11.27
CA LEU A 418 -21.19 -11.09 -10.89
C LEU A 418 -19.71 -10.75 -10.81
N ILE A 419 -18.92 -11.57 -10.10
CA ILE A 419 -17.49 -11.36 -9.93
C ILE A 419 -16.81 -11.19 -11.30
N GLY A 420 -17.25 -11.98 -12.27
CA GLY A 420 -16.76 -11.87 -13.64
C GLY A 420 -16.98 -10.49 -14.23
N VAL A 421 -18.16 -9.90 -13.97
CA VAL A 421 -18.48 -8.58 -14.50
C VAL A 421 -17.69 -7.50 -13.74
N LEU A 422 -17.50 -7.68 -12.44
CA LEU A 422 -16.68 -6.76 -11.66
C LEU A 422 -15.24 -6.81 -12.19
N CYS A 423 -14.72 -8.01 -12.45
CA CYS A 423 -13.39 -8.15 -13.01
C CYS A 423 -13.29 -7.45 -14.36
N LEU A 424 -14.40 -7.39 -15.10
CA LEU A 424 -14.41 -6.68 -16.37
C LEU A 424 -14.19 -5.19 -16.12
N LEU A 425 -14.87 -4.65 -15.10
CA LEU A 425 -14.90 -3.20 -14.94
C LEU A 425 -13.72 -2.71 -14.11
N LEU A 426 -13.03 -3.61 -13.39
CA LEU A 426 -11.89 -3.19 -12.58
C LEU A 426 -10.59 -3.18 -13.39
N ALA A 427 -10.67 -3.52 -14.67
CA ALA A 427 -9.50 -3.43 -15.52
C ALA A 427 -9.04 -1.97 -15.57
N GLN A 428 -10.01 -1.08 -15.78
CA GLN A 428 -9.76 0.35 -15.87
C GLN A 428 -9.06 0.82 -14.59
N GLY A 429 -9.57 0.38 -13.44
CA GLY A 429 -8.95 0.70 -12.17
C GLY A 429 -7.48 0.30 -12.14
N LEU A 430 -7.17 -0.94 -12.50
CA LEU A 430 -5.80 -1.39 -12.45
C LEU A 430 -4.95 -0.53 -13.37
N ARG A 431 -5.53 -0.17 -14.53
CA ARG A 431 -4.78 0.55 -15.56
C ARG A 431 -4.25 1.85 -14.98
N ARG A 432 -5.09 2.52 -14.17
CA ARG A 432 -4.77 3.82 -13.59
C ARG A 432 -4.01 3.68 -12.28
N ARG A 433 -3.27 2.58 -12.12
CA ARG A 433 -2.39 2.36 -10.99
C ARG A 433 -3.06 2.70 -9.66
N LEU A 434 -4.33 2.32 -9.49
CA LEU A 434 -4.94 2.45 -8.17
C LEU A 434 -4.44 1.32 -7.26
N SER A 435 -4.47 1.59 -5.95
CA SER A 435 -4.15 0.60 -4.93
C SER A 435 -5.43 -0.07 -4.44
N ALA A 436 -6.52 0.71 -4.35
CA ALA A 436 -7.81 0.15 -4.01
C ALA A 436 -8.17 -0.94 -5.03
N ALA A 437 -8.09 -0.59 -6.31
CA ALA A 437 -8.41 -1.51 -7.40
C ALA A 437 -7.55 -2.77 -7.31
N TRP A 438 -6.27 -2.61 -6.98
CA TRP A 438 -5.40 -3.76 -6.84
C TRP A 438 -5.81 -4.65 -5.69
N ALA A 439 -6.27 -4.04 -4.59
CA ALA A 439 -6.68 -4.81 -3.42
C ALA A 439 -7.96 -5.58 -3.70
N LEU A 440 -8.96 -4.88 -4.23
CA LEU A 440 -10.23 -5.49 -4.55
C LEU A 440 -10.04 -6.62 -5.56
N THR A 441 -9.32 -6.34 -6.66
CA THR A 441 -9.16 -7.32 -7.73
C THR A 441 -8.42 -8.54 -7.20
N LEU A 442 -7.52 -8.34 -6.26
CA LEU A 442 -6.73 -9.47 -5.77
C LEU A 442 -7.65 -10.38 -4.97
N VAL A 443 -8.63 -9.79 -4.29
CA VAL A 443 -9.58 -10.57 -3.52
C VAL A 443 -10.51 -11.31 -4.49
N LEU A 444 -11.12 -10.56 -5.41
CA LEU A 444 -12.12 -11.13 -6.31
C LEU A 444 -11.55 -12.28 -7.15
N LEU A 445 -10.34 -12.13 -7.67
CA LEU A 445 -9.78 -13.16 -8.54
C LEU A 445 -9.62 -14.48 -7.79
N LEU A 446 -9.39 -14.41 -6.48
CA LEU A 446 -9.15 -15.61 -5.69
C LEU A 446 -10.47 -16.18 -5.17
N VAL A 447 -11.40 -15.31 -4.81
CA VAL A 447 -12.74 -15.75 -4.47
C VAL A 447 -13.38 -16.38 -5.70
N GLY A 448 -13.26 -15.72 -6.86
CA GLY A 448 -13.76 -16.26 -8.11
C GLY A 448 -13.15 -17.62 -8.44
N ALA A 449 -11.86 -17.80 -8.12
CA ALA A 449 -11.18 -19.07 -8.36
C ALA A 449 -11.72 -20.13 -7.41
N LEU A 450 -12.15 -19.71 -6.22
CA LEU A 450 -12.75 -20.63 -5.26
C LEU A 450 -14.13 -21.07 -5.77
N LEU A 451 -14.97 -20.10 -6.09
CA LEU A 451 -16.30 -20.39 -6.60
C LEU A 451 -16.22 -21.18 -7.91
N SER A 452 -15.10 -21.09 -8.63
CA SER A 452 -14.95 -21.85 -9.86
C SER A 452 -14.80 -23.33 -9.55
N LEU A 453 -14.32 -23.66 -8.35
CA LEU A 453 -14.24 -25.04 -7.92
C LEU A 453 -15.54 -25.49 -7.26
N LEU A 454 -16.38 -24.53 -6.83
CA LEU A 454 -17.63 -24.85 -6.17
C LEU A 454 -18.82 -24.63 -7.11
N LYS A 455 -18.57 -24.43 -8.41
CA LYS A 455 -19.67 -24.25 -9.35
C LYS A 455 -19.90 -25.54 -10.13
N GLY A 456 -18.80 -26.13 -10.62
CA GLY A 456 -18.84 -27.41 -11.31
C GLY A 456 -17.49 -28.11 -11.26
N PHE A 457 -16.70 -27.73 -10.25
CA PHE A 457 -15.30 -28.08 -10.16
C PHE A 457 -14.59 -27.87 -11.49
N ASP A 458 -14.58 -26.62 -11.94
CA ASP A 458 -13.92 -26.21 -13.16
C ASP A 458 -12.52 -25.72 -12.81
N TRP A 459 -11.55 -26.63 -12.77
CA TRP A 459 -10.24 -26.33 -12.23
C TRP A 459 -9.39 -25.57 -13.26
N GLU A 460 -9.75 -25.69 -14.54
CA GLU A 460 -9.06 -24.98 -15.58
C GLU A 460 -9.24 -23.48 -15.39
N GLU A 461 -10.44 -23.07 -14.97
CA GLU A 461 -10.73 -21.67 -14.71
C GLU A 461 -9.99 -21.24 -13.45
N ALA A 462 -10.11 -22.03 -12.39
CA ALA A 462 -9.52 -21.70 -11.10
C ALA A 462 -8.00 -21.56 -11.21
N SER A 463 -7.37 -22.37 -12.08
CA SER A 463 -5.94 -22.31 -12.27
C SER A 463 -5.54 -20.96 -12.85
N LEU A 464 -6.26 -20.53 -13.89
CA LEU A 464 -5.92 -19.30 -14.58
C LEU A 464 -6.15 -18.11 -13.66
N LEU A 465 -7.31 -18.07 -13.01
CA LEU A 465 -7.64 -16.98 -12.11
C LEU A 465 -6.59 -16.84 -11.01
N SER A 466 -6.11 -17.98 -10.49
CA SER A 466 -5.14 -17.97 -9.41
C SER A 466 -3.79 -17.51 -9.93
N LEU A 467 -3.42 -17.94 -11.14
CA LEU A 467 -2.15 -17.56 -11.74
C LEU A 467 -2.10 -16.04 -11.95
N THR A 468 -3.20 -15.49 -12.47
CA THR A 468 -3.37 -14.05 -12.61
C THR A 468 -3.23 -13.36 -11.26
N ALA A 469 -3.92 -13.88 -10.24
CA ALA A 469 -3.92 -13.27 -8.93
C ALA A 469 -2.53 -13.33 -8.30
N ALA A 470 -1.75 -14.34 -8.68
CA ALA A 470 -0.36 -14.43 -8.24
C ALA A 470 0.41 -13.24 -8.80
N LEU A 471 0.40 -13.11 -10.13
CA LEU A 471 1.13 -12.06 -10.83
C LEU A 471 0.69 -10.69 -10.35
N LEU A 472 -0.60 -10.52 -10.11
CA LEU A 472 -1.10 -9.23 -9.65
C LEU A 472 -0.53 -8.89 -8.27
N ALA A 473 -0.36 -9.90 -7.42
CA ALA A 473 0.13 -9.68 -6.07
C ALA A 473 1.64 -9.44 -6.08
N MET A 474 2.34 -10.07 -7.04
CA MET A 474 3.78 -9.96 -7.14
C MET A 474 4.19 -8.54 -7.54
N PHE A 475 3.38 -7.88 -8.36
CA PHE A 475 3.63 -6.50 -8.77
C PHE A 475 2.81 -5.55 -7.91
N ARG A 476 3.07 -5.54 -6.60
CA ARG A 476 2.24 -4.80 -5.66
C ARG A 476 2.59 -3.32 -5.71
N ARG A 477 3.88 -3.05 -5.97
CA ARG A 477 4.43 -1.70 -5.88
C ARG A 477 3.87 -0.87 -7.02
N SER A 478 3.66 -1.52 -8.17
CA SER A 478 3.23 -0.88 -9.40
C SER A 478 1.92 -0.13 -9.22
N PHE A 479 1.17 -0.44 -8.16
CA PHE A 479 -0.09 0.22 -7.91
C PHE A 479 0.03 1.03 -6.63
N TYR A 480 0.23 2.34 -6.77
CA TYR A 480 0.57 3.14 -5.61
C TYR A 480 -0.57 4.11 -5.28
N ARG A 481 -1.36 4.51 -6.27
CA ARG A 481 -2.23 5.65 -6.06
C ARG A 481 -3.23 5.35 -4.95
N PRO A 482 -3.30 6.19 -3.89
CA PRO A 482 -4.31 6.02 -2.85
C PRO A 482 -5.59 6.82 -3.09
N SER A 483 -6.18 6.64 -4.27
CA SER A 483 -7.39 7.36 -4.64
C SER A 483 -8.61 6.48 -4.39
N ARG A 484 -9.80 7.07 -4.54
CA ARG A 484 -11.06 6.36 -4.35
C ARG A 484 -11.51 5.77 -5.68
N LEU A 485 -12.08 4.55 -5.62
CA LEU A 485 -12.56 3.85 -6.80
C LEU A 485 -13.79 4.55 -7.38
N MET A 486 -14.57 5.22 -6.53
CA MET A 486 -15.76 5.91 -6.96
C MET A 486 -15.41 7.16 -7.78
N GLU A 487 -14.16 7.61 -7.67
CA GLU A 487 -13.73 8.87 -8.29
C GLU A 487 -13.18 8.62 -9.69
N VAL A 488 -13.06 7.36 -10.10
CA VAL A 488 -12.57 7.03 -11.43
C VAL A 488 -13.53 7.61 -12.46
N PRO A 489 -13.04 8.30 -13.50
CA PRO A 489 -13.91 8.84 -14.55
C PRO A 489 -14.62 7.75 -15.35
N PHE A 490 -15.77 8.10 -15.94
CA PHE A 490 -16.48 7.22 -16.85
C PHE A 490 -15.64 7.02 -18.11
N SER A 491 -15.53 5.76 -18.55
CA SER A 491 -14.84 5.44 -19.79
C SER A 491 -15.78 4.72 -20.74
N PRO A 492 -16.23 5.38 -21.83
CA PRO A 492 -17.11 4.73 -22.82
C PRO A 492 -16.54 3.43 -23.39
N LEU A 493 -15.22 3.41 -23.63
CA LEU A 493 -14.59 2.27 -24.28
C LEU A 493 -14.72 1.02 -23.43
N TYR A 494 -14.34 1.11 -22.15
CA TYR A 494 -14.36 -0.04 -21.27
C TYR A 494 -15.78 -0.57 -21.11
N VAL A 495 -16.76 0.34 -21.00
CA VAL A 495 -18.15 -0.06 -20.88
C VAL A 495 -18.58 -0.73 -22.18
N GLY A 496 -18.13 -0.19 -23.31
CA GLY A 496 -18.42 -0.77 -24.61
C GLY A 496 -17.91 -2.20 -24.72
N ALA A 497 -16.67 -2.42 -24.26
CA ALA A 497 -16.06 -3.73 -24.28
C ALA A 497 -16.79 -4.65 -23.33
N SER A 498 -17.23 -4.12 -22.18
CA SER A 498 -17.96 -4.92 -21.21
C SER A 498 -19.26 -5.44 -21.81
N ILE A 499 -20.01 -4.54 -22.45
CA ILE A 499 -21.27 -4.88 -23.08
C ILE A 499 -21.02 -5.93 -24.17
N CYS A 500 -19.94 -5.77 -24.96
CA CYS A 500 -19.64 -6.72 -26.01
C CYS A 500 -19.42 -8.12 -25.42
N VAL A 501 -18.67 -8.19 -24.33
CA VAL A 501 -18.35 -9.47 -23.73
C VAL A 501 -19.62 -10.11 -23.19
N VAL A 502 -20.46 -9.32 -22.53
CA VAL A 502 -21.74 -9.80 -22.02
C VAL A 502 -22.58 -10.34 -23.18
N GLY A 503 -22.63 -9.59 -24.28
CA GLY A 503 -23.30 -10.06 -25.47
C GLY A 503 -22.81 -11.44 -25.91
N ALA A 504 -21.49 -11.58 -25.99
CA ALA A 504 -20.88 -12.82 -26.46
C ALA A 504 -21.19 -13.94 -25.48
N SER A 505 -21.32 -13.62 -24.18
CA SER A 505 -21.67 -14.62 -23.19
C SER A 505 -23.10 -15.12 -23.44
N VAL A 506 -24.01 -14.17 -23.70
CA VAL A 506 -25.40 -14.51 -23.93
C VAL A 506 -25.52 -15.30 -25.22
N TRP A 507 -24.73 -14.96 -26.24
CA TRP A 507 -24.71 -15.73 -27.47
C TRP A 507 -24.30 -17.17 -27.21
N LEU A 508 -23.30 -17.33 -26.34
CA LEU A 508 -22.80 -18.64 -26.01
C LEU A 508 -23.86 -19.38 -25.21
N LEU A 509 -24.63 -18.63 -24.41
CA LEU A 509 -25.66 -19.24 -23.59
C LEU A 509 -26.72 -19.86 -24.51
N LEU A 510 -27.16 -19.09 -25.50
CA LEU A 510 -28.16 -19.57 -26.43
C LEU A 510 -27.64 -20.79 -27.18
N PHE A 511 -26.38 -20.74 -27.64
CA PHE A 511 -25.84 -21.79 -28.49
C PHE A 511 -25.57 -23.07 -27.71
N ALA A 512 -25.28 -22.92 -26.41
CA ALA A 512 -24.94 -24.07 -25.59
C ALA A 512 -26.20 -24.77 -25.09
N ASN A 513 -27.21 -23.99 -24.71
CA ASN A 513 -28.43 -24.54 -24.12
C ASN A 513 -29.54 -24.55 -25.18
N GLN A 514 -29.26 -25.13 -26.35
CA GLN A 514 -30.19 -25.11 -27.46
C GLN A 514 -31.02 -26.38 -27.47
N ASP A 515 -30.85 -27.24 -26.46
CA ASP A 515 -31.57 -28.49 -26.35
C ASP A 515 -32.60 -28.41 -25.22
N VAL A 516 -32.96 -27.18 -24.82
CA VAL A 516 -33.97 -26.96 -23.81
C VAL A 516 -35.01 -25.99 -24.39
N HIS A 517 -36.28 -26.28 -24.13
CA HIS A 517 -37.39 -25.47 -24.61
C HIS A 517 -37.58 -24.29 -23.66
N TYR A 518 -37.94 -23.12 -24.21
CA TYR A 518 -38.24 -21.95 -23.40
C TYR A 518 -39.41 -22.24 -22.47
N SER A 519 -39.28 -21.81 -21.21
CA SER A 519 -40.36 -21.88 -20.25
C SER A 519 -40.14 -20.87 -19.13
N ASN A 520 -41.24 -20.37 -18.57
CA ASN A 520 -41.21 -19.36 -17.53
C ASN A 520 -40.77 -19.99 -16.20
N GLN A 521 -40.93 -21.31 -16.09
CA GLN A 521 -40.64 -22.00 -14.84
C GLN A 521 -39.15 -22.33 -14.71
N LEU A 522 -38.37 -22.09 -15.78
CA LEU A 522 -36.94 -22.36 -15.76
C LEU A 522 -36.22 -21.42 -14.80
N TRP A 523 -36.74 -20.20 -14.62
CA TRP A 523 -36.11 -19.19 -13.79
C TRP A 523 -36.00 -19.68 -12.34
N TRP A 524 -37.08 -20.31 -11.85
CA TRP A 524 -37.18 -20.66 -10.44
C TRP A 524 -36.61 -22.07 -10.17
N GLN A 525 -36.37 -22.83 -11.25
CA GLN A 525 -36.01 -24.23 -11.13
C GLN A 525 -34.63 -24.36 -10.49
N PHE A 526 -34.59 -24.80 -9.24
CA PHE A 526 -33.34 -25.00 -8.53
C PHE A 526 -33.08 -26.49 -8.35
N ALA A 527 -32.20 -27.05 -9.21
CA ALA A 527 -31.81 -28.45 -9.12
C ALA A 527 -30.43 -28.64 -9.74
N LEU A 528 -29.82 -29.79 -9.44
CA LEU A 528 -28.44 -30.07 -9.82
C LEU A 528 -28.34 -30.21 -11.34
N ASP A 529 -29.09 -31.16 -11.90
CA ASP A 529 -28.94 -31.54 -13.29
C ASP A 529 -29.33 -30.40 -14.21
N ALA A 530 -30.23 -29.52 -13.73
CA ALA A 530 -30.73 -28.41 -14.53
C ALA A 530 -29.64 -27.36 -14.73
N ASP A 531 -29.06 -27.35 -15.93
CA ASP A 531 -27.98 -26.44 -16.28
C ASP A 531 -28.56 -25.13 -16.78
N ALA A 532 -29.63 -25.20 -17.58
CA ALA A 532 -30.15 -24.04 -18.28
C ALA A 532 -30.63 -22.95 -17.30
N PRO A 533 -31.31 -23.32 -16.18
CA PRO A 533 -31.68 -22.33 -15.17
C PRO A 533 -30.50 -21.53 -14.62
N ARG A 534 -29.40 -22.22 -14.34
CA ARG A 534 -28.20 -21.59 -13.79
C ARG A 534 -27.63 -20.58 -14.79
N ALA A 535 -27.64 -20.95 -16.07
CA ALA A 535 -27.13 -20.08 -17.12
C ALA A 535 -28.03 -18.86 -17.25
N LEU A 536 -29.34 -19.07 -17.23
CA LEU A 536 -30.28 -17.98 -17.38
C LEU A 536 -30.15 -16.99 -16.23
N ARG A 537 -30.13 -17.51 -14.99
CA ARG A 537 -29.98 -16.67 -13.83
C ARG A 537 -28.68 -15.85 -13.95
N ALA A 538 -27.59 -16.55 -14.29
CA ALA A 538 -26.28 -15.93 -14.41
C ALA A 538 -26.33 -14.78 -15.40
N ALA A 539 -26.88 -15.03 -16.58
CA ALA A 539 -26.92 -14.05 -17.65
C ALA A 539 -27.72 -12.83 -17.21
N LEU A 540 -28.83 -13.05 -16.51
CA LEU A 540 -29.67 -11.95 -16.06
C LEU A 540 -28.92 -11.13 -15.01
N GLY A 541 -28.35 -11.82 -14.02
CA GLY A 541 -27.61 -11.17 -12.95
C GLY A 541 -26.49 -10.28 -13.48
N SER A 542 -25.73 -10.81 -14.45
CA SER A 542 -24.63 -10.08 -15.06
C SER A 542 -25.17 -8.87 -15.83
N CYS A 543 -26.29 -9.05 -16.53
CA CYS A 543 -26.84 -7.97 -17.34
C CYS A 543 -27.35 -6.83 -16.47
N LEU A 544 -27.96 -7.17 -15.33
CA LEU A 544 -28.49 -6.18 -14.42
C LEU A 544 -27.35 -5.43 -13.72
N LEU A 545 -26.32 -6.16 -13.27
CA LEU A 545 -25.22 -5.55 -12.56
C LEU A 545 -24.45 -4.59 -13.47
N LEU A 546 -24.23 -4.99 -14.72
CA LEU A 546 -23.53 -4.15 -15.67
C LEU A 546 -24.35 -2.90 -15.96
N LEU A 547 -25.67 -3.08 -16.15
CA LEU A 547 -26.55 -1.95 -16.41
C LEU A 547 -26.53 -0.97 -15.24
N ALA A 548 -26.64 -1.52 -14.02
CA ALA A 548 -26.68 -0.72 -12.80
C ALA A 548 -25.42 0.14 -12.70
N LEU A 549 -24.25 -0.50 -12.81
CA LEU A 549 -22.97 0.18 -12.65
C LEU A 549 -22.75 1.19 -13.78
N ALA A 550 -23.16 0.84 -15.00
CA ALA A 550 -23.02 1.73 -16.13
C ALA A 550 -23.86 2.99 -15.92
N LEU A 551 -25.08 2.82 -15.41
CA LEU A 551 -25.99 3.94 -15.22
C LEU A 551 -25.50 4.80 -14.05
N GLY A 552 -25.02 4.14 -12.99
CA GLY A 552 -24.49 4.82 -11.82
C GLY A 552 -23.29 5.71 -12.15
N TRP A 553 -22.43 5.24 -13.05
CA TRP A 553 -21.28 6.00 -13.51
C TRP A 553 -21.73 7.17 -14.38
N LEU A 554 -22.72 6.91 -15.26
CA LEU A 554 -23.19 7.95 -16.18
C LEU A 554 -23.86 9.08 -15.42
N LEU A 555 -24.79 8.73 -14.52
CA LEU A 555 -25.47 9.72 -13.70
C LEU A 555 -24.69 9.94 -12.40
N ARG A 556 -23.78 10.92 -12.44
CA ARG A 556 -22.95 11.27 -11.30
C ARG A 556 -22.84 12.80 -11.24
N ALA A 557 -22.57 13.32 -10.03
CA ALA A 557 -22.47 14.75 -9.80
C ALA A 557 -21.38 15.36 -10.69
N ALA A 558 -21.71 16.49 -11.33
CA ALA A 558 -20.79 17.17 -12.22
C ALA A 558 -19.60 17.70 -11.43
N PRO A 559 -18.38 17.71 -12.02
CA PRO A 559 -17.19 18.19 -11.31
C PRO A 559 -17.23 19.70 -11.10
N PRO A 560 -16.65 20.24 -10.00
CA PRO A 560 -16.59 21.68 -9.79
C PRO A 560 -15.80 22.38 -10.89
N ALA A 561 -16.20 23.63 -11.20
CA ALA A 561 -15.58 24.41 -12.25
C ALA A 561 -14.22 24.91 -11.79
N ILE A 562 -13.41 25.36 -12.77
CA ILE A 562 -12.08 25.88 -12.49
C ILE A 562 -12.20 27.31 -11.98
N ARG A 563 -11.54 27.57 -10.84
CA ARG A 563 -11.51 28.91 -10.25
C ARG A 563 -10.06 29.34 -10.08
N GLU A 564 -9.86 30.66 -9.97
CA GLU A 564 -8.54 31.21 -9.70
C GLU A 564 -8.19 30.99 -8.24
N PRO A 565 -6.88 30.92 -7.89
CA PRO A 565 -6.47 30.72 -6.50
C PRO A 565 -6.66 31.98 -5.65
N ASN A 566 -6.97 31.79 -4.37
CA ASN A 566 -7.20 32.87 -3.43
C ASN A 566 -5.88 33.19 -2.72
N ALA A 567 -5.95 34.03 -1.69
CA ALA A 567 -4.78 34.47 -0.94
C ALA A 567 -4.12 33.29 -0.21
N GLU A 568 -4.95 32.43 0.40
CA GLU A 568 -4.45 31.32 1.19
C GLU A 568 -3.73 30.32 0.29
N GLU A 569 -4.37 29.97 -0.83
CA GLU A 569 -3.79 29.01 -1.76
C GLU A 569 -2.47 29.52 -2.29
N LEU A 570 -2.43 30.81 -2.64
CA LEU A 570 -1.21 31.43 -3.17
C LEU A 570 -0.10 31.35 -2.14
N GLN A 571 -0.44 31.58 -0.86
CA GLN A 571 0.57 31.58 0.19
C GLN A 571 1.11 30.16 0.38
N ARG A 572 0.20 29.18 0.30
CA ARG A 572 0.58 27.78 0.43
C ARG A 572 1.51 27.40 -0.73
N ALA A 573 1.15 27.85 -1.94
CA ALA A 573 1.92 27.57 -3.14
C ALA A 573 3.34 28.11 -2.96
N ALA A 574 3.45 29.35 -2.45
CA ALA A 574 4.72 30.01 -2.26
C ALA A 574 5.57 29.23 -1.24
N ARG A 575 4.91 28.74 -0.18
CA ARG A 575 5.58 27.95 0.85
C ARG A 575 6.18 26.70 0.20
N ILE A 576 5.38 26.05 -0.65
CA ILE A 576 5.80 24.83 -1.32
C ILE A 576 7.02 25.12 -2.18
N ILE A 577 6.99 26.25 -2.89
CA ILE A 577 8.06 26.64 -3.79
C ILE A 577 9.35 26.84 -2.99
N ARG A 578 9.26 27.49 -1.83
CA ARG A 578 10.42 27.79 -1.01
C ARG A 578 11.08 26.49 -0.55
N HIS A 579 10.27 25.56 -0.04
CA HIS A 579 10.77 24.29 0.49
C HIS A 579 10.94 23.29 -0.65
N SER A 580 11.69 23.67 -1.69
CA SER A 580 11.83 22.85 -2.87
C SER A 580 13.09 23.27 -3.64
N ASP A 581 13.38 22.52 -4.71
CA ASP A 581 14.53 22.77 -5.56
C ASP A 581 14.12 23.72 -6.68
N GLN A 582 12.93 23.50 -7.24
CA GLN A 582 12.49 24.17 -8.47
C GLN A 582 12.11 25.62 -8.19
N PRO A 583 12.84 26.61 -8.74
CA PRO A 583 12.46 28.01 -8.62
C PRO A 583 11.50 28.48 -9.71
N ASP A 584 11.31 27.65 -10.74
CA ASP A 584 10.46 27.98 -11.88
C ASP A 584 9.00 28.01 -11.45
N GLY A 585 8.73 27.48 -10.24
CA GLY A 585 7.39 27.45 -9.68
C GLY A 585 6.83 28.85 -9.44
N GLY A 586 7.71 29.86 -9.47
CA GLY A 586 7.34 31.23 -9.18
C GLY A 586 6.12 31.72 -9.97
N LEU A 587 6.02 31.32 -11.24
CA LEU A 587 4.95 31.81 -12.10
C LEU A 587 3.59 31.28 -11.63
N ALA A 588 3.60 30.46 -10.58
CA ALA A 588 2.35 30.03 -9.97
C ALA A 588 1.68 31.21 -9.28
N LEU A 589 2.48 32.16 -8.77
CA LEU A 589 2.01 33.15 -7.83
C LEU A 589 1.33 34.33 -8.52
N THR A 590 1.43 34.39 -9.86
CA THR A 590 0.84 35.48 -10.62
C THR A 590 -0.69 35.50 -10.45
N GLY A 591 -1.28 34.39 -10.03
CA GLY A 591 -2.72 34.29 -9.83
C GLY A 591 -3.47 34.41 -11.16
N ASP A 592 -2.94 33.76 -12.19
CA ASP A 592 -3.52 33.78 -13.53
C ASP A 592 -3.98 32.37 -13.92
N LYS A 593 -3.37 31.33 -13.34
CA LYS A 593 -3.65 29.95 -13.69
C LYS A 593 -3.95 29.15 -12.43
N ALA A 594 -4.94 28.24 -12.53
CA ALA A 594 -5.49 27.56 -11.36
C ALA A 594 -4.50 26.57 -10.81
N LEU A 595 -4.70 26.20 -9.54
CA LEU A 595 -3.77 25.33 -8.83
C LEU A 595 -4.45 24.02 -8.45
N LEU A 596 -3.76 22.91 -8.73
CA LEU A 596 -4.16 21.60 -8.25
C LEU A 596 -3.21 21.21 -7.13
N PHE A 597 -3.77 20.99 -5.94
CA PHE A 597 -2.97 20.69 -4.77
C PHE A 597 -3.04 19.21 -4.44
N HIS A 598 -1.88 18.65 -4.05
CA HIS A 598 -1.81 17.29 -3.56
C HIS A 598 -2.60 17.20 -2.25
N GLU A 599 -3.02 15.98 -1.88
CA GLU A 599 -3.81 15.79 -0.67
C GLU A 599 -2.99 16.19 0.55
N SER A 600 -1.66 15.98 0.50
CA SER A 600 -0.78 16.29 1.61
C SER A 600 -0.40 17.77 1.62
N ASP A 601 -0.78 18.51 0.57
CA ASP A 601 -0.53 19.94 0.45
C ASP A 601 0.97 20.21 0.55
N ASP A 602 1.76 19.32 -0.06
CA ASP A 602 3.21 19.43 -0.08
C ASP A 602 3.66 19.84 -1.48
N ALA A 603 2.99 19.29 -2.50
CA ALA A 603 3.30 19.60 -3.89
C ALA A 603 2.04 20.02 -4.62
N PHE A 604 2.21 20.77 -5.71
CA PHE A 604 1.07 21.25 -6.46
C PHE A 604 1.44 21.36 -7.93
N LEU A 605 0.41 21.56 -8.77
CA LEU A 605 0.59 21.69 -10.20
C LEU A 605 -0.32 22.80 -10.71
N MET A 606 0.27 23.71 -11.49
CA MET A 606 -0.44 24.87 -11.99
C MET A 606 -0.90 24.55 -13.42
N TYR A 607 -2.19 24.82 -13.69
CA TYR A 607 -2.76 24.55 -14.99
C TYR A 607 -3.75 25.63 -15.37
N ALA A 608 -4.06 25.70 -16.67
CA ALA A 608 -5.02 26.65 -17.19
C ALA A 608 -5.78 26.01 -18.34
N ARG A 609 -7.10 26.22 -18.36
CA ARG A 609 -7.90 25.72 -19.47
C ARG A 609 -7.85 26.70 -20.62
N ARG A 610 -7.70 26.16 -21.83
CA ARG A 610 -7.74 26.94 -23.05
C ARG A 610 -8.53 26.15 -24.10
N GLY A 611 -9.71 26.67 -24.47
CA GLY A 611 -10.56 25.99 -25.44
C GLY A 611 -10.96 24.60 -24.94
N ARG A 612 -10.35 23.57 -25.54
CA ARG A 612 -10.71 22.18 -25.26
C ARG A 612 -9.55 21.41 -24.66
N SER A 613 -8.45 22.10 -24.32
CA SER A 613 -7.26 21.44 -23.81
C SER A 613 -6.73 22.15 -22.58
N MET A 614 -6.52 21.41 -21.50
CA MET A 614 -5.96 21.94 -20.28
C MET A 614 -4.44 21.83 -20.38
N ILE A 615 -3.74 22.95 -20.12
CA ILE A 615 -2.30 22.95 -20.20
C ILE A 615 -1.75 23.10 -18.78
N ALA A 616 -0.74 22.29 -18.47
CA ALA A 616 0.02 22.42 -17.23
C ALA A 616 1.36 23.09 -17.54
N LEU A 617 1.75 24.06 -16.72
CA LEU A 617 2.78 25.02 -17.09
C LEU A 617 4.17 24.40 -17.06
N TYR A 618 4.42 23.52 -16.08
CA TYR A 618 5.71 22.87 -15.93
C TYR A 618 5.50 21.47 -15.35
N ASP A 619 6.57 20.82 -14.91
CA ASP A 619 6.45 19.63 -14.08
C ASP A 619 5.80 20.02 -12.74
N PRO A 620 5.14 19.08 -12.02
CA PRO A 620 4.66 19.36 -10.66
C PRO A 620 5.83 19.69 -9.74
N ILE A 621 5.54 20.47 -8.68
CA ILE A 621 6.57 21.05 -7.83
C ILE A 621 6.58 20.34 -6.49
N GLY A 622 7.62 19.53 -6.25
CA GLY A 622 7.75 18.78 -5.00
C GLY A 622 8.54 17.49 -5.18
N PRO A 623 8.50 16.57 -4.18
CA PRO A 623 9.18 15.28 -4.28
C PRO A 623 8.61 14.36 -5.37
N ALA A 624 9.41 13.39 -5.80
CA ALA A 624 9.08 12.54 -6.93
C ALA A 624 7.76 11.78 -6.67
N MET A 625 7.59 11.29 -5.44
CA MET A 625 6.44 10.46 -5.12
C MET A 625 5.17 11.31 -5.18
N GLN A 626 5.29 12.59 -4.81
CA GLN A 626 4.18 13.51 -4.91
C GLN A 626 3.91 13.89 -6.37
N ARG A 627 4.98 13.94 -7.18
CA ARG A 627 4.87 14.33 -8.57
C ARG A 627 4.06 13.31 -9.36
N ALA A 628 4.40 12.02 -9.23
CA ALA A 628 3.68 10.96 -9.94
C ALA A 628 2.19 11.04 -9.65
N GLU A 629 1.82 11.11 -8.36
CA GLU A 629 0.42 11.15 -7.99
C GLU A 629 -0.26 12.38 -8.58
N LEU A 630 0.49 13.50 -8.67
CA LEU A 630 -0.04 14.75 -9.17
C LEU A 630 -0.32 14.64 -10.67
N ILE A 631 0.61 14.01 -11.42
CA ILE A 631 0.46 13.86 -12.86
C ILE A 631 -0.77 13.01 -13.17
N TRP A 632 -0.97 11.94 -12.41
CA TRP A 632 -2.17 11.14 -12.52
C TRP A 632 -3.39 11.98 -12.16
N GLN A 633 -3.33 12.72 -11.05
CA GLN A 633 -4.44 13.52 -10.58
C GLN A 633 -4.90 14.49 -11.67
N PHE A 634 -3.94 15.02 -12.41
CA PHE A 634 -4.23 15.95 -13.48
C PHE A 634 -4.97 15.24 -14.61
N ARG A 635 -4.51 14.03 -14.94
CA ARG A 635 -5.10 13.24 -16.02
C ARG A 635 -6.54 12.93 -15.64
N ASP A 636 -6.77 12.53 -14.39
CA ASP A 636 -8.11 12.30 -13.90
C ASP A 636 -8.95 13.55 -14.16
N LEU A 637 -8.49 14.69 -13.65
CA LEU A 637 -9.23 15.93 -13.76
C LEU A 637 -9.57 16.24 -15.22
N CYS A 638 -8.59 16.09 -16.09
CA CYS A 638 -8.78 16.42 -17.50
C CYS A 638 -9.89 15.56 -18.09
N ASP A 639 -9.88 14.27 -17.74
CA ASP A 639 -10.84 13.31 -18.28
C ASP A 639 -12.24 13.65 -17.80
N LEU A 640 -12.37 14.06 -16.53
CA LEU A 640 -13.66 14.45 -15.99
C LEU A 640 -14.26 15.59 -16.82
N HIS A 641 -13.43 16.57 -17.22
CA HIS A 641 -13.92 17.75 -17.90
C HIS A 641 -13.89 17.59 -19.42
N HIS A 642 -13.58 16.38 -19.89
CA HIS A 642 -13.60 16.08 -21.31
C HIS A 642 -12.67 17.05 -22.05
N ALA A 643 -11.43 17.12 -21.57
CA ALA A 643 -10.43 18.01 -22.15
C ALA A 643 -9.12 17.25 -22.36
N ARG A 644 -8.38 17.62 -23.39
CA ARG A 644 -7.07 17.05 -23.64
C ARG A 644 -6.08 17.56 -22.59
N PRO A 645 -5.40 16.68 -21.82
CA PRO A 645 -4.30 17.11 -20.97
C PRO A 645 -3.06 17.39 -21.82
N VAL A 646 -2.39 18.50 -21.54
CA VAL A 646 -1.13 18.85 -22.17
C VAL A 646 -0.16 19.36 -21.10
N PHE A 647 1.10 18.91 -21.17
CA PHE A 647 2.14 19.42 -20.29
C PHE A 647 3.16 20.22 -21.10
N TYR A 648 3.26 21.51 -20.77
CA TYR A 648 4.10 22.45 -21.49
C TYR A 648 5.44 22.57 -20.77
N GLN A 649 6.55 22.51 -21.52
CA GLN A 649 7.89 22.62 -20.97
C GLN A 649 8.10 21.65 -19.81
N VAL A 650 8.36 20.38 -20.13
CA VAL A 650 8.68 19.41 -19.12
C VAL A 650 10.13 19.01 -19.31
N ARG A 651 10.77 18.56 -18.23
CA ARG A 651 12.13 18.06 -18.27
C ARG A 651 12.12 16.60 -18.71
N ALA A 652 13.31 16.03 -18.94
CA ALA A 652 13.43 14.67 -19.40
C ALA A 652 13.13 13.66 -18.29
N GLU A 653 13.38 14.03 -17.03
CA GLU A 653 13.37 13.08 -15.93
C GLU A 653 11.96 12.58 -15.64
N ASN A 654 10.94 13.37 -15.97
CA ASN A 654 9.58 13.01 -15.65
C ASN A 654 8.88 12.41 -16.88
N LEU A 655 9.59 12.25 -18.00
CA LEU A 655 8.95 11.83 -19.23
C LEU A 655 8.16 10.54 -19.00
N PRO A 656 8.75 9.46 -18.45
CA PRO A 656 8.02 8.21 -18.23
C PRO A 656 6.74 8.31 -17.40
N PHE A 657 6.62 9.32 -16.55
CA PHE A 657 5.37 9.52 -15.85
C PHE A 657 4.28 10.01 -16.79
N TYR A 658 4.66 10.73 -17.84
CA TYR A 658 3.68 11.24 -18.80
C TYR A 658 3.33 10.11 -19.76
N MET A 659 4.36 9.36 -20.15
CA MET A 659 4.19 8.19 -21.02
C MET A 659 3.15 7.25 -20.40
N ASP A 660 3.20 7.10 -19.07
CA ASP A 660 2.23 6.28 -18.35
C ASP A 660 0.83 6.78 -18.66
N ILE A 661 0.56 8.05 -18.38
CA ILE A 661 -0.81 8.54 -18.46
C ILE A 661 -1.19 8.75 -19.94
N GLY A 662 -0.26 8.44 -20.84
CA GLY A 662 -0.62 8.37 -22.24
C GLY A 662 -0.41 9.69 -22.94
N LEU A 663 0.84 10.17 -22.86
CA LEU A 663 1.26 11.35 -23.60
C LEU A 663 2.52 10.99 -24.38
N THR A 664 2.91 11.88 -25.30
CA THR A 664 4.15 11.73 -26.04
C THR A 664 4.95 13.01 -25.93
N ALA A 665 6.26 12.86 -25.80
CA ALA A 665 7.16 13.98 -25.63
C ALA A 665 7.61 14.48 -27.00
N LEU A 666 7.42 15.79 -27.24
CA LEU A 666 7.91 16.46 -28.42
C LEU A 666 8.97 17.46 -28.00
N LYS A 667 10.05 17.55 -28.79
CA LYS A 667 11.15 18.46 -28.53
C LYS A 667 10.68 19.89 -28.74
N LEU A 668 10.45 20.60 -27.63
CA LEU A 668 9.86 21.93 -27.68
C LEU A 668 10.96 22.97 -27.87
N GLY A 669 11.99 22.90 -27.02
CA GLY A 669 13.10 23.83 -27.08
C GLY A 669 14.27 23.39 -26.21
N GLU A 670 15.22 24.32 -26.04
CA GLU A 670 16.43 24.10 -25.27
C GLU A 670 16.50 25.14 -24.16
N GLU A 671 16.86 24.69 -22.96
CA GLU A 671 16.96 25.57 -21.81
C GLU A 671 18.43 25.61 -21.37
N ALA A 672 18.96 26.84 -21.26
CA ALA A 672 20.35 27.05 -20.90
C ALA A 672 20.46 27.30 -19.40
N ARG A 673 21.46 26.69 -18.76
CA ARG A 673 21.74 26.91 -17.37
C ARG A 673 23.26 26.89 -17.17
N VAL A 674 23.77 27.93 -16.49
CA VAL A 674 25.19 28.07 -16.28
C VAL A 674 25.53 27.48 -14.91
N ASP A 675 26.63 26.71 -14.87
CA ASP A 675 27.12 26.10 -13.64
C ASP A 675 28.18 27.02 -13.05
N LEU A 676 27.92 27.50 -11.83
CA LEU A 676 28.74 28.54 -11.22
C LEU A 676 29.96 27.93 -10.53
N LEU A 677 29.97 26.61 -10.34
CA LEU A 677 31.10 25.94 -9.71
C LEU A 677 32.31 25.98 -10.64
N ARG A 678 32.11 25.55 -11.89
CA ARG A 678 33.15 25.57 -12.91
C ARG A 678 33.46 27.03 -13.29
N PHE A 679 32.40 27.80 -13.57
CA PHE A 679 32.54 29.18 -14.00
C PHE A 679 33.21 30.00 -12.90
N ASP A 680 34.19 30.81 -13.29
CA ASP A 680 34.93 31.66 -12.37
C ASP A 680 35.40 32.90 -13.13
N LEU A 681 35.73 33.96 -12.39
CA LEU A 681 36.05 35.25 -12.97
C LEU A 681 37.52 35.29 -13.41
N GLU A 682 38.30 34.28 -13.02
CA GLU A 682 39.72 34.21 -13.35
C GLU A 682 39.98 33.04 -14.30
N ASN A 683 39.14 32.91 -15.33
CA ASN A 683 39.24 31.83 -16.29
C ASN A 683 39.54 32.40 -17.68
N LYS A 684 39.82 31.52 -18.63
CA LYS A 684 40.21 31.91 -19.99
C LYS A 684 39.16 31.42 -20.98
N GLY A 685 39.19 32.02 -22.18
CA GLY A 685 38.21 31.77 -23.23
C GLY A 685 37.73 33.07 -23.85
N LYS A 686 37.72 33.13 -25.19
CA LYS A 686 37.43 34.37 -25.91
C LYS A 686 36.16 35.03 -25.37
N GLU A 687 35.10 34.23 -25.19
CA GLU A 687 33.83 34.73 -24.71
C GLU A 687 33.99 35.29 -23.29
N MET A 688 34.81 34.62 -22.48
CA MET A 688 35.04 35.02 -21.11
C MET A 688 35.77 36.36 -21.07
N LYS A 689 36.69 36.59 -22.03
CA LYS A 689 37.44 37.83 -22.07
C LYS A 689 36.52 38.96 -22.52
N ASP A 690 35.56 38.63 -23.37
CA ASP A 690 34.56 39.58 -23.84
C ASP A 690 33.66 39.97 -22.67
N LEU A 691 33.31 38.99 -21.82
CA LEU A 691 32.45 39.21 -20.67
C LEU A 691 33.13 40.12 -19.65
N ARG A 692 34.42 39.87 -19.37
CA ARG A 692 35.14 40.64 -18.37
C ARG A 692 35.35 42.07 -18.89
N TYR A 693 35.56 42.20 -20.20
CA TYR A 693 35.67 43.51 -20.84
C TYR A 693 34.36 44.27 -20.69
N THR A 694 33.24 43.56 -20.91
CA THR A 694 31.92 44.14 -20.77
C THR A 694 31.71 44.60 -19.33
N TRP A 695 32.10 43.74 -18.37
CA TRP A 695 31.92 44.01 -16.95
C TRP A 695 32.72 45.24 -16.53
N ASN A 696 33.96 45.33 -17.05
CA ASN A 696 34.88 46.38 -16.64
C ASN A 696 34.42 47.72 -17.22
N ARG A 697 33.96 47.70 -18.47
CA ARG A 697 33.45 48.90 -19.11
C ARG A 697 32.18 49.37 -18.40
N GLY A 698 31.28 48.43 -18.10
CA GLY A 698 30.06 48.73 -17.38
C GLY A 698 30.34 49.41 -16.05
N GLN A 699 31.34 48.90 -15.32
CA GLN A 699 31.71 49.43 -14.02
C GLN A 699 32.28 50.85 -14.17
N ARG A 700 33.09 51.06 -15.21
CA ARG A 700 33.74 52.34 -15.44
C ARG A 700 32.71 53.38 -15.89
N ASP A 701 31.70 52.95 -16.65
CA ASP A 701 30.68 53.85 -17.17
C ASP A 701 29.82 54.39 -16.04
N GLY A 702 29.66 53.60 -14.97
CA GLY A 702 28.86 54.00 -13.82
C GLY A 702 27.54 53.24 -13.75
N LEU A 703 27.58 51.94 -14.03
CA LEU A 703 26.44 51.05 -13.87
C LEU A 703 26.55 50.36 -12.52
N ALA A 704 25.50 50.49 -11.70
CA ALA A 704 25.47 49.92 -10.37
C ALA A 704 24.24 49.04 -10.22
N LEU A 705 24.46 47.80 -9.76
CA LEU A 705 23.41 46.83 -9.57
C LEU A 705 23.18 46.61 -8.07
N GLU A 706 21.91 46.73 -7.64
CA GLU A 706 21.55 46.53 -6.25
C GLU A 706 20.30 45.64 -6.16
N PHE A 707 20.24 44.83 -5.10
CA PHE A 707 19.18 43.85 -4.92
C PHE A 707 18.27 44.30 -3.78
N HIS A 708 16.98 44.41 -4.07
CA HIS A 708 15.99 44.83 -3.09
C HIS A 708 15.21 43.61 -2.61
N GLU A 709 15.02 43.50 -1.29
CA GLU A 709 14.35 42.35 -0.71
C GLU A 709 12.88 42.39 -1.06
N PRO A 710 12.17 41.24 -1.02
CA PRO A 710 10.74 41.19 -1.36
C PRO A 710 9.91 42.11 -0.46
N GLY A 711 9.22 43.08 -1.08
CA GLY A 711 8.39 44.03 -0.38
C GLY A 711 8.96 45.45 -0.45
N GLN A 712 10.25 45.58 -0.13
CA GLN A 712 10.92 46.87 -0.08
C GLN A 712 11.47 47.19 -1.47
N ALA A 713 10.57 47.57 -2.39
CA ALA A 713 10.94 47.86 -3.77
C ALA A 713 10.40 49.23 -4.18
N PRO A 714 11.12 49.99 -5.03
CA PRO A 714 10.62 51.26 -5.56
C PRO A 714 9.59 51.02 -6.66
N LEU A 715 8.31 50.91 -6.27
CA LEU A 715 7.24 50.57 -7.19
C LEU A 715 7.05 51.67 -8.23
N ASP A 716 7.36 52.93 -7.85
CA ASP A 716 7.24 54.06 -8.75
C ASP A 716 8.23 53.90 -9.91
N GLU A 717 9.48 53.56 -9.58
CA GLU A 717 10.54 53.44 -10.59
C GLU A 717 10.27 52.24 -11.48
N LEU A 718 9.79 51.15 -10.88
CA LEU A 718 9.45 49.93 -11.61
C LEU A 718 8.31 50.22 -12.58
N LYS A 719 7.28 50.94 -12.12
CA LYS A 719 6.13 51.26 -12.95
C LYS A 719 6.58 52.11 -14.13
N ALA A 720 7.48 53.07 -13.86
CA ALA A 720 7.97 53.99 -14.88
C ALA A 720 8.70 53.23 -15.99
N ILE A 721 9.58 52.31 -15.60
CA ILE A 721 10.39 51.57 -16.56
C ILE A 721 9.53 50.57 -17.33
N SER A 722 8.55 49.96 -16.64
CA SER A 722 7.66 49.00 -17.27
C SER A 722 6.82 49.68 -18.34
N ASP A 723 6.34 50.90 -18.04
CA ASP A 723 5.57 51.69 -18.97
C ASP A 723 6.44 52.07 -20.17
N ALA A 724 7.69 52.44 -19.90
CA ALA A 724 8.63 52.84 -20.93
C ALA A 724 8.90 51.69 -21.89
N TRP A 725 9.04 50.48 -21.33
CA TRP A 725 9.31 49.28 -22.12
C TRP A 725 8.08 48.90 -22.95
N LEU A 726 6.89 49.04 -22.34
CA LEU A 726 5.64 48.68 -23.01
C LEU A 726 5.38 49.64 -24.17
N GLY A 727 5.66 50.93 -23.95
CA GLY A 727 5.51 51.95 -24.99
C GLY A 727 6.37 51.65 -26.20
N GLY A 728 7.67 51.39 -25.95
CA GLY A 728 8.62 51.05 -27.00
C GLY A 728 8.47 49.61 -27.45
N PHE A 736 0.48 33.34 -18.67
CA PHE A 736 0.92 31.93 -18.87
C PHE A 736 2.36 31.89 -19.36
N SER A 737 3.29 31.66 -18.44
CA SER A 737 4.72 31.58 -18.73
C SER A 737 5.29 32.97 -19.05
N LEU A 738 4.61 34.02 -18.58
CA LEU A 738 5.00 35.38 -18.90
C LEU A 738 5.39 36.12 -17.61
N GLY A 739 4.47 36.17 -16.66
CA GLY A 739 4.67 36.90 -15.42
C GLY A 739 4.13 38.32 -15.51
N ARG A 740 3.07 38.59 -14.75
CA ARG A 740 2.39 39.89 -14.78
C ARG A 740 3.23 40.92 -14.03
N PHE A 741 2.78 42.18 -14.08
CA PHE A 741 3.45 43.29 -13.42
C PHE A 741 2.62 43.81 -12.25
N THR A 742 1.65 43.01 -11.79
CA THR A 742 0.83 43.38 -10.65
C THR A 742 1.73 43.47 -9.42
N PRO A 743 1.51 44.44 -8.51
CA PRO A 743 2.36 44.58 -7.32
C PRO A 743 2.40 43.32 -6.46
N ALA A 744 1.26 42.63 -6.35
CA ALA A 744 1.15 41.43 -5.54
C ALA A 744 2.18 40.39 -5.98
N TYR A 745 2.33 40.22 -7.29
CA TYR A 745 3.29 39.29 -7.86
C TYR A 745 4.71 39.71 -7.50
N LEU A 746 4.98 41.02 -7.55
CA LEU A 746 6.33 41.54 -7.40
C LEU A 746 6.78 41.47 -5.94
N ASN A 747 5.84 41.58 -4.99
CA ASN A 747 6.19 41.63 -3.58
C ASN A 747 6.67 40.26 -3.07
N PHE A 748 6.49 39.22 -3.88
CA PHE A 748 6.90 37.88 -3.50
C PHE A 748 8.41 37.66 -3.67
N PHE A 749 9.00 38.31 -4.69
CA PHE A 749 10.38 38.01 -5.04
C PHE A 749 11.25 39.25 -4.88
N ARG A 750 12.56 39.01 -4.73
CA ARG A 750 13.56 40.06 -4.64
C ARG A 750 13.90 40.55 -6.04
N ILE A 751 13.99 41.88 -6.20
CA ILE A 751 14.19 42.48 -7.50
C ILE A 751 15.59 43.07 -7.58
N ALA A 752 16.31 42.69 -8.63
CA ALA A 752 17.60 43.29 -8.95
C ALA A 752 17.37 44.47 -9.88
N ILE A 753 17.81 45.67 -9.46
CA ILE A 753 17.72 46.86 -10.29
C ILE A 753 19.14 47.32 -10.62
N VAL A 754 19.35 47.70 -11.89
CA VAL A 754 20.58 48.34 -12.31
C VAL A 754 20.30 49.82 -12.54
N ARG A 755 21.28 50.67 -12.21
CA ARG A 755 21.17 52.11 -12.42
C ARG A 755 22.35 52.57 -13.28
N HIS A 756 22.09 53.53 -14.17
CA HIS A 756 23.13 54.16 -14.96
C HIS A 756 23.34 55.59 -14.46
N GLN A 757 24.37 55.77 -13.62
CA GLN A 757 24.73 57.06 -13.05
C GLN A 757 23.58 57.59 -12.20
N GLY A 758 22.95 56.70 -11.42
CA GLY A 758 22.00 57.10 -10.40
C GLY A 758 20.55 56.74 -10.76
N LYS A 759 20.15 57.02 -12.01
CA LYS A 759 18.78 56.80 -12.42
C LYS A 759 18.54 55.31 -12.64
N PRO A 760 17.34 54.78 -12.30
CA PRO A 760 17.00 53.39 -12.58
C PRO A 760 16.70 53.19 -14.06
N VAL A 761 17.33 52.19 -14.67
CA VAL A 761 17.24 51.98 -16.11
C VAL A 761 16.57 50.64 -16.41
N ALA A 762 16.96 49.58 -15.68
CA ALA A 762 16.44 48.25 -15.95
C ALA A 762 16.24 47.49 -14.64
N PHE A 763 15.43 46.43 -14.69
CA PHE A 763 15.18 45.59 -13.52
C PHE A 763 14.84 44.17 -13.94
N ALA A 764 14.93 43.23 -12.99
CA ALA A 764 14.66 41.83 -13.23
C ALA A 764 14.42 41.08 -11.92
N ASN A 765 13.18 40.64 -11.68
CA ASN A 765 12.85 39.88 -10.48
C ASN A 765 13.56 38.53 -10.54
N LEU A 766 13.86 37.98 -9.36
CA LEU A 766 14.64 36.75 -9.24
C LEU A 766 13.81 35.69 -8.52
N LEU A 767 13.63 34.54 -9.19
CA LEU A 767 12.99 33.40 -8.57
C LEU A 767 14.03 32.62 -7.76
N GLU A 768 13.71 32.38 -6.49
CA GLU A 768 14.63 31.74 -5.57
C GLU A 768 13.88 30.76 -4.67
N THR A 769 14.67 29.89 -4.03
CA THR A 769 14.21 29.01 -2.98
C THR A 769 15.07 29.26 -1.74
N ASP A 770 14.73 28.60 -0.63
CA ASP A 770 15.52 28.70 0.59
C ASP A 770 16.86 27.97 0.39
N SER A 771 16.85 26.92 -0.44
CA SER A 771 18.05 26.21 -0.81
C SER A 771 18.89 27.05 -1.78
N ARG A 772 20.14 26.61 -2.00
CA ARG A 772 21.05 27.30 -2.89
C ARG A 772 21.48 26.34 -4.00
N GLU A 773 20.50 25.68 -4.60
CA GLU A 773 20.75 24.72 -5.67
C GLU A 773 20.65 25.42 -7.02
N LEU A 774 19.49 26.05 -7.28
CA LEU A 774 19.22 26.68 -8.57
C LEU A 774 18.57 28.04 -8.37
N ALA A 775 18.87 28.96 -9.29
CA ALA A 775 18.24 30.27 -9.31
C ALA A 775 17.89 30.64 -10.74
N SER A 776 16.83 31.44 -10.89
CA SER A 776 16.31 31.78 -12.20
C SER A 776 15.71 33.18 -12.17
N LEU A 777 15.49 33.74 -13.37
CA LEU A 777 14.78 35.00 -13.50
C LEU A 777 13.71 34.86 -14.57
N ASP A 778 12.50 35.31 -14.23
CA ASP A 778 11.36 35.26 -15.12
C ASP A 778 11.27 36.58 -15.88
N LEU A 779 10.89 37.63 -15.16
CA LEU A 779 10.60 38.92 -15.77
C LEU A 779 11.88 39.75 -15.80
N MET A 780 12.13 40.43 -16.92
CA MET A 780 13.37 41.15 -17.12
C MET A 780 13.17 42.21 -18.19
N ARG A 781 13.22 43.48 -17.76
CA ARG A 781 12.91 44.61 -18.63
C ARG A 781 14.09 45.58 -18.64
N VAL A 782 14.28 46.24 -19.78
CA VAL A 782 15.35 47.21 -19.97
C VAL A 782 14.78 48.45 -20.65
N HIS A 783 15.40 49.60 -20.40
CA HIS A 783 14.97 50.85 -21.02
C HIS A 783 15.45 50.88 -22.47
N PRO A 784 14.60 51.22 -23.45
CA PRO A 784 15.03 51.36 -24.85
C PRO A 784 16.28 52.21 -25.07
N ASP A 785 16.44 53.27 -24.27
CA ASP A 785 17.53 54.22 -24.44
C ASP A 785 18.81 53.73 -23.76
N ALA A 786 18.71 52.63 -23.00
CA ALA A 786 19.85 52.11 -22.26
C ALA A 786 20.97 51.71 -23.22
N PRO A 787 22.26 51.82 -22.81
CA PRO A 787 23.37 51.29 -23.59
C PRO A 787 23.19 49.80 -23.90
N LYS A 788 23.85 49.34 -24.97
CA LYS A 788 23.67 47.99 -25.46
C LYS A 788 24.28 46.98 -24.48
N LEU A 789 25.28 47.43 -23.71
CA LEU A 789 26.02 46.57 -22.80
C LEU A 789 25.41 46.62 -21.39
N THR A 790 24.40 47.46 -21.18
CA THR A 790 23.80 47.64 -19.87
C THR A 790 23.06 46.37 -19.44
N MET A 791 22.30 45.79 -20.38
CA MET A 791 21.54 44.58 -20.09
C MET A 791 22.49 43.44 -19.77
N GLU A 792 23.62 43.39 -20.48
CA GLU A 792 24.62 42.35 -20.30
C GLU A 792 25.32 42.52 -18.94
N PHE A 793 25.50 43.78 -18.51
CA PHE A 793 26.10 44.06 -17.21
C PHE A 793 25.18 43.57 -16.10
N LEU A 794 23.88 43.91 -16.21
CA LEU A 794 22.87 43.44 -15.28
C LEU A 794 22.92 41.92 -15.19
N MET A 795 22.99 41.30 -16.37
CA MET A 795 22.89 39.86 -16.52
C MET A 795 24.11 39.17 -15.91
N LEU A 796 25.30 39.72 -16.16
CA LEU A 796 26.54 39.13 -15.66
C LEU A 796 26.67 39.43 -14.17
N GLY A 797 26.18 40.60 -13.74
CA GLY A 797 26.14 40.97 -12.33
C GLY A 797 25.32 39.99 -11.51
N LEU A 798 24.19 39.55 -12.07
CA LEU A 798 23.36 38.52 -11.46
C LEU A 798 24.19 37.26 -11.26
N ILE A 799 24.90 36.84 -12.31
CA ILE A 799 25.65 35.60 -12.28
C ILE A 799 26.70 35.67 -11.17
N LEU A 800 27.42 36.79 -11.09
CA LEU A 800 28.47 36.95 -10.10
C LEU A 800 27.87 36.98 -8.69
N HIS A 801 26.71 37.63 -8.55
CA HIS A 801 26.05 37.74 -7.26
C HIS A 801 25.69 36.36 -6.74
N TYR A 802 25.16 35.51 -7.63
CA TYR A 802 24.74 34.17 -7.26
C TYR A 802 25.95 33.28 -7.01
N LYS A 803 27.08 33.59 -7.67
CA LYS A 803 28.34 32.95 -7.36
C LYS A 803 28.72 33.26 -5.91
N ALA A 804 28.51 34.53 -5.51
CA ALA A 804 28.89 35.01 -4.19
C ALA A 804 28.11 34.28 -3.10
N GLN A 805 26.79 34.21 -3.25
CA GLN A 805 25.96 33.48 -2.29
C GLN A 805 26.26 31.99 -2.36
N GLY A 806 26.62 31.50 -3.55
CA GLY A 806 27.05 30.13 -3.74
C GLY A 806 25.90 29.22 -4.18
N HIS A 807 25.24 29.63 -5.28
CA HIS A 807 24.24 28.80 -5.93
C HIS A 807 24.90 27.95 -7.01
N ALA A 808 24.58 26.66 -7.01
CA ALA A 808 25.25 25.70 -7.89
C ALA A 808 25.02 26.08 -9.35
N ARG A 809 23.74 26.19 -9.73
CA ARG A 809 23.35 26.43 -11.11
C ARG A 809 22.53 27.72 -11.19
N PHE A 810 22.47 28.30 -12.39
CA PHE A 810 21.70 29.51 -12.63
C PHE A 810 20.95 29.42 -13.96
N SER A 811 19.62 29.28 -13.89
CA SER A 811 18.79 29.09 -15.08
C SER A 811 18.78 30.37 -15.91
N LEU A 812 19.20 30.25 -17.17
CA LEU A 812 19.27 31.38 -18.08
C LEU A 812 17.89 31.63 -18.68
N GLY A 813 17.34 30.62 -19.35
CA GLY A 813 16.08 30.73 -20.06
C GLY A 813 16.00 29.73 -21.20
N MET A 814 14.89 29.74 -21.94
CA MET A 814 14.68 28.79 -23.02
C MET A 814 14.69 29.50 -24.37
N VAL A 815 15.31 28.85 -25.37
CA VAL A 815 15.14 29.21 -26.76
C VAL A 815 14.31 28.11 -27.42
N PRO A 816 13.16 28.43 -28.06
CA PRO A 816 12.37 27.43 -28.77
C PRO A 816 12.98 27.06 -30.13
N LEU A 817 12.33 26.13 -30.83
CA LEU A 817 12.76 25.64 -32.13
C LEU A 817 14.17 25.08 -32.02
N GLN A 847 16.83 33.71 -33.28
CA GLN A 847 18.25 33.30 -33.49
C GLN A 847 19.16 34.05 -32.52
N GLY A 848 18.94 35.37 -32.39
CA GLY A 848 19.76 36.22 -31.55
C GLY A 848 19.83 35.75 -30.10
N LEU A 849 18.70 35.22 -29.59
CA LEU A 849 18.62 34.76 -28.22
C LEU A 849 19.55 33.57 -27.99
N ARG A 850 19.65 32.68 -28.98
CA ARG A 850 20.53 31.52 -28.88
C ARG A 850 21.98 31.98 -28.76
N ARG A 851 22.38 32.97 -29.56
CA ARG A 851 23.76 33.43 -29.59
C ARG A 851 24.07 34.12 -28.26
N PHE A 852 23.12 34.94 -27.79
CA PHE A 852 23.28 35.71 -26.57
C PHE A 852 23.46 34.78 -25.36
N LYS A 853 22.68 33.70 -25.32
CA LYS A 853 22.79 32.74 -24.23
C LYS A 853 24.10 31.97 -24.33
N ASP A 854 24.50 31.64 -25.57
CA ASP A 854 25.69 30.85 -25.81
C ASP A 854 26.94 31.65 -25.44
N LYS A 855 26.82 32.99 -25.42
CA LYS A 855 27.97 33.86 -25.21
C LYS A 855 28.42 33.80 -23.74
N PHE A 856 27.61 33.20 -22.87
CA PHE A 856 28.01 32.99 -21.48
C PHE A 856 28.58 31.59 -21.28
N GLN A 857 28.63 30.79 -22.36
CA GLN A 857 29.11 29.41 -22.30
C GLN A 857 28.29 28.62 -21.29
N PRO A 858 26.97 28.41 -21.54
CA PRO A 858 26.12 27.68 -20.61
C PRO A 858 26.08 26.18 -20.90
N ASP A 859 25.23 25.47 -20.14
CA ASP A 859 24.95 24.07 -20.38
C ASP A 859 23.52 23.96 -20.90
N TRP A 860 23.36 23.32 -22.06
CA TRP A 860 22.06 23.17 -22.69
C TRP A 860 21.36 21.92 -22.15
N GLU A 861 20.03 22.00 -22.09
CA GLU A 861 19.21 20.88 -21.64
C GLU A 861 17.89 20.95 -22.42
N PRO A 862 17.44 19.83 -23.04
CA PRO A 862 16.21 19.85 -23.83
C PRO A 862 14.98 20.09 -22.96
N ARG A 863 13.97 20.74 -23.54
CA ARG A 863 12.69 20.95 -22.87
C ARG A 863 11.58 20.42 -23.77
N TYR A 864 10.69 19.59 -23.22
CA TYR A 864 9.74 18.83 -24.01
C TYR A 864 8.33 19.36 -23.85
N LEU A 865 7.44 18.89 -24.73
CA LEU A 865 6.01 19.14 -24.67
C LEU A 865 5.27 17.81 -24.72
N ALA A 866 4.29 17.63 -23.81
CA ALA A 866 3.57 16.38 -23.71
C ALA A 866 2.14 16.55 -24.23
N VAL A 867 1.80 15.74 -25.24
CA VAL A 867 0.49 15.80 -25.88
C VAL A 867 -0.02 14.38 -26.07
N PRO A 868 -1.36 14.17 -26.08
CA PRO A 868 -1.93 12.85 -26.30
C PRO A 868 -1.30 12.16 -27.52
N ALA A 869 -1.17 10.83 -27.41
CA ALA A 869 -0.31 10.06 -28.29
C ALA A 869 -0.86 10.03 -29.72
N GLY A 870 -2.19 9.91 -29.86
CA GLY A 870 -2.83 9.66 -31.14
C GLY A 870 -2.35 10.58 -32.25
N LEU A 871 -2.98 11.76 -32.37
CA LEU A 871 -2.63 12.75 -33.37
C LEU A 871 -2.99 14.14 -32.86
N ASP A 872 -2.02 14.81 -32.23
CA ASP A 872 -2.15 16.21 -31.84
C ASP A 872 -0.76 16.86 -31.83
N PRO A 873 -0.05 16.91 -32.97
CA PRO A 873 1.32 17.46 -32.99
C PRO A 873 1.37 18.98 -32.99
N LEU A 874 0.54 19.62 -33.82
CA LEU A 874 0.67 21.05 -34.11
C LEU A 874 -0.46 21.84 -33.46
N VAL A 875 -1.69 21.29 -33.47
CA VAL A 875 -2.86 22.00 -32.96
C VAL A 875 -2.61 22.50 -31.54
N ALA A 876 -2.04 21.63 -30.69
CA ALA A 876 -1.81 21.95 -29.30
C ALA A 876 -0.71 23.01 -29.15
N LEU A 877 0.33 22.89 -29.99
CA LEU A 877 1.47 23.79 -29.93
C LEU A 877 1.05 25.19 -30.39
N ALA A 878 0.24 25.25 -31.45
CA ALA A 878 -0.26 26.51 -31.98
C ALA A 878 -1.21 27.17 -30.97
N ASP A 879 -2.03 26.35 -30.31
CA ASP A 879 -3.00 26.83 -29.34
C ASP A 879 -2.28 27.39 -28.11
N THR A 880 -1.20 26.73 -27.69
CA THR A 880 -0.41 27.16 -26.55
C THR A 880 0.35 28.45 -26.90
N ALA A 881 0.82 28.55 -28.14
CA ALA A 881 1.54 29.73 -28.63
C ALA A 881 0.62 30.94 -28.65
N ALA A 882 -0.66 30.71 -28.99
CA ALA A 882 -1.67 31.76 -28.98
C ALA A 882 -1.92 32.22 -27.55
N LEU A 883 -2.03 31.25 -26.62
CA LEU A 883 -2.18 31.55 -25.21
C LEU A 883 -0.82 31.95 -24.63
N ARG B 46 15.96 -14.34 31.47
CA ARG B 46 14.53 -14.44 31.92
C ARG B 46 13.67 -14.98 30.77
N GLN B 47 13.75 -14.30 29.62
CA GLN B 47 12.91 -14.61 28.47
C GLN B 47 13.20 -16.02 27.97
N PRO B 48 14.46 -16.39 27.61
CA PRO B 48 14.76 -17.74 27.14
C PRO B 48 14.49 -18.83 28.18
N ILE B 49 14.76 -18.53 29.45
CA ILE B 49 14.58 -19.48 30.53
C ILE B 49 13.09 -19.77 30.72
N GLY B 50 12.28 -18.71 30.79
CA GLY B 50 10.83 -18.83 30.94
C GLY B 50 10.18 -19.52 29.74
N LEU B 51 10.75 -19.30 28.54
CA LEU B 51 10.28 -19.94 27.33
C LEU B 51 10.55 -21.45 27.40
N VAL B 52 11.81 -21.81 27.69
CA VAL B 52 12.22 -23.20 27.75
C VAL B 52 11.41 -23.93 28.81
N PHE B 53 11.22 -23.30 29.97
CA PHE B 53 10.47 -23.89 31.07
C PHE B 53 9.05 -24.25 30.62
N THR B 54 8.35 -23.29 30.02
CA THR B 54 6.98 -23.49 29.56
C THR B 54 6.96 -24.55 28.47
N LEU B 55 7.92 -24.48 27.54
CA LEU B 55 7.97 -25.41 26.42
C LEU B 55 8.13 -26.84 26.92
N LEU B 56 8.98 -27.04 27.94
CA LEU B 56 9.21 -28.37 28.49
C LEU B 56 7.96 -28.85 29.22
N LEU B 57 7.29 -27.95 29.97
CA LEU B 57 6.08 -28.31 30.68
C LEU B 57 4.99 -28.76 29.71
N PHE B 58 4.88 -28.07 28.58
CA PHE B 58 3.92 -28.43 27.55
C PHE B 58 4.29 -29.80 26.99
N GLY B 59 5.56 -29.97 26.61
CA GLY B 59 6.06 -31.23 26.08
C GLY B 59 5.73 -32.39 27.01
N LEU B 60 5.95 -32.19 28.32
CA LEU B 60 5.71 -33.24 29.30
C LEU B 60 4.21 -33.55 29.33
N ALA B 61 3.37 -32.52 29.31
CA ALA B 61 1.93 -32.70 29.41
C ALA B 61 1.39 -33.45 28.19
N LEU B 62 2.02 -33.24 27.02
CA LEU B 62 1.67 -33.97 25.81
C LEU B 62 1.97 -35.46 26.03
N VAL B 63 3.20 -35.75 26.49
CA VAL B 63 3.62 -37.11 26.74
C VAL B 63 2.69 -37.76 27.77
N ALA B 64 2.28 -36.98 28.78
CA ALA B 64 1.38 -37.51 29.81
C ALA B 64 0.04 -37.90 29.19
N CYS B 65 -0.50 -37.03 28.33
CA CYS B 65 -1.79 -37.29 27.71
C CYS B 65 -1.70 -38.45 26.72
N TYR B 66 -0.55 -38.60 26.05
CA TYR B 66 -0.37 -39.73 25.14
C TYR B 66 -0.41 -41.04 25.93
N HIS B 67 0.33 -41.07 27.04
CA HIS B 67 0.44 -42.27 27.86
C HIS B 67 -0.84 -42.53 28.65
N LEU B 68 -1.74 -41.55 28.69
CA LEU B 68 -2.97 -41.68 29.47
C LEU B 68 -4.13 -42.10 28.56
N LEU B 69 -4.13 -41.64 27.30
CA LEU B 69 -5.15 -42.02 26.34
C LEU B 69 -4.59 -43.06 25.38
N ARG B 70 -3.92 -44.08 25.93
CA ARG B 70 -3.27 -45.10 25.12
C ARG B 70 -4.32 -46.08 24.59
N GLU B 71 -5.30 -46.39 25.45
CA GLU B 71 -6.31 -47.40 25.13
C GLU B 71 -7.27 -46.89 24.08
N ILE B 72 -7.64 -45.60 24.17
CA ILE B 72 -8.67 -45.04 23.32
C ILE B 72 -8.12 -44.83 21.91
N ASP B 73 -8.96 -45.17 20.91
CA ASP B 73 -8.68 -44.92 19.51
C ASP B 73 -9.63 -43.82 19.03
N PRO B 74 -9.28 -43.07 17.96
CA PRO B 74 -10.10 -41.93 17.51
C PRO B 74 -11.56 -42.28 17.25
N GLY B 75 -11.83 -43.51 16.81
CA GLY B 75 -13.19 -43.97 16.60
C GLY B 75 -14.03 -43.82 17.88
N ALA B 76 -13.49 -44.30 19.00
CA ALA B 76 -14.19 -44.27 20.27
C ALA B 76 -14.46 -42.83 20.68
N LEU B 77 -13.46 -41.96 20.44
CA LEU B 77 -13.56 -40.55 20.82
C LEU B 77 -14.68 -39.89 20.02
N HIS B 78 -14.73 -40.15 18.71
CA HIS B 78 -15.75 -39.56 17.86
C HIS B 78 -17.13 -40.00 18.31
N ASP B 79 -17.25 -41.27 18.72
CA ASP B 79 -18.51 -41.81 19.21
C ASP B 79 -18.91 -41.11 20.51
N ALA B 80 -17.91 -40.83 21.35
CA ALA B 80 -18.14 -40.15 22.62
C ALA B 80 -18.63 -38.73 22.38
N ILE B 81 -18.06 -38.05 21.38
CA ILE B 81 -18.43 -36.69 21.05
C ILE B 81 -19.86 -36.68 20.52
N ALA B 82 -20.21 -37.68 19.70
CA ALA B 82 -21.53 -37.76 19.10
C ALA B 82 -22.58 -38.14 20.14
N ASP B 83 -22.13 -38.80 21.22
CA ASP B 83 -23.03 -39.31 22.25
C ASP B 83 -23.73 -38.16 22.96
N VAL B 84 -23.01 -37.06 23.19
CA VAL B 84 -23.52 -35.96 24.01
C VAL B 84 -24.86 -35.50 23.45
N PRO B 85 -25.91 -35.37 24.31
CA PRO B 85 -27.24 -34.93 23.85
C PRO B 85 -27.30 -33.43 23.59
N ARG B 86 -28.35 -33.00 22.87
CA ARG B 86 -28.51 -31.60 22.47
C ARG B 86 -28.77 -30.71 23.68
N PRO B 87 -29.62 -31.12 24.66
CA PRO B 87 -29.85 -30.30 25.86
C PRO B 87 -28.58 -30.02 26.67
N ALA B 88 -27.65 -30.98 26.66
CA ALA B 88 -26.37 -30.83 27.36
C ALA B 88 -25.51 -29.77 26.68
N LEU B 89 -25.46 -29.80 25.35
CA LEU B 89 -24.71 -28.81 24.59
C LEU B 89 -25.31 -27.43 24.81
N LEU B 90 -26.63 -27.32 24.67
CA LEU B 90 -27.33 -26.05 24.83
C LEU B 90 -27.23 -25.56 26.27
N GLY B 91 -27.08 -26.50 27.22
CA GLY B 91 -26.87 -26.14 28.61
C GLY B 91 -25.49 -25.54 28.83
N ALA B 92 -24.46 -26.19 28.27
CA ALA B 92 -23.09 -25.73 28.39
C ALA B 92 -22.92 -24.39 27.68
N LEU B 93 -23.57 -24.25 26.52
CA LEU B 93 -23.50 -23.03 25.73
C LEU B 93 -24.14 -21.87 26.51
N SER B 94 -25.12 -22.20 27.35
CA SER B 94 -25.80 -21.20 28.17
C SER B 94 -24.97 -20.89 29.42
N ALA B 95 -24.36 -21.91 30.03
CA ALA B 95 -23.58 -21.73 31.24
C ALA B 95 -22.31 -20.95 30.95
N THR B 96 -21.84 -21.01 29.70
CA THR B 96 -20.72 -20.20 29.24
C THR B 96 -21.11 -18.73 29.33
N ALA B 97 -22.30 -18.40 28.79
CA ALA B 97 -22.79 -17.03 28.79
C ALA B 97 -22.93 -16.53 30.22
N LEU B 98 -23.57 -17.33 31.09
CA LEU B 98 -23.75 -16.96 32.48
C LEU B 98 -22.40 -16.67 33.14
N GLY B 99 -21.43 -17.56 32.91
CA GLY B 99 -20.12 -17.45 33.51
C GLY B 99 -19.33 -16.25 33.01
N PHE B 100 -19.63 -15.80 31.78
CA PHE B 100 -18.96 -14.64 31.21
C PHE B 100 -19.65 -13.34 31.64
N VAL B 101 -20.94 -13.41 31.97
CA VAL B 101 -21.65 -12.26 32.50
C VAL B 101 -21.19 -11.99 33.93
N ILE B 102 -20.80 -13.06 34.65
CA ILE B 102 -20.25 -12.91 36.00
C ILE B 102 -18.85 -12.32 35.94
N LEU B 103 -18.17 -12.46 34.80
CA LEU B 103 -16.83 -11.91 34.65
C LEU B 103 -16.88 -10.38 34.48
N LEU B 104 -18.05 -9.82 34.18
CA LEU B 104 -18.19 -8.38 34.14
C LEU B 104 -18.06 -7.80 35.54
N GLY B 105 -18.71 -8.44 36.52
CA GLY B 105 -18.57 -8.07 37.92
C GLY B 105 -17.12 -8.11 38.39
N TYR B 106 -16.33 -8.99 37.77
CA TYR B 106 -14.91 -9.08 38.05
C TYR B 106 -14.24 -7.76 37.69
N GLU B 107 -14.65 -7.17 36.55
CA GLU B 107 -14.11 -5.91 36.09
C GLU B 107 -14.65 -4.77 36.98
N TRP B 108 -15.92 -4.89 37.38
CA TRP B 108 -16.56 -3.90 38.22
C TRP B 108 -15.81 -3.74 39.55
N SER B 109 -15.37 -4.87 40.13
CA SER B 109 -14.62 -4.87 41.37
C SER B 109 -13.28 -4.16 41.19
N ALA B 110 -12.66 -4.35 40.02
CA ALA B 110 -11.38 -3.72 39.73
C ALA B 110 -11.56 -2.22 39.55
N SER B 111 -12.65 -1.84 38.87
CA SER B 111 -12.94 -0.44 38.64
C SER B 111 -13.12 0.29 39.97
N ARG B 112 -13.81 -0.38 40.91
CA ARG B 112 -14.11 0.21 42.21
C ARG B 112 -12.83 0.30 43.04
N PHE B 113 -11.97 -0.73 42.95
CA PHE B 113 -10.75 -0.80 43.71
C PHE B 113 -9.79 0.31 43.30
N ALA B 114 -9.59 0.46 41.99
CA ALA B 114 -8.66 1.43 41.46
C ALA B 114 -9.24 2.84 41.53
N GLY B 115 -10.57 2.92 41.61
CA GLY B 115 -11.27 4.21 41.65
C GLY B 115 -11.31 4.84 40.27
N VAL B 116 -11.90 4.12 39.32
CA VAL B 116 -12.04 4.57 37.95
C VAL B 116 -13.53 4.67 37.63
N THR B 117 -13.96 5.88 37.24
CA THR B 117 -15.34 6.08 36.83
C THR B 117 -15.42 5.92 35.30
N LEU B 118 -16.14 4.88 34.87
CA LEU B 118 -16.32 4.61 33.45
C LEU B 118 -17.80 4.36 33.16
N PRO B 119 -18.26 4.57 31.90
CA PRO B 119 -19.59 4.15 31.48
C PRO B 119 -19.75 2.63 31.54
N MET B 120 -20.98 2.16 31.72
CA MET B 120 -21.25 0.75 31.91
C MET B 120 -20.99 -0.02 30.61
N ARG B 121 -21.31 0.61 29.47
CA ARG B 121 -21.09 0.00 28.18
C ARG B 121 -19.59 -0.20 27.94
N SER B 122 -18.79 0.80 28.33
CA SER B 122 -17.35 0.76 28.14
C SER B 122 -16.72 -0.28 29.06
N LEU B 123 -17.16 -0.32 30.33
CA LEU B 123 -16.63 -1.28 31.29
C LEU B 123 -16.94 -2.69 30.83
N ALA B 124 -18.17 -2.90 30.35
CA ALA B 124 -18.61 -4.20 29.88
C ALA B 124 -17.71 -4.66 28.73
N THR B 125 -17.58 -3.80 27.72
CA THR B 125 -16.79 -4.14 26.55
C THR B 125 -15.37 -4.50 26.96
N GLY B 126 -14.77 -3.65 27.80
CA GLY B 126 -13.41 -3.86 28.26
C GLY B 126 -13.27 -5.18 29.01
N GLY B 127 -14.16 -5.41 29.99
CA GLY B 127 -14.15 -6.61 30.80
C GLY B 127 -14.23 -7.87 29.94
N PHE B 128 -15.24 -7.92 29.06
CA PHE B 128 -15.46 -9.07 28.22
C PHE B 128 -14.24 -9.33 27.36
N SER B 129 -13.77 -8.31 26.63
CA SER B 129 -12.71 -8.49 25.65
C SER B 129 -11.38 -8.86 26.31
N ALA B 130 -11.12 -8.29 27.49
CA ALA B 130 -9.87 -8.53 28.19
C ALA B 130 -9.83 -9.96 28.73
N PHE B 131 -10.94 -10.41 29.32
CA PHE B 131 -11.03 -11.75 29.88
C PHE B 131 -11.01 -12.80 28.76
N ALA B 132 -11.78 -12.53 27.72
CA ALA B 132 -11.90 -13.47 26.62
C ALA B 132 -10.54 -13.71 25.98
N ILE B 133 -9.77 -12.65 25.76
CA ILE B 133 -8.52 -12.76 25.03
C ILE B 133 -7.38 -13.14 25.96
N GLY B 134 -7.49 -12.79 27.23
CA GLY B 134 -6.52 -13.23 28.20
C GLY B 134 -6.56 -14.74 28.40
N ASN B 135 -7.79 -15.27 28.55
CA ASN B 135 -8.01 -16.66 28.91
C ASN B 135 -7.48 -17.59 27.82
N ALA B 136 -7.47 -17.10 26.58
CA ALA B 136 -7.20 -17.96 25.44
C ALA B 136 -5.74 -17.89 25.04
N VAL B 137 -5.23 -16.68 24.81
CA VAL B 137 -3.93 -16.51 24.20
C VAL B 137 -3.02 -15.76 25.17
N GLY B 138 -3.13 -16.12 26.45
CA GLY B 138 -2.55 -15.35 27.54
C GLY B 138 -1.04 -15.20 27.42
N LEU B 139 -0.59 -13.92 27.37
CA LEU B 139 0.81 -13.54 27.49
C LEU B 139 1.60 -13.80 26.20
N SER B 140 0.97 -14.42 25.19
CA SER B 140 1.63 -14.68 23.92
C SER B 140 1.34 -13.53 22.96
N LEU B 141 0.05 -13.32 22.67
CA LEU B 141 -0.41 -12.22 21.84
C LEU B 141 -1.53 -11.50 22.56
N LEU B 142 -1.37 -10.17 22.73
CA LEU B 142 -2.45 -9.30 23.16
C LEU B 142 -3.06 -9.82 24.46
N SER B 143 -2.32 -9.63 25.56
CA SER B 143 -2.77 -10.02 26.89
C SER B 143 -3.95 -9.17 27.32
N GLY B 144 -4.61 -9.60 28.40
CA GLY B 144 -5.78 -8.93 28.92
C GLY B 144 -5.48 -7.50 29.36
N GLY B 145 -4.27 -7.30 29.92
CA GLY B 145 -3.82 -5.98 30.33
C GLY B 145 -3.75 -5.01 29.16
N SER B 146 -3.15 -5.47 28.05
CA SER B 146 -3.01 -4.67 26.86
C SER B 146 -4.37 -4.23 26.33
N VAL B 147 -5.35 -5.15 26.36
CA VAL B 147 -6.67 -4.89 25.83
C VAL B 147 -7.39 -3.90 26.72
N ARG B 148 -7.23 -4.02 28.04
CA ARG B 148 -7.78 -3.04 28.96
C ARG B 148 -7.17 -1.67 28.66
N TYR B 149 -5.84 -1.62 28.55
CA TYR B 149 -5.11 -0.37 28.45
C TYR B 149 -5.38 0.32 27.11
N ARG B 150 -5.63 -0.45 26.05
CA ARG B 150 -6.02 0.12 24.77
C ARG B 150 -7.42 0.73 24.86
N LEU B 151 -8.38 -0.05 25.37
CA LEU B 151 -9.79 0.31 25.34
C LEU B 151 -10.07 1.48 26.28
N TYR B 152 -9.34 1.54 27.40
CA TYR B 152 -9.65 2.48 28.47
C TYR B 152 -8.81 3.76 28.37
N SER B 153 -7.83 3.80 27.46
CA SER B 153 -7.03 4.99 27.27
C SER B 153 -7.73 5.99 26.35
N ARG B 154 -8.81 5.57 25.68
CA ARG B 154 -9.63 6.49 24.89
C ARG B 154 -10.40 7.43 25.82
N HIS B 155 -10.83 6.91 26.97
CA HIS B 155 -11.58 7.72 27.92
C HIS B 155 -10.64 8.64 28.70
N GLY B 156 -9.33 8.37 28.63
CA GLY B 156 -8.33 9.21 29.24
C GLY B 156 -8.09 8.83 30.70
N ILE B 157 -7.99 7.52 30.94
CA ILE B 157 -7.68 7.00 32.25
C ILE B 157 -6.16 6.84 32.34
N GLY B 158 -5.61 7.06 33.54
CA GLY B 158 -4.18 7.00 33.77
C GLY B 158 -3.66 5.57 33.63
N ALA B 159 -2.41 5.45 33.18
CA ALA B 159 -1.78 4.16 32.98
C ALA B 159 -1.62 3.42 34.30
N ALA B 160 -1.39 4.18 35.38
CA ALA B 160 -1.24 3.60 36.71
C ALA B 160 -2.56 3.01 37.20
N GLU B 161 -3.67 3.67 36.88
CA GLU B 161 -4.99 3.20 37.28
C GLU B 161 -5.29 1.86 36.60
N ILE B 162 -5.17 1.84 35.27
CA ILE B 162 -5.42 0.64 34.50
C ILE B 162 -4.49 -0.47 35.02
N ALA B 163 -3.21 -0.17 35.14
CA ALA B 163 -2.26 -1.16 35.61
C ALA B 163 -2.78 -1.79 36.90
N ARG B 164 -3.26 -0.95 37.82
CA ARG B 164 -3.74 -1.40 39.11
C ARG B 164 -4.96 -2.30 38.90
N MET B 165 -5.86 -1.89 37.99
CA MET B 165 -7.06 -2.66 37.70
C MET B 165 -6.68 -4.07 37.26
N THR B 166 -5.77 -4.17 36.28
CA THR B 166 -5.36 -5.46 35.76
C THR B 166 -4.72 -6.29 36.87
N LEU B 167 -3.79 -5.70 37.62
CA LEU B 167 -3.10 -6.42 38.69
C LEU B 167 -4.11 -6.98 39.69
N PHE B 168 -5.13 -6.19 40.01
CA PHE B 168 -6.15 -6.63 40.95
C PHE B 168 -6.95 -7.80 40.36
N ALA B 169 -7.33 -7.68 39.09
CA ALA B 169 -8.14 -8.70 38.44
C ALA B 169 -7.40 -10.03 38.38
N SER B 170 -6.09 -9.96 38.12
CA SER B 170 -5.26 -11.16 38.04
C SER B 170 -5.09 -11.79 39.41
N LEU B 171 -4.58 -11.01 40.37
CA LEU B 171 -4.22 -11.53 41.67
C LEU B 171 -5.46 -11.98 42.45
N SER B 172 -6.64 -11.45 42.09
CA SER B 172 -7.88 -11.84 42.72
C SER B 172 -8.07 -13.35 42.59
N LEU B 173 -8.03 -13.85 41.35
CA LEU B 173 -8.15 -15.28 41.10
C LEU B 173 -6.94 -16.01 41.65
N GLY B 174 -5.75 -15.42 41.46
CA GLY B 174 -4.49 -16.04 41.85
C GLY B 174 -4.40 -16.35 43.34
N CYS B 175 -5.11 -15.57 44.17
CA CYS B 175 -5.09 -15.73 45.62
C CYS B 175 -6.37 -16.37 46.15
N ALA B 176 -7.47 -16.31 45.38
CA ALA B 176 -8.74 -16.84 45.82
C ALA B 176 -8.95 -18.28 45.34
N LEU B 177 -7.97 -18.81 44.59
CA LEU B 177 -8.08 -20.15 44.04
C LEU B 177 -7.84 -21.17 45.15
N PRO B 178 -6.75 -21.09 45.95
CA PRO B 178 -6.50 -22.06 47.00
C PRO B 178 -7.56 -22.08 48.11
N VAL B 179 -8.13 -20.90 48.41
CA VAL B 179 -9.12 -20.78 49.47
C VAL B 179 -10.38 -21.54 49.07
N LEU B 180 -10.83 -21.36 47.82
CA LEU B 180 -12.00 -22.05 47.32
C LEU B 180 -11.74 -23.55 47.21
N ALA B 181 -10.49 -23.91 46.87
CA ALA B 181 -10.08 -25.30 46.78
C ALA B 181 -10.21 -25.99 48.13
N ALA B 182 -9.77 -25.29 49.18
CA ALA B 182 -9.82 -25.80 50.54
C ALA B 182 -11.27 -25.87 51.03
N LEU B 183 -12.08 -24.86 50.67
CA LEU B 183 -13.48 -24.82 51.09
C LEU B 183 -14.24 -25.98 50.46
N ALA B 184 -13.96 -26.26 49.18
CA ALA B 184 -14.58 -27.38 48.48
C ALA B 184 -14.14 -28.70 49.09
N ALA B 185 -12.86 -28.78 49.49
CA ALA B 185 -12.29 -29.98 50.07
C ALA B 185 -12.97 -30.31 51.40
N LEU B 186 -13.34 -29.27 52.16
CA LEU B 186 -13.94 -29.45 53.48
C LEU B 186 -15.32 -30.09 53.38
N CYS B 187 -15.97 -29.96 52.22
CA CYS B 187 -17.24 -30.63 51.96
C CYS B 187 -16.98 -32.04 51.43
N ASP B 188 -17.42 -33.05 52.19
CA ASP B 188 -17.33 -34.45 51.80
C ASP B 188 -15.86 -34.81 51.57
N LEU B 189 -15.13 -34.97 52.69
CA LEU B 189 -13.70 -35.27 52.65
C LEU B 189 -13.44 -36.61 51.95
N ASP B 190 -14.35 -37.57 52.14
CA ASP B 190 -14.17 -38.93 51.62
C ASP B 190 -14.11 -38.90 50.09
N ASP B 191 -14.95 -38.07 49.47
CA ASP B 191 -15.04 -38.00 48.02
C ASP B 191 -13.80 -37.30 47.47
N ALA B 192 -13.35 -36.26 48.19
CA ALA B 192 -12.16 -35.51 47.80
C ALA B 192 -10.92 -36.41 47.90
N ALA B 193 -10.85 -37.21 48.98
CA ALA B 193 -9.73 -38.10 49.21
C ALA B 193 -9.67 -39.17 48.12
N SER B 194 -10.84 -39.67 47.71
CA SER B 194 -10.94 -40.67 46.66
C SER B 194 -10.45 -40.10 45.34
N ALA B 195 -10.82 -38.85 45.07
CA ALA B 195 -10.48 -38.17 43.82
C ALA B 195 -8.96 -37.95 43.73
N LEU B 196 -8.38 -37.44 44.81
CA LEU B 196 -6.96 -37.10 44.83
C LEU B 196 -6.10 -38.35 45.06
N HIS B 197 -6.73 -39.43 45.52
CA HIS B 197 -6.03 -40.67 45.84
C HIS B 197 -5.03 -40.41 46.97
N LEU B 198 -5.49 -39.68 47.99
CA LEU B 198 -4.68 -39.36 49.15
C LEU B 198 -5.46 -39.72 50.43
N PRO B 199 -4.79 -39.89 51.58
CA PRO B 199 -5.48 -40.12 52.86
C PRO B 199 -6.39 -38.96 53.24
N ARG B 200 -7.51 -39.28 53.91
CA ARG B 200 -8.49 -38.29 54.32
C ARG B 200 -7.87 -37.30 55.31
N ALA B 201 -7.02 -37.83 56.20
CA ALA B 201 -6.38 -37.02 57.23
C ALA B 201 -5.49 -35.96 56.59
N LEU B 202 -4.71 -36.36 55.57
CA LEU B 202 -3.72 -35.47 54.96
C LEU B 202 -4.41 -34.30 54.26
N VAL B 203 -5.47 -34.59 53.49
CA VAL B 203 -6.18 -33.56 52.74
C VAL B 203 -6.96 -32.68 53.71
N ALA B 204 -7.43 -33.26 54.82
CA ALA B 204 -8.16 -32.50 55.83
C ALA B 204 -7.24 -31.47 56.48
N VAL B 205 -6.06 -31.90 56.91
CA VAL B 205 -5.13 -31.03 57.62
C VAL B 205 -4.55 -29.98 56.67
N ILE B 206 -4.41 -30.33 55.39
CA ILE B 206 -3.95 -29.39 54.38
C ILE B 206 -4.99 -28.28 54.23
N ALA B 207 -6.26 -28.65 54.16
CA ALA B 207 -7.35 -27.69 54.05
C ALA B 207 -7.39 -26.79 55.28
N ILE B 208 -7.21 -27.39 56.46
CA ILE B 208 -7.21 -26.65 57.72
C ILE B 208 -6.01 -25.70 57.76
N ALA B 209 -4.86 -26.16 57.26
CA ALA B 209 -3.64 -25.36 57.25
C ALA B 209 -3.80 -24.17 56.30
N VAL B 210 -4.49 -24.38 55.19
CA VAL B 210 -4.68 -23.34 54.19
C VAL B 210 -5.61 -22.26 54.72
N LEU B 211 -6.74 -22.66 55.31
CA LEU B 211 -7.72 -21.69 55.80
C LEU B 211 -7.14 -20.95 57.01
N SER B 212 -6.29 -21.62 57.79
CA SER B 212 -5.64 -21.00 58.95
C SER B 212 -4.65 -19.92 58.50
N LEU B 213 -3.90 -20.22 57.43
CA LEU B 213 -2.95 -19.28 56.86
C LEU B 213 -3.69 -18.10 56.23
N ALA B 214 -4.86 -18.37 55.63
CA ALA B 214 -5.66 -17.33 54.99
C ALA B 214 -6.15 -16.31 56.02
N VAL B 215 -6.77 -16.81 57.10
CA VAL B 215 -7.32 -15.95 58.14
C VAL B 215 -6.18 -15.27 58.90
N GLY B 216 -5.04 -15.96 59.02
CA GLY B 216 -3.86 -15.41 59.69
C GLY B 216 -3.27 -14.21 58.96
N LEU B 217 -3.22 -14.31 57.62
CA LEU B 217 -2.74 -13.22 56.77
C LEU B 217 -3.75 -12.07 56.78
N VAL B 218 -5.04 -12.39 56.81
CA VAL B 218 -6.10 -11.38 56.84
C VAL B 218 -6.01 -10.59 58.15
N ALA B 219 -5.76 -11.29 59.26
CA ALA B 219 -5.62 -10.65 60.55
C ALA B 219 -4.35 -9.80 60.58
N PHE B 220 -3.27 -10.30 59.95
CA PHE B 220 -1.98 -9.64 59.97
C PHE B 220 -2.01 -8.33 59.19
N LEU B 221 -2.73 -8.31 58.06
CA LEU B 221 -2.85 -7.09 57.26
C LEU B 221 -3.86 -6.14 57.89
N ALA B 222 -4.79 -6.69 58.68
CA ALA B 222 -5.78 -5.88 59.40
C ALA B 222 -5.13 -5.16 60.58
N ARG B 223 -4.07 -5.76 61.14
CA ARG B 223 -3.33 -5.15 62.24
C ARG B 223 -2.69 -3.84 61.79
N HIS B 224 -2.01 -3.87 60.63
CA HIS B 224 -1.30 -2.72 60.11
C HIS B 224 -2.21 -1.91 59.18
N ARG B 225 -3.37 -1.50 59.70
CA ARG B 225 -4.34 -0.75 58.92
C ARG B 225 -4.26 0.73 59.33
N LEU B 226 -3.76 1.57 58.42
CA LEU B 226 -3.68 3.00 58.64
C LEU B 226 -5.08 3.60 58.49
N PRO B 227 -5.60 4.32 59.51
CA PRO B 227 -6.91 4.96 59.41
C PRO B 227 -6.85 6.31 58.71
N GLY B 228 -8.03 6.87 58.43
CA GLY B 228 -8.16 8.20 57.85
C GLY B 228 -8.08 8.19 56.33
N GLU B 229 -6.85 8.11 55.81
CA GLU B 229 -6.59 8.23 54.39
C GLU B 229 -7.10 7.00 53.65
N ARG B 230 -7.80 7.22 52.53
CA ARG B 230 -8.39 6.17 51.71
C ARG B 230 -8.36 6.62 50.26
N PRO B 231 -7.45 6.09 49.41
CA PRO B 231 -7.33 6.51 48.02
C PRO B 231 -8.64 6.46 47.24
N SER B 232 -9.45 5.44 47.52
CA SER B 232 -10.79 5.33 46.97
C SER B 232 -11.76 4.94 48.10
N PRO B 233 -13.09 5.10 47.90
CA PRO B 233 -14.07 4.64 48.88
C PRO B 233 -13.88 3.20 49.35
N ASP B 234 -13.48 2.32 48.41
CA ASP B 234 -13.23 0.91 48.72
C ASP B 234 -11.75 0.61 48.55
N SER B 235 -10.94 0.99 49.55
CA SER B 235 -9.51 0.74 49.53
C SER B 235 -8.90 1.05 50.90
N LEU B 236 -8.05 0.14 51.38
CA LEU B 236 -7.27 0.37 52.59
C LEU B 236 -5.80 0.45 52.21
N LEU B 237 -5.04 1.26 52.96
CA LEU B 237 -3.60 1.31 52.83
C LEU B 237 -2.99 0.66 54.07
N VAL B 238 -1.99 -0.21 53.84
CA VAL B 238 -1.31 -0.91 54.92
C VAL B 238 0.16 -0.50 54.92
N ARG B 239 0.71 -0.35 56.13
CA ARG B 239 2.08 0.10 56.31
C ARG B 239 2.88 -1.02 56.98
N LEU B 240 3.90 -1.53 56.26
CA LEU B 240 4.75 -2.58 56.78
C LEU B 240 6.05 -2.00 57.33
N GLY B 241 6.53 -0.91 56.71
CA GLY B 241 7.75 -0.23 57.16
C GLY B 241 8.56 0.32 56.00
N ARG B 242 8.56 -0.40 54.87
CA ARG B 242 9.35 -0.04 53.70
C ARG B 242 8.48 0.73 52.71
N ARG B 243 7.37 0.11 52.28
CA ARG B 243 6.46 0.71 51.33
C ARG B 243 5.02 0.57 51.82
N SER B 244 4.16 1.51 51.40
CA SER B 244 2.74 1.46 51.68
C SER B 244 2.03 0.69 50.55
N LEU B 245 1.30 -0.37 50.93
CA LEU B 245 0.64 -1.24 49.96
C LEU B 245 -0.87 -1.00 50.00
N ARG B 246 -1.53 -1.25 48.88
CA ARG B 246 -2.95 -0.99 48.74
C ARG B 246 -3.72 -2.32 48.66
N LEU B 247 -4.58 -2.56 49.64
CA LEU B 247 -5.40 -3.76 49.72
C LEU B 247 -6.87 -3.38 49.59
N PRO B 248 -7.74 -4.30 49.09
CA PRO B 248 -9.18 -4.06 49.07
C PRO B 248 -9.78 -3.94 50.47
N GLY B 249 -10.95 -3.30 50.55
CA GLY B 249 -11.73 -3.24 51.77
C GLY B 249 -12.47 -4.55 52.04
N LEU B 250 -13.07 -4.66 53.22
CA LEU B 250 -13.76 -5.88 53.62
C LEU B 250 -14.93 -6.15 52.69
N ARG B 251 -15.74 -5.11 52.42
CA ARG B 251 -16.94 -5.27 51.59
C ARG B 251 -16.54 -5.70 50.19
N LEU B 252 -15.54 -5.04 49.62
CA LEU B 252 -15.07 -5.35 48.28
C LEU B 252 -14.46 -6.75 48.23
N SER B 253 -13.68 -7.10 49.26
CA SER B 253 -13.04 -8.40 49.33
C SER B 253 -14.08 -9.52 49.32
N LEU B 254 -15.16 -9.34 50.09
CA LEU B 254 -16.21 -10.33 50.19
C LEU B 254 -16.99 -10.42 48.88
N LEU B 255 -17.21 -9.27 48.23
CA LEU B 255 -18.00 -9.24 47.01
C LEU B 255 -17.23 -9.90 45.88
N GLN B 256 -15.91 -9.65 45.80
CA GLN B 256 -15.09 -10.24 44.75
C GLN B 256 -14.97 -11.75 44.96
N LEU B 257 -14.98 -12.19 46.23
CA LEU B 257 -14.81 -13.59 46.56
C LEU B 257 -16.08 -14.36 46.19
N LEU B 258 -17.23 -13.70 46.31
CA LEU B 258 -18.49 -14.25 45.83
C LEU B 258 -18.45 -14.32 44.31
N ILE B 259 -17.93 -13.26 43.67
CA ILE B 259 -17.84 -13.19 42.23
C ILE B 259 -16.94 -14.30 41.72
N THR B 260 -15.79 -14.50 42.38
CA THR B 260 -14.85 -15.54 41.99
C THR B 260 -15.50 -16.91 42.14
N ALA B 261 -16.28 -17.09 43.21
CA ALA B 261 -16.95 -18.36 43.48
C ALA B 261 -17.96 -18.66 42.38
N LEU B 262 -18.78 -17.67 42.02
CA LEU B 262 -19.77 -17.85 40.98
C LEU B 262 -19.10 -18.10 39.63
N ASP B 263 -17.96 -17.44 39.40
CA ASP B 263 -17.24 -17.55 38.13
C ASP B 263 -16.75 -18.99 37.95
N VAL B 264 -16.03 -19.50 38.96
CA VAL B 264 -15.41 -20.80 38.86
C VAL B 264 -16.47 -21.90 38.88
N ALA B 265 -17.59 -21.63 39.55
CA ALA B 265 -18.72 -22.55 39.59
C ALA B 265 -19.30 -22.73 38.19
N ALA B 266 -19.59 -21.61 37.53
CA ALA B 266 -20.14 -21.63 36.19
C ALA B 266 -19.16 -22.30 35.23
N ALA B 267 -17.88 -22.00 35.39
CA ALA B 267 -16.84 -22.58 34.54
C ALA B 267 -16.83 -24.10 34.69
N ALA B 268 -16.86 -24.57 35.94
CA ALA B 268 -16.84 -25.99 36.23
C ALA B 268 -18.13 -26.65 35.75
N THR B 269 -19.26 -25.94 35.88
CA THR B 269 -20.56 -26.46 35.48
C THR B 269 -20.58 -26.73 33.98
N VAL B 270 -19.94 -25.86 33.20
CA VAL B 270 -19.84 -26.06 31.76
C VAL B 270 -19.30 -27.46 31.52
N LEU B 271 -18.19 -27.81 32.20
CA LEU B 271 -17.54 -29.09 31.98
C LEU B 271 -18.35 -30.22 32.62
N TYR B 272 -19.13 -29.89 33.65
CA TYR B 272 -19.94 -30.87 34.36
C TYR B 272 -21.05 -31.41 33.46
N LEU B 273 -21.72 -30.50 32.74
CA LEU B 273 -22.86 -30.88 31.90
C LEU B 273 -22.44 -31.80 30.76
N LEU B 274 -21.20 -31.66 30.29
CA LEU B 274 -20.71 -32.40 29.14
C LEU B 274 -20.50 -33.87 29.48
N LEU B 275 -20.24 -34.17 30.76
CA LEU B 275 -20.01 -35.53 31.20
C LEU B 275 -21.34 -36.28 31.31
N PRO B 276 -21.45 -37.50 30.73
CA PRO B 276 -22.66 -38.32 30.88
C PRO B 276 -22.85 -38.79 32.32
N GLU B 277 -21.83 -39.47 32.86
CA GLU B 277 -21.80 -39.84 34.27
C GLU B 277 -21.14 -38.71 35.04
N THR B 278 -21.73 -38.36 36.19
CA THR B 278 -21.31 -37.19 36.95
C THR B 278 -20.77 -37.64 38.31
N PRO B 279 -19.48 -37.36 38.64
CA PRO B 279 -18.98 -37.61 39.98
C PRO B 279 -19.53 -36.59 40.96
N PRO B 280 -19.30 -36.75 42.29
CA PRO B 280 -19.72 -35.75 43.29
C PRO B 280 -19.17 -34.36 42.97
N PHE B 281 -20.01 -33.32 43.17
CA PHE B 281 -19.71 -31.99 42.70
C PHE B 281 -18.49 -31.43 43.42
N ALA B 282 -18.38 -31.74 44.72
CA ALA B 282 -17.31 -31.22 45.56
C ALA B 282 -15.95 -31.64 45.01
N ALA B 283 -15.77 -32.95 44.81
CA ALA B 283 -14.51 -33.50 44.36
C ALA B 283 -14.18 -32.96 42.97
N PHE B 284 -15.17 -32.98 42.08
CA PHE B 284 -15.00 -32.53 40.71
C PHE B 284 -14.50 -31.09 40.71
N LEU B 285 -15.17 -30.22 41.49
CA LEU B 285 -14.80 -28.82 41.59
C LEU B 285 -13.39 -28.69 42.13
N LEU B 286 -13.07 -29.49 43.16
CA LEU B 286 -11.74 -29.48 43.75
C LEU B 286 -10.69 -29.69 42.66
N VAL B 287 -10.91 -30.70 41.81
CA VAL B 287 -9.90 -31.08 40.82
C VAL B 287 -9.85 -30.00 39.74
N TYR B 288 -11.01 -29.47 39.37
CA TYR B 288 -11.07 -28.40 38.39
C TYR B 288 -10.21 -27.23 38.85
N LEU B 289 -10.40 -26.81 40.11
CA LEU B 289 -9.62 -25.73 40.71
C LEU B 289 -8.13 -26.06 40.64
N LEU B 290 -7.75 -27.27 41.04
CA LEU B 290 -6.35 -27.66 41.02
C LEU B 290 -5.82 -27.60 39.58
N ALA B 291 -6.60 -28.14 38.64
CA ALA B 291 -6.17 -28.23 37.26
C ALA B 291 -5.98 -26.82 36.69
N LEU B 292 -6.94 -25.94 36.97
CA LEU B 292 -6.89 -24.56 36.49
C LEU B 292 -5.62 -23.90 36.99
N ALA B 293 -5.38 -24.04 38.30
CA ALA B 293 -4.17 -23.54 38.92
C ALA B 293 -2.94 -24.05 38.15
N ALA B 294 -2.87 -25.37 38.00
CA ALA B 294 -1.72 -26.02 37.39
C ALA B 294 -1.47 -25.48 35.98
N GLY B 295 -2.56 -25.25 35.25
CA GLY B 295 -2.46 -24.72 33.90
C GLY B 295 -1.94 -23.29 33.87
N VAL B 296 -2.41 -22.46 34.82
CA VAL B 296 -2.03 -21.07 34.88
C VAL B 296 -0.54 -20.95 35.23
N LEU B 297 -0.11 -21.75 36.22
CA LEU B 297 1.27 -21.69 36.69
C LEU B 297 2.20 -22.15 35.57
N SER B 298 1.72 -23.07 34.71
CA SER B 298 2.54 -23.63 33.66
C SER B 298 2.95 -22.58 32.63
N HIS B 299 2.20 -21.46 32.60
CA HIS B 299 2.47 -20.37 31.66
C HIS B 299 2.31 -20.86 30.22
N VAL B 300 1.45 -21.86 30.01
CA VAL B 300 1.06 -22.27 28.68
C VAL B 300 -0.07 -21.36 28.22
N PRO B 301 0.02 -20.75 27.01
CA PRO B 301 -0.90 -19.70 26.59
C PRO B 301 -2.36 -19.94 26.97
N GLY B 302 -2.91 -21.09 26.58
CA GLY B 302 -4.32 -21.37 26.81
C GLY B 302 -4.56 -22.19 28.08
N GLY B 303 -3.47 -22.72 28.66
CA GLY B 303 -3.56 -23.72 29.70
C GLY B 303 -3.79 -25.11 29.10
N VAL B 304 -3.61 -25.22 27.79
CA VAL B 304 -3.82 -26.46 27.05
C VAL B 304 -2.66 -27.41 27.30
N GLY B 305 -2.95 -28.71 27.26
CA GLY B 305 -1.95 -29.73 27.56
C GLY B 305 -1.96 -30.11 29.04
N VAL B 306 -1.74 -29.10 29.90
CA VAL B 306 -1.58 -29.35 31.32
C VAL B 306 -2.94 -29.54 31.97
N PHE B 307 -3.87 -28.61 31.69
CA PHE B 307 -5.20 -28.70 32.28
C PHE B 307 -5.86 -30.03 31.95
N GLU B 308 -5.69 -30.49 30.71
CA GLU B 308 -6.29 -31.74 30.25
C GLU B 308 -5.58 -32.91 30.89
N ALA B 309 -4.27 -32.81 31.08
CA ALA B 309 -3.50 -33.88 31.69
C ALA B 309 -4.02 -34.14 33.09
N VAL B 310 -4.23 -33.06 33.85
CA VAL B 310 -4.62 -33.17 35.25
C VAL B 310 -6.01 -33.78 35.37
N LEU B 311 -6.97 -33.26 34.60
CA LEU B 311 -8.32 -33.80 34.61
C LEU B 311 -8.32 -35.27 34.25
N LEU B 312 -7.55 -35.65 33.22
CA LEU B 312 -7.52 -37.03 32.75
C LEU B 312 -6.93 -37.93 33.83
N ALA B 313 -5.84 -37.46 34.47
CA ALA B 313 -5.18 -38.23 35.51
C ALA B 313 -6.12 -38.44 36.70
N ALA B 314 -6.96 -37.44 36.99
CA ALA B 314 -7.88 -37.52 38.12
C ALA B 314 -8.96 -38.56 37.87
N PHE B 315 -9.53 -38.57 36.66
CA PHE B 315 -10.66 -39.43 36.34
C PHE B 315 -10.36 -40.27 35.11
N ALA B 316 -9.20 -40.94 35.11
CA ALA B 316 -8.82 -41.84 34.04
C ALA B 316 -9.73 -43.08 34.09
N GLY B 317 -9.81 -43.70 35.26
CA GLY B 317 -10.51 -44.97 35.44
C GLY B 317 -11.98 -44.79 35.82
N GLN B 318 -12.27 -43.75 36.64
CA GLN B 318 -13.59 -43.60 37.22
C GLN B 318 -14.63 -43.26 36.15
N LEU B 319 -14.27 -42.35 35.22
CA LEU B 319 -15.18 -41.90 34.20
C LEU B 319 -14.82 -42.44 32.82
N GLY B 320 -13.69 -43.15 32.73
CA GLY B 320 -13.17 -43.60 31.45
C GLY B 320 -12.44 -42.47 30.72
N ALA B 321 -11.77 -42.82 29.62
CA ALA B 321 -10.91 -41.88 28.93
C ALA B 321 -11.71 -41.16 27.85
N ALA B 322 -12.40 -41.94 27.01
CA ALA B 322 -13.04 -41.39 25.81
C ALA B 322 -14.08 -40.34 26.18
N PRO B 323 -15.04 -40.61 27.07
CA PRO B 323 -16.08 -39.63 27.40
C PRO B 323 -15.51 -38.35 28.02
N LEU B 324 -14.43 -38.51 28.81
CA LEU B 324 -13.80 -37.39 29.47
C LEU B 324 -13.08 -36.55 28.42
N ALA B 325 -12.33 -37.21 27.54
CA ALA B 325 -11.58 -36.51 26.50
C ALA B 325 -12.55 -35.70 25.63
N ALA B 326 -13.72 -36.28 25.35
CA ALA B 326 -14.73 -35.60 24.54
C ALA B 326 -15.28 -34.38 25.27
N ALA B 327 -15.47 -34.53 26.59
CA ALA B 327 -15.97 -33.42 27.40
C ALA B 327 -14.93 -32.30 27.44
N LEU B 328 -13.66 -32.67 27.54
CA LEU B 328 -12.58 -31.70 27.62
C LEU B 328 -12.47 -30.91 26.31
N LEU B 329 -12.55 -31.61 25.18
CA LEU B 329 -12.50 -30.95 23.88
C LEU B 329 -13.67 -29.98 23.73
N LEU B 330 -14.89 -30.43 24.04
CA LEU B 330 -16.05 -29.57 23.93
C LEU B 330 -15.95 -28.41 24.91
N TYR B 331 -15.32 -28.63 26.06
CA TYR B 331 -15.17 -27.57 27.04
C TYR B 331 -14.25 -26.49 26.47
N ARG B 332 -13.10 -26.91 25.97
CA ARG B 332 -12.10 -26.01 25.41
C ARG B 332 -12.69 -25.25 24.21
N LEU B 333 -13.47 -25.93 23.36
CA LEU B 333 -14.03 -25.28 22.17
C LEU B 333 -15.10 -24.27 22.59
N ILE B 334 -15.84 -24.57 23.66
CA ILE B 334 -17.00 -23.77 23.98
C ILE B 334 -16.60 -22.64 24.93
N TYR B 335 -15.71 -22.92 25.88
CA TYR B 335 -15.45 -21.98 26.96
C TYR B 335 -14.26 -21.06 26.65
N VAL B 336 -13.33 -21.51 25.82
CA VAL B 336 -12.16 -20.71 25.54
C VAL B 336 -12.23 -20.17 24.10
N VAL B 337 -12.36 -21.07 23.12
CA VAL B 337 -12.20 -20.70 21.73
C VAL B 337 -13.36 -19.79 21.29
N LEU B 338 -14.58 -20.12 21.71
CA LEU B 338 -15.74 -19.41 21.20
C LEU B 338 -15.66 -17.95 21.66
N PRO B 339 -15.56 -17.68 22.97
CA PRO B 339 -15.51 -16.30 23.45
C PRO B 339 -14.40 -15.48 22.81
N LEU B 340 -13.23 -16.09 22.62
CA LEU B 340 -12.11 -15.42 21.96
C LEU B 340 -12.51 -14.95 20.58
N LEU B 341 -13.18 -15.79 19.80
CA LEU B 341 -13.58 -15.45 18.44
C LEU B 341 -14.66 -14.38 18.47
N LEU B 342 -15.54 -14.41 19.49
CA LEU B 342 -16.53 -13.36 19.64
C LEU B 342 -15.82 -12.03 19.89
N ALA B 343 -14.87 -12.04 20.81
CA ALA B 343 -14.14 -10.82 21.15
C ALA B 343 -13.39 -10.31 19.93
N CYS B 344 -12.75 -11.22 19.19
CA CYS B 344 -12.01 -10.83 17.99
C CYS B 344 -12.93 -10.06 17.03
N LEU B 345 -14.13 -10.59 16.82
CA LEU B 345 -15.08 -10.00 15.88
C LEU B 345 -15.61 -8.70 16.45
N LEU B 346 -15.94 -8.67 17.73
CA LEU B 346 -16.45 -7.46 18.36
C LEU B 346 -15.51 -6.29 18.09
N LEU B 347 -14.25 -6.45 18.50
CA LEU B 347 -13.25 -5.39 18.45
C LEU B 347 -12.92 -5.04 17.01
N LEU B 348 -12.97 -6.01 16.08
CA LEU B 348 -12.83 -5.69 14.68
C LEU B 348 -14.01 -4.81 14.25
N PHE B 349 -15.21 -5.13 14.73
CA PHE B 349 -16.41 -4.37 14.38
C PHE B 349 -16.26 -2.94 14.85
N LEU B 350 -15.88 -2.76 16.12
CA LEU B 350 -15.72 -1.44 16.68
C LEU B 350 -14.69 -0.64 15.89
N GLU B 351 -13.59 -1.29 15.49
CA GLU B 351 -12.56 -0.62 14.73
C GLU B 351 -13.11 -0.16 13.38
N ALA B 352 -13.85 -1.04 12.70
CA ALA B 352 -14.40 -0.73 11.38
C ALA B 352 -15.43 0.39 11.50
N ARG B 353 -16.26 0.34 12.54
CA ARG B 353 -17.32 1.33 12.74
C ARG B 353 -16.69 2.70 13.03
N ARG B 354 -15.65 2.70 13.85
CA ARG B 354 -14.92 3.92 14.17
C ARG B 354 -14.28 4.50 12.91
N LEU B 355 -13.73 3.65 12.05
CA LEU B 355 -13.09 4.11 10.83
C LEU B 355 -14.13 4.74 9.90
N TRP B 356 -15.31 4.11 9.79
CA TRP B 356 -16.36 4.58 8.90
C TRP B 356 -16.94 5.91 9.38
N VAL B 357 -17.23 6.01 10.68
CA VAL B 357 -17.86 7.20 11.23
C VAL B 357 -16.85 8.36 11.18
N THR B 358 -15.76 8.23 11.94
CA THR B 358 -14.74 9.27 12.03
C THR B 358 -13.67 9.00 10.99
N ARG B 359 -13.78 9.67 9.83
CA ARG B 359 -12.90 9.43 8.70
C ARG B 359 -11.71 10.39 8.71
N GLN B 360 -11.98 11.65 9.08
CA GLN B 360 -11.03 12.74 8.91
C GLN B 360 -9.99 12.72 10.03
N ALA B 361 -10.47 12.66 11.28
CA ALA B 361 -9.60 12.75 12.45
C ALA B 361 -8.62 11.58 12.47
N ILE B 362 -9.10 10.38 12.17
CA ILE B 362 -8.26 9.20 12.10
C ILE B 362 -7.46 9.26 10.81
N ARG B 363 -6.13 9.25 10.95
CA ARG B 363 -5.26 9.44 9.80
C ARG B 363 -4.39 8.19 9.60
N VAL B 364 -3.61 7.84 10.63
CA VAL B 364 -2.55 6.86 10.45
C VAL B 364 -3.03 5.46 10.82
N ALA B 365 -4.11 5.38 11.61
CA ALA B 365 -4.71 4.09 11.97
C ALA B 365 -3.68 3.25 12.72
N SER B 366 -3.62 3.49 14.03
CA SER B 366 -2.84 2.67 14.94
C SER B 366 -3.78 2.08 15.99
N GLY B 367 -4.88 1.49 15.51
CA GLY B 367 -5.94 0.98 16.38
C GLY B 367 -5.77 -0.49 16.72
N PHE B 368 -6.89 -1.23 16.63
CA PHE B 368 -7.04 -2.52 17.28
C PHE B 368 -7.31 -3.62 16.25
N ALA B 369 -6.64 -3.53 15.10
CA ALA B 369 -6.89 -4.48 14.02
C ALA B 369 -5.67 -5.39 13.86
N ALA B 370 -4.46 -4.82 13.87
CA ALA B 370 -3.24 -5.56 13.61
C ALA B 370 -3.07 -6.69 14.61
N PRO B 371 -3.30 -6.50 15.93
CA PRO B 371 -3.16 -7.58 16.90
C PRO B 371 -4.21 -8.68 16.73
N ILE B 372 -5.47 -8.30 16.52
CA ILE B 372 -6.52 -9.28 16.30
C ILE B 372 -6.21 -10.08 15.03
N LEU B 373 -5.88 -9.41 13.94
CA LEU B 373 -5.63 -10.12 12.69
C LEU B 373 -4.44 -11.06 12.86
N ALA B 374 -3.46 -10.67 13.68
CA ALA B 374 -2.32 -11.55 13.90
C ALA B 374 -2.79 -12.81 14.60
N ILE B 375 -3.75 -12.66 15.53
CA ILE B 375 -4.27 -13.79 16.29
C ILE B 375 -5.01 -14.71 15.34
N LEU B 376 -5.95 -14.15 14.56
CA LEU B 376 -6.76 -14.95 13.65
C LEU B 376 -5.90 -15.67 12.62
N VAL B 377 -4.87 -14.99 12.10
CA VAL B 377 -3.96 -15.60 11.17
C VAL B 377 -3.23 -16.75 11.84
N PHE B 378 -2.85 -16.59 13.11
CA PHE B 378 -2.13 -17.64 13.79
C PHE B 378 -3.05 -18.84 13.96
N LEU B 379 -4.30 -18.58 14.35
CA LEU B 379 -5.26 -19.66 14.51
C LEU B 379 -5.43 -20.38 13.18
N SER B 380 -5.53 -19.61 12.09
CA SER B 380 -5.65 -20.20 10.76
C SER B 380 -4.53 -21.20 10.51
N GLY B 381 -3.29 -20.77 10.75
CA GLY B 381 -2.15 -21.63 10.56
C GLY B 381 -2.22 -22.88 11.43
N VAL B 382 -2.81 -22.75 12.63
CA VAL B 382 -3.02 -23.89 13.49
C VAL B 382 -3.99 -24.85 12.81
N VAL B 383 -5.08 -24.30 12.30
CA VAL B 383 -6.13 -25.09 11.69
C VAL B 383 -5.60 -25.84 10.47
N LEU B 384 -4.72 -25.21 9.71
CA LEU B 384 -4.11 -25.86 8.56
C LEU B 384 -3.25 -27.04 9.01
N LEU B 385 -2.44 -26.84 10.05
CA LEU B 385 -1.47 -27.83 10.45
C LEU B 385 -2.17 -29.04 11.07
N PHE B 386 -3.23 -28.79 11.84
CA PHE B 386 -3.98 -29.86 12.48
C PHE B 386 -4.69 -30.68 11.42
N SER B 387 -5.33 -30.01 10.45
CA SER B 387 -6.02 -30.73 9.41
C SER B 387 -5.03 -31.64 8.68
N GLY B 388 -3.85 -31.11 8.41
CA GLY B 388 -2.83 -31.86 7.70
C GLY B 388 -2.42 -33.13 8.44
N ALA B 389 -2.52 -33.11 9.77
CA ALA B 389 -2.11 -34.25 10.58
C ALA B 389 -3.21 -35.31 10.58
N THR B 390 -4.47 -34.89 10.66
CA THR B 390 -5.59 -35.80 10.72
C THR B 390 -5.87 -36.38 9.34
N PRO B 391 -6.23 -37.68 9.23
CA PRO B 391 -6.62 -38.29 7.94
C PRO B 391 -7.99 -37.86 7.44
N ALA B 392 -8.15 -37.86 6.11
CA ALA B 392 -9.33 -37.32 5.46
C ALA B 392 -10.47 -38.34 5.50
N ILE B 393 -11.69 -37.88 5.21
CA ILE B 393 -12.84 -38.76 5.15
C ILE B 393 -12.74 -39.61 3.88
N ASP B 394 -13.12 -40.89 3.99
CA ASP B 394 -13.00 -41.82 2.87
C ASP B 394 -13.92 -41.40 1.72
N THR B 395 -15.13 -40.97 2.05
CA THR B 395 -16.13 -40.60 1.04
C THR B 395 -15.63 -39.41 0.23
N ARG B 396 -15.10 -38.40 0.93
CA ARG B 396 -14.60 -37.21 0.25
C ARG B 396 -13.38 -37.58 -0.59
N LEU B 397 -12.54 -38.49 -0.10
CA LEU B 397 -11.34 -38.85 -0.84
C LEU B 397 -11.71 -39.62 -2.11
N GLU B 398 -12.74 -40.47 -2.04
CA GLU B 398 -13.09 -41.31 -3.18
C GLU B 398 -13.74 -40.46 -4.26
N HIS B 399 -14.55 -39.46 -3.87
CA HIS B 399 -15.11 -38.52 -4.82
C HIS B 399 -13.99 -37.74 -5.51
N LEU B 400 -13.07 -37.20 -4.69
CA LEU B 400 -12.02 -36.32 -5.18
C LEU B 400 -11.05 -37.08 -6.09
N GLY B 401 -10.88 -38.39 -5.84
CA GLY B 401 -9.89 -39.20 -6.54
C GLY B 401 -10.07 -39.19 -8.07
N PHE B 402 -11.33 -39.03 -8.51
CA PHE B 402 -11.65 -39.01 -9.92
C PHE B 402 -11.31 -37.64 -10.51
N LEU B 403 -11.67 -36.56 -9.80
CA LEU B 403 -11.54 -35.20 -10.32
C LEU B 403 -10.06 -34.81 -10.45
N ILE B 404 -9.29 -35.13 -9.40
CA ILE B 404 -7.93 -34.64 -9.27
C ILE B 404 -6.99 -35.82 -9.51
N PRO B 405 -5.84 -35.61 -10.19
CA PRO B 405 -4.76 -36.60 -10.21
C PRO B 405 -4.23 -36.94 -8.82
N HIS B 406 -3.81 -38.20 -8.65
CA HIS B 406 -3.59 -38.77 -7.33
C HIS B 406 -2.34 -38.17 -6.67
N ARG B 407 -1.33 -37.82 -7.47
CA ARG B 407 -0.11 -37.24 -6.94
C ARG B 407 -0.35 -35.79 -6.52
N LEU B 408 -1.27 -35.09 -7.19
CA LEU B 408 -1.55 -33.70 -6.90
C LEU B 408 -2.05 -33.57 -5.47
N ILE B 409 -2.87 -34.52 -5.03
CA ILE B 409 -3.40 -34.52 -3.67
C ILE B 409 -2.24 -34.49 -2.69
N ASP B 410 -1.21 -35.33 -2.93
CA ASP B 410 -0.10 -35.43 -2.01
C ASP B 410 0.73 -34.14 -2.02
N ALA B 411 0.90 -33.56 -3.22
CA ALA B 411 1.60 -32.30 -3.37
C ALA B 411 0.82 -31.19 -2.64
N SER B 412 -0.48 -31.07 -2.97
CA SER B 412 -1.34 -30.07 -2.34
C SER B 412 -1.19 -30.15 -0.82
N HIS B 413 -1.22 -31.39 -0.30
CA HIS B 413 -1.24 -31.63 1.12
C HIS B 413 0.05 -31.14 1.75
N LEU B 414 1.19 -31.37 1.10
CA LEU B 414 2.48 -30.96 1.67
C LEU B 414 2.57 -29.43 1.67
N VAL B 415 2.24 -28.83 0.52
CA VAL B 415 2.33 -27.39 0.38
C VAL B 415 1.43 -26.72 1.42
N ALA B 416 0.21 -27.26 1.58
CA ALA B 416 -0.73 -26.73 2.55
C ALA B 416 -0.16 -26.77 3.97
N SER B 417 0.72 -27.74 4.23
CA SER B 417 1.35 -27.85 5.53
C SER B 417 2.44 -26.81 5.69
N LEU B 418 3.20 -26.57 4.61
CA LEU B 418 4.21 -25.52 4.64
C LEU B 418 3.50 -24.18 4.85
N ILE B 419 2.47 -23.90 4.04
CA ILE B 419 1.71 -22.66 4.13
C ILE B 419 1.22 -22.43 5.55
N GLY B 420 0.79 -23.51 6.22
CA GLY B 420 0.37 -23.45 7.61
C GLY B 420 1.47 -22.93 8.53
N VAL B 421 2.72 -23.38 8.29
CA VAL B 421 3.85 -22.97 9.11
C VAL B 421 4.24 -21.52 8.79
N LEU B 422 4.14 -21.12 7.52
CA LEU B 422 4.38 -19.74 7.14
C LEU B 422 3.35 -18.84 7.80
N CYS B 423 2.07 -19.26 7.80
CA CYS B 423 1.03 -18.50 8.46
C CYS B 423 1.31 -18.37 9.96
N LEU B 424 1.99 -19.37 10.53
CA LEU B 424 2.36 -19.29 11.94
C LEU B 424 3.36 -18.15 12.14
N LEU B 425 4.34 -18.05 11.23
CA LEU B 425 5.46 -17.15 11.46
C LEU B 425 5.16 -15.74 10.96
N LEU B 426 4.13 -15.58 10.11
CA LEU B 426 3.80 -14.26 9.60
C LEU B 426 2.86 -13.50 10.54
N ALA B 427 2.49 -14.11 11.66
CA ALA B 427 1.68 -13.42 12.65
C ALA B 427 2.46 -12.21 13.15
N GLN B 428 3.73 -12.45 13.48
CA GLN B 428 4.62 -11.42 13.98
C GLN B 428 4.68 -10.26 12.98
N GLY B 429 4.83 -10.59 11.70
CA GLY B 429 4.83 -9.58 10.65
C GLY B 429 3.57 -8.73 10.70
N LEU B 430 2.40 -9.35 10.74
CA LEU B 430 1.17 -8.58 10.75
C LEU B 430 1.14 -7.68 11.97
N ARG B 431 1.64 -8.21 13.10
CA ARG B 431 1.56 -7.49 14.38
C ARG B 431 2.26 -6.16 14.24
N ARG B 432 3.41 -6.15 13.55
CA ARG B 432 4.24 -4.97 13.39
C ARG B 432 3.80 -4.13 12.20
N ARG B 433 2.53 -4.20 11.85
CA ARG B 433 1.92 -3.36 10.82
C ARG B 433 2.78 -3.29 9.56
N LEU B 434 3.35 -4.42 9.13
CA LEU B 434 4.01 -4.44 7.83
C LEU B 434 2.97 -4.50 6.72
N SER B 435 3.35 -4.00 5.54
CA SER B 435 2.53 -4.08 4.34
C SER B 435 2.93 -5.31 3.52
N ALA B 436 4.24 -5.62 3.52
CA ALA B 436 4.71 -6.84 2.87
C ALA B 436 4.00 -8.04 3.49
N ALA B 437 4.05 -8.12 4.82
CA ALA B 437 3.43 -9.22 5.57
C ALA B 437 1.94 -9.32 5.24
N TRP B 438 1.27 -8.17 5.14
CA TRP B 438 -0.14 -8.19 4.81
C TRP B 438 -0.39 -8.71 3.41
N ALA B 439 0.51 -8.39 2.47
CA ALA B 439 0.34 -8.84 1.09
C ALA B 439 0.57 -10.34 0.98
N LEU B 440 1.68 -10.80 1.55
CA LEU B 440 2.02 -12.21 1.53
C LEU B 440 0.92 -13.03 2.21
N THR B 441 0.52 -12.63 3.42
CA THR B 441 -0.45 -13.39 4.19
C THR B 441 -1.78 -13.44 3.45
N LEU B 442 -2.10 -12.39 2.72
CA LEU B 442 -3.39 -12.35 2.05
C LEU B 442 -3.37 -13.38 0.92
N VAL B 443 -2.20 -13.56 0.31
CA VAL B 443 -2.06 -14.53 -0.77
C VAL B 443 -2.12 -15.93 -0.16
N LEU B 444 -1.29 -16.19 0.85
CA LEU B 444 -1.17 -17.53 1.42
C LEU B 444 -2.51 -18.03 1.98
N LEU B 445 -3.27 -17.18 2.67
CA LEU B 445 -4.50 -17.63 3.29
C LEU B 445 -5.49 -18.10 2.23
N LEU B 446 -5.43 -17.53 1.03
CA LEU B 446 -6.38 -17.86 -0.02
C LEU B 446 -5.88 -19.05 -0.84
N VAL B 447 -4.57 -19.12 -1.06
CA VAL B 447 -3.98 -20.29 -1.68
C VAL B 447 -4.19 -21.49 -0.76
N GLY B 448 -3.92 -21.31 0.55
CA GLY B 448 -4.16 -22.36 1.52
C GLY B 448 -5.61 -22.82 1.54
N ALA B 449 -6.55 -21.88 1.35
CA ALA B 449 -7.96 -22.21 1.31
C ALA B 449 -8.28 -23.00 0.05
N LEU B 450 -7.53 -22.74 -1.03
CA LEU B 450 -7.71 -23.48 -2.27
C LEU B 450 -7.20 -24.91 -2.08
N LEU B 451 -5.97 -25.04 -1.61
CA LEU B 451 -5.38 -26.34 -1.37
C LEU B 451 -6.19 -27.13 -0.33
N SER B 452 -6.95 -26.43 0.52
CA SER B 452 -7.77 -27.12 1.51
C SER B 452 -8.93 -27.82 0.82
N LEU B 453 -9.34 -27.34 -0.35
CA LEU B 453 -10.37 -28.00 -1.13
C LEU B 453 -9.76 -29.06 -2.05
N LEU B 454 -8.45 -28.99 -2.30
CA LEU B 454 -7.78 -29.93 -3.18
C LEU B 454 -6.96 -30.94 -2.37
N LYS B 455 -7.14 -30.99 -1.05
CA LYS B 455 -6.40 -31.96 -0.24
C LYS B 455 -7.32 -33.13 0.12
N GLY B 456 -8.54 -32.80 0.56
CA GLY B 456 -9.55 -33.80 0.86
C GLY B 456 -10.95 -33.20 0.79
N PHE B 457 -11.06 -32.10 0.04
CA PHE B 457 -12.23 -31.25 0.03
C PHE B 457 -12.70 -30.96 1.45
N ASP B 458 -11.82 -30.31 2.23
CA ASP B 458 -12.11 -29.91 3.59
C ASP B 458 -12.61 -28.47 3.56
N TRP B 459 -13.93 -28.29 3.40
CA TRP B 459 -14.49 -26.98 3.13
C TRP B 459 -14.61 -26.17 4.43
N GLU B 460 -14.63 -26.86 5.57
CA GLU B 460 -14.68 -26.20 6.85
C GLU B 460 -13.42 -25.37 7.06
N GLU B 461 -12.27 -25.90 6.62
CA GLU B 461 -11.01 -25.20 6.71
C GLU B 461 -11.02 -24.03 5.73
N ALA B 462 -11.39 -24.32 4.48
CA ALA B 462 -11.37 -23.32 3.41
C ALA B 462 -12.28 -22.13 3.75
N SER B 463 -13.39 -22.40 4.45
CA SER B 463 -14.31 -21.35 4.82
C SER B 463 -13.64 -20.39 5.79
N LEU B 464 -12.98 -20.94 6.81
CA LEU B 464 -12.37 -20.13 7.85
C LEU B 464 -11.21 -19.33 7.27
N LEU B 465 -10.35 -20.00 6.51
CA LEU B 465 -9.20 -19.33 5.92
C LEU B 465 -9.65 -18.16 5.04
N SER B 466 -10.74 -18.35 4.29
CA SER B 466 -11.23 -17.33 3.39
C SER B 466 -11.84 -16.18 4.18
N LEU B 467 -12.56 -16.50 5.27
CA LEU B 467 -13.18 -15.49 6.10
C LEU B 467 -12.10 -14.59 6.72
N THR B 468 -11.04 -15.21 7.23
CA THR B 468 -9.88 -14.50 7.74
C THR B 468 -9.29 -13.61 6.65
N ALA B 469 -9.09 -14.16 5.46
CA ALA B 469 -8.47 -13.43 4.37
C ALA B 469 -9.34 -12.26 3.93
N ALA B 470 -10.65 -12.39 4.12
CA ALA B 470 -11.57 -11.29 3.85
C ALA B 470 -11.26 -10.15 4.81
N LEU B 471 -11.32 -10.44 6.11
CA LEU B 471 -11.11 -9.45 7.16
C LEU B 471 -9.74 -8.82 7.02
N LEU B 472 -8.73 -9.61 6.67
CA LEU B 472 -7.39 -9.07 6.52
C LEU B 472 -7.33 -8.06 5.38
N ALA B 473 -8.09 -8.32 4.31
CA ALA B 473 -8.08 -7.45 3.15
C ALA B 473 -8.88 -6.18 3.41
N MET B 474 -9.93 -6.30 4.25
CA MET B 474 -10.81 -5.19 4.55
C MET B 474 -10.07 -4.12 5.37
N PHE B 475 -9.15 -4.56 6.24
CA PHE B 475 -8.34 -3.65 7.04
C PHE B 475 -6.98 -3.44 6.38
N ARG B 476 -6.98 -2.89 5.16
CA ARG B 476 -5.76 -2.79 4.37
C ARG B 476 -4.90 -1.65 4.86
N ARG B 477 -5.56 -0.60 5.35
CA ARG B 477 -4.92 0.66 5.70
C ARG B 477 -4.07 0.43 6.95
N SER B 478 -4.57 -0.44 7.84
CA SER B 478 -3.96 -0.70 9.13
C SER B 478 -2.53 -1.18 9.00
N PHE B 479 -2.13 -1.63 7.81
CA PHE B 479 -0.78 -2.11 7.59
C PHE B 479 -0.10 -1.17 6.61
N TYR B 480 0.73 -0.26 7.12
CA TYR B 480 1.26 0.79 6.27
C TYR B 480 2.76 0.62 6.08
N ARG B 481 3.45 0.01 7.04
CA ARG B 481 4.90 0.11 7.04
C ARG B 481 5.48 -0.52 5.78
N PRO B 482 6.28 0.23 4.98
CA PRO B 482 6.95 -0.34 3.81
C PRO B 482 8.35 -0.87 4.11
N SER B 483 8.45 -1.75 5.11
CA SER B 483 9.73 -2.31 5.50
C SER B 483 9.91 -3.69 4.86
N ARG B 484 11.11 -4.26 5.02
CA ARG B 484 11.42 -5.58 4.49
C ARG B 484 11.11 -6.63 5.54
N LEU B 485 10.59 -7.79 5.07
CA LEU B 485 10.22 -8.89 5.94
C LEU B 485 11.48 -9.54 6.53
N MET B 486 12.59 -9.49 5.80
CA MET B 486 13.83 -10.07 6.25
C MET B 486 14.43 -9.28 7.42
N GLU B 487 13.96 -8.04 7.60
CA GLU B 487 14.53 -7.13 8.58
C GLU B 487 13.82 -7.25 9.93
N VAL B 488 12.74 -8.04 9.98
CA VAL B 488 12.01 -8.24 11.22
C VAL B 488 12.94 -8.89 12.24
N PRO B 489 13.00 -8.38 13.49
CA PRO B 489 13.84 -8.99 14.52
C PRO B 489 13.39 -10.41 14.89
N PHE B 490 14.33 -11.21 15.41
CA PHE B 490 14.02 -12.53 15.94
C PHE B 490 13.16 -12.37 17.20
N SER B 491 12.09 -13.17 17.29
CA SER B 491 11.24 -13.19 18.47
C SER B 491 11.21 -14.59 19.06
N PRO B 492 11.85 -14.83 20.22
CA PRO B 492 11.82 -16.14 20.87
C PRO B 492 10.40 -16.67 21.14
N LEU B 493 9.49 -15.76 21.52
CA LEU B 493 8.15 -16.15 21.91
C LEU B 493 7.41 -16.78 20.74
N TYR B 494 7.39 -16.10 19.59
CA TYR B 494 6.66 -16.57 18.43
C TYR B 494 7.21 -17.90 17.95
N VAL B 495 8.54 -18.05 17.98
CA VAL B 495 9.17 -19.29 17.57
C VAL B 495 8.79 -20.38 18.58
N GLY B 496 8.75 -20.02 19.86
CA GLY B 496 8.35 -20.95 20.90
C GLY B 496 6.93 -21.47 20.68
N ALA B 497 6.02 -20.55 20.34
CA ALA B 497 4.64 -20.90 20.08
C ALA B 497 4.54 -21.74 18.82
N SER B 498 5.37 -21.43 17.82
CA SER B 498 5.38 -22.20 16.59
C SER B 498 5.77 -23.65 16.85
N ILE B 499 6.85 -23.83 17.61
CA ILE B 499 7.33 -25.15 17.96
C ILE B 499 6.25 -25.90 18.74
N CYS B 500 5.57 -25.22 19.67
CA CYS B 500 4.52 -25.86 20.45
C CYS B 500 3.42 -26.38 19.53
N VAL B 501 3.00 -25.57 18.57
CA VAL B 501 1.92 -25.94 17.69
C VAL B 501 2.34 -27.13 16.84
N VAL B 502 3.57 -27.10 16.31
CA VAL B 502 4.11 -28.20 15.53
C VAL B 502 4.11 -29.47 16.38
N GLY B 503 4.55 -29.35 17.63
CA GLY B 503 4.51 -30.47 18.56
C GLY B 503 3.10 -31.06 18.66
N ALA B 504 2.11 -30.18 18.87
CA ALA B 504 0.74 -30.61 19.05
C ALA B 504 0.23 -31.25 17.76
N SER B 505 0.72 -30.80 16.60
CA SER B 505 0.32 -31.40 15.34
C SER B 505 0.86 -32.83 15.25
N VAL B 506 2.12 -33.01 15.65
CA VAL B 506 2.75 -34.32 15.60
C VAL B 506 2.07 -35.24 16.60
N TRP B 507 1.68 -34.72 17.76
CA TRP B 507 0.94 -35.52 18.72
C TRP B 507 -0.37 -36.00 18.14
N LEU B 508 -1.03 -35.12 17.39
CA LEU B 508 -2.29 -35.46 16.78
C LEU B 508 -2.05 -36.47 15.67
N LEU B 509 -0.89 -36.38 15.02
CA LEU B 509 -0.57 -37.29 13.94
C LEU B 509 -0.45 -38.70 14.51
N LEU B 510 0.28 -38.84 15.62
CA LEU B 510 0.46 -40.13 16.24
C LEU B 510 -0.88 -40.69 16.69
N PHE B 511 -1.72 -39.85 17.30
CA PHE B 511 -2.97 -40.32 17.89
C PHE B 511 -4.00 -40.67 16.83
N ALA B 512 -3.91 -40.02 15.67
CA ALA B 512 -4.89 -40.23 14.61
C ALA B 512 -4.53 -41.46 13.79
N ASN B 513 -3.23 -41.63 13.51
CA ASN B 513 -2.77 -42.72 12.65
C ASN B 513 -2.18 -43.84 13.50
N GLN B 514 -2.95 -44.30 14.50
CA GLN B 514 -2.47 -45.29 15.45
C GLN B 514 -2.87 -46.69 15.00
N ASP B 515 -3.49 -46.80 13.82
CA ASP B 515 -3.95 -48.07 13.28
C ASP B 515 -3.07 -48.47 12.10
N VAL B 516 -1.87 -47.89 12.01
CA VAL B 516 -0.91 -48.24 10.97
C VAL B 516 0.42 -48.58 11.66
N HIS B 517 1.07 -49.63 11.17
CA HIS B 517 2.33 -50.09 11.72
C HIS B 517 3.46 -49.26 11.10
N TYR B 518 4.50 -48.97 11.90
CA TYR B 518 5.67 -48.26 11.42
C TYR B 518 6.34 -49.05 10.30
N SER B 519 6.74 -48.35 9.24
CA SER B 519 7.51 -48.94 8.17
C SER B 519 8.26 -47.85 7.41
N ASN B 520 9.43 -48.21 6.87
CA ASN B 520 10.29 -47.29 6.16
C ASN B 520 9.71 -46.99 4.78
N GLN B 521 8.84 -47.87 4.28
CA GLN B 521 8.29 -47.73 2.94
C GLN B 521 7.09 -46.79 2.92
N LEU B 522 6.62 -46.35 4.10
CA LEU B 522 5.48 -45.45 4.19
C LEU B 522 5.84 -44.08 3.62
N TRP B 523 7.12 -43.67 3.72
CA TRP B 523 7.55 -42.36 3.28
C TRP B 523 7.31 -42.18 1.79
N TRP B 524 7.60 -43.23 1.00
CA TRP B 524 7.58 -43.13 -0.45
C TRP B 524 6.20 -43.49 -1.01
N GLN B 525 5.34 -44.07 -0.17
CA GLN B 525 4.07 -44.62 -0.62
C GLN B 525 3.15 -43.49 -1.08
N PHE B 526 2.96 -43.39 -2.40
CA PHE B 526 2.08 -42.38 -2.97
C PHE B 526 0.82 -43.04 -3.51
N ALA B 527 -0.28 -42.96 -2.74
CA ALA B 527 -1.56 -43.49 -3.16
C ALA B 527 -2.69 -42.76 -2.45
N LEU B 528 -3.91 -42.92 -2.97
CA LEU B 528 -5.06 -42.16 -2.51
C LEU B 528 -5.43 -42.58 -1.09
N ASP B 529 -5.72 -43.88 -0.91
CA ASP B 529 -6.28 -44.37 0.33
C ASP B 529 -5.28 -44.23 1.48
N ALA B 530 -3.98 -44.23 1.15
CA ALA B 530 -2.93 -44.15 2.15
C ALA B 530 -2.89 -42.76 2.77
N ASP B 531 -3.42 -42.65 3.99
CA ASP B 531 -3.49 -41.39 4.71
C ASP B 531 -2.19 -41.16 5.47
N ALA B 532 -1.65 -42.22 6.08
CA ALA B 532 -0.52 -42.09 6.99
C ALA B 532 0.72 -41.52 6.29
N PRO B 533 1.04 -41.95 5.05
CA PRO B 533 2.14 -41.34 4.30
C PRO B 533 2.04 -39.83 4.15
N ARG B 534 0.83 -39.35 3.83
CA ARG B 534 0.59 -37.92 3.64
C ARG B 534 0.85 -37.16 4.94
N ALA B 535 0.41 -37.74 6.06
CA ALA B 535 0.59 -37.12 7.36
C ALA B 535 2.08 -37.08 7.70
N LEU B 536 2.78 -38.18 7.46
CA LEU B 536 4.19 -38.27 7.78
C LEU B 536 4.99 -37.25 6.98
N ARG B 537 4.74 -37.21 5.66
CA ARG B 537 5.42 -36.26 4.80
C ARG B 537 5.17 -34.84 5.29
N ALA B 538 3.89 -34.54 5.57
CA ALA B 538 3.48 -33.22 6.02
C ALA B 538 4.24 -32.83 7.28
N ALA B 539 4.26 -33.72 8.27
CA ALA B 539 4.89 -33.45 9.54
C ALA B 539 6.38 -33.18 9.36
N LEU B 540 7.03 -33.95 8.49
CA LEU B 540 8.45 -33.79 8.26
C LEU B 540 8.71 -32.44 7.57
N GLY B 541 7.95 -32.16 6.51
CA GLY B 541 8.08 -30.93 5.77
C GLY B 541 7.94 -29.69 6.66
N SER B 542 6.93 -29.71 7.54
CA SER B 542 6.68 -28.62 8.46
C SER B 542 7.83 -28.50 9.45
N CYS B 543 8.34 -29.63 9.93
CA CYS B 543 9.41 -29.61 10.93
C CYS B 543 10.70 -29.05 10.34
N LEU B 544 10.99 -29.41 9.09
CA LEU B 544 12.20 -28.95 8.43
C LEU B 544 12.10 -27.46 8.11
N LEU B 545 10.93 -27.01 7.61
CA LEU B 545 10.75 -25.61 7.24
C LEU B 545 10.85 -24.71 8.47
N LEU B 546 10.25 -25.14 9.59
CA LEU B 546 10.30 -24.36 10.81
C LEU B 546 11.73 -24.30 11.32
N LEU B 547 12.44 -25.44 11.29
CA LEU B 547 13.82 -25.48 11.73
C LEU B 547 14.69 -24.55 10.88
N ALA B 548 14.51 -24.63 9.56
CA ALA B 548 15.28 -23.84 8.61
C ALA B 548 15.12 -22.35 8.90
N LEU B 549 13.86 -21.90 8.99
CA LEU B 549 13.55 -20.48 9.19
C LEU B 549 14.02 -20.02 10.57
N ALA B 550 13.87 -20.87 11.58
CA ALA B 550 14.29 -20.54 12.92
C ALA B 550 15.81 -20.34 12.96
N LEU B 551 16.55 -21.22 12.27
CA LEU B 551 18.01 -21.16 12.28
C LEU B 551 18.47 -19.95 11.46
N GLY B 552 17.80 -19.70 10.34
CA GLY B 552 18.11 -18.57 9.47
C GLY B 552 17.94 -17.23 10.19
N TRP B 553 16.92 -17.13 11.02
CA TRP B 553 16.68 -15.92 11.81
C TRP B 553 17.73 -15.79 12.91
N LEU B 554 18.07 -16.92 13.55
CA LEU B 554 19.04 -16.90 14.65
C LEU B 554 20.42 -16.51 14.16
N LEU B 555 20.88 -17.16 13.08
CA LEU B 555 22.17 -16.84 12.48
C LEU B 555 21.98 -15.77 11.41
N ARG B 556 22.11 -14.51 11.83
CA ARG B 556 21.98 -13.37 10.94
C ARG B 556 23.05 -12.34 11.32
N ALA B 557 23.41 -11.49 10.34
CA ALA B 557 24.45 -10.48 10.53
C ALA B 557 24.07 -9.55 11.68
N ALA B 558 25.05 -9.28 12.56
CA ALA B 558 24.85 -8.43 13.72
C ALA B 558 24.56 -7.00 13.26
N PRO B 559 23.70 -6.24 13.98
CA PRO B 559 23.37 -4.87 13.59
C PRO B 559 24.55 -3.93 13.79
N PRO B 560 24.71 -2.87 12.96
CA PRO B 560 25.77 -1.89 13.16
C PRO B 560 25.63 -1.17 14.51
N ALA B 561 26.79 -0.80 15.09
CA ALA B 561 26.83 -0.15 16.39
C ALA B 561 26.38 1.29 16.26
N ILE B 562 26.06 1.90 17.41
CA ILE B 562 25.61 3.29 17.47
C ILE B 562 26.82 4.21 17.36
N ARG B 563 26.73 5.17 16.42
CA ARG B 563 27.78 6.16 16.23
C ARG B 563 27.18 7.55 16.37
N GLU B 564 28.04 8.53 16.65
CA GLU B 564 27.62 9.93 16.72
C GLU B 564 27.42 10.46 15.31
N PRO B 565 26.54 11.48 15.13
CA PRO B 565 26.31 12.05 13.80
C PRO B 565 27.48 12.91 13.31
N ASN B 566 27.70 12.91 12.00
CA ASN B 566 28.78 13.65 11.37
C ASN B 566 28.24 15.02 10.95
N ALA B 567 29.05 15.76 10.18
CA ALA B 567 28.71 17.11 9.74
C ALA B 567 27.49 17.09 8.81
N GLU B 568 27.47 16.12 7.88
CA GLU B 568 26.42 16.03 6.89
C GLU B 568 25.08 15.72 7.56
N GLU B 569 25.10 14.72 8.45
CA GLU B 569 23.89 14.30 9.16
C GLU B 569 23.33 15.46 9.96
N LEU B 570 24.22 16.18 10.66
CA LEU B 570 23.83 17.31 11.49
C LEU B 570 23.17 18.38 10.62
N GLN B 571 23.72 18.62 9.44
CA GLN B 571 23.20 19.66 8.55
C GLN B 571 21.81 19.25 8.05
N ARG B 572 21.66 17.95 7.74
CA ARG B 572 20.39 17.42 7.29
C ARG B 572 19.35 17.56 8.40
N ALA B 573 19.77 17.24 9.63
CA ALA B 573 18.90 17.32 10.80
C ALA B 573 18.40 18.75 10.96
N ALA B 574 19.32 19.72 10.83
CA ALA B 574 19.00 21.13 10.98
C ALA B 574 17.99 21.56 9.91
N ARG B 575 18.19 21.07 8.68
CA ARG B 575 17.30 21.37 7.57
C ARG B 575 15.90 20.88 7.92
N ILE B 576 15.82 19.65 8.45
CA ILE B 576 14.55 19.04 8.81
C ILE B 576 13.86 19.90 9.86
N ILE B 577 14.64 20.36 10.84
CA ILE B 577 14.11 21.15 11.95
C ILE B 577 13.51 22.45 11.40
N ARG B 578 14.21 23.10 10.46
CA ARG B 578 13.77 24.37 9.91
C ARG B 578 12.43 24.20 9.20
N HIS B 579 12.34 23.17 8.35
CA HIS B 579 11.12 22.92 7.57
C HIS B 579 10.12 22.12 8.40
N SER B 580 9.79 22.63 9.59
CA SER B 580 8.93 21.91 10.51
C SER B 580 8.33 22.89 11.52
N ASP B 581 7.44 22.36 12.37
CA ASP B 581 6.77 23.14 13.39
C ASP B 581 7.60 23.10 14.67
N GLN B 582 8.14 21.93 14.99
CA GLN B 582 8.77 21.67 16.29
C GLN B 582 10.14 22.34 16.37
N PRO B 583 10.33 23.34 17.27
CA PRO B 583 11.64 23.94 17.48
C PRO B 583 12.48 23.21 18.53
N ASP B 584 11.85 22.28 19.26
CA ASP B 584 12.51 21.54 20.33
C ASP B 584 13.54 20.58 19.74
N GLY B 585 13.48 20.39 18.41
CA GLY B 585 14.40 19.52 17.70
C GLY B 585 15.84 20.03 17.78
N GLY B 586 16.02 21.29 18.20
CA GLY B 586 17.32 21.92 18.25
C GLY B 586 18.38 21.09 18.99
N LEU B 587 17.98 20.42 20.07
CA LEU B 587 18.94 19.68 20.89
C LEU B 587 19.49 18.49 20.13
N ALA B 588 19.01 18.28 18.90
CA ALA B 588 19.59 17.26 18.04
C ALA B 588 20.99 17.66 17.62
N LEU B 589 21.24 18.97 17.50
CA LEU B 589 22.41 19.48 16.81
C LEU B 589 23.64 19.51 17.71
N THR B 590 23.45 19.25 19.01
CA THR B 590 24.55 19.26 19.96
C THR B 590 25.59 18.18 19.61
N GLY B 591 25.19 17.18 18.82
CA GLY B 591 26.10 16.10 18.43
C GLY B 591 26.51 15.25 19.63
N ASP B 592 25.54 14.97 20.50
CA ASP B 592 25.77 14.18 21.71
C ASP B 592 24.97 12.87 21.64
N LYS B 593 23.87 12.86 20.88
CA LYS B 593 22.98 11.71 20.80
C LYS B 593 22.73 11.35 19.34
N ALA B 594 22.69 10.03 19.06
CA ALA B 594 22.70 9.53 17.69
C ALA B 594 21.38 9.82 17.02
N LEU B 595 21.40 9.79 15.68
CA LEU B 595 20.23 10.15 14.89
C LEU B 595 19.75 8.95 14.07
N LEU B 596 18.42 8.71 14.13
CA LEU B 596 17.78 7.75 13.26
C LEU B 596 17.01 8.53 12.20
N PHE B 597 17.36 8.31 10.93
CA PHE B 597 16.75 9.05 9.84
C PHE B 597 15.74 8.18 9.11
N HIS B 598 14.62 8.81 8.73
CA HIS B 598 13.62 8.17 7.91
C HIS B 598 14.24 7.89 6.53
N GLU B 599 13.65 6.94 5.79
CA GLU B 599 14.18 6.57 4.48
C GLU B 599 14.10 7.76 3.53
N SER B 600 13.07 8.60 3.68
CA SER B 600 12.86 9.76 2.83
C SER B 600 13.71 10.95 3.27
N ASP B 601 14.39 10.82 4.44
CA ASP B 601 15.27 11.84 4.97
C ASP B 601 14.51 13.15 5.14
N ASP B 602 13.25 13.02 5.58
CA ASP B 602 12.38 14.17 5.81
C ASP B 602 12.21 14.37 7.32
N ALA B 603 12.11 13.26 8.06
CA ALA B 603 11.96 13.30 9.50
C ALA B 603 13.01 12.41 10.15
N PHE B 604 13.31 12.70 11.42
CA PHE B 604 14.33 11.93 12.12
C PHE B 604 13.98 11.87 13.60
N LEU B 605 14.69 11.00 14.32
CA LEU B 605 14.49 10.81 15.75
C LEU B 605 15.84 10.67 16.42
N MET B 606 16.04 11.45 17.49
CA MET B 606 17.31 11.49 18.20
C MET B 606 17.19 10.56 19.41
N TYR B 607 18.20 9.69 19.58
CA TYR B 607 18.20 8.74 20.68
C TYR B 607 19.61 8.55 21.20
N ALA B 608 19.69 8.01 22.42
CA ALA B 608 20.97 7.73 23.06
C ALA B 608 20.84 6.46 23.88
N ARG B 609 21.86 5.59 23.79
CA ARG B 609 21.87 4.38 24.60
C ARG B 609 22.42 4.71 25.98
N ARG B 610 21.77 4.15 27.00
CA ARG B 610 22.22 4.27 28.37
C ARG B 610 22.02 2.91 29.05
N GLY B 611 23.12 2.25 29.41
CA GLY B 611 23.06 0.93 30.02
C GLY B 611 22.34 -0.07 29.13
N ARG B 612 21.10 -0.41 29.49
CA ARG B 612 20.33 -1.44 28.80
C ARG B 612 19.07 -0.88 28.16
N SER B 613 18.91 0.45 28.16
CA SER B 613 17.70 1.08 27.65
C SER B 613 18.05 2.24 26.75
N MET B 614 17.49 2.24 25.54
CA MET B 614 17.67 3.32 24.60
C MET B 614 16.59 4.36 24.84
N ILE B 615 17.00 5.63 25.00
CA ILE B 615 16.05 6.68 25.26
C ILE B 615 15.98 7.57 24.01
N ALA B 616 14.75 7.92 23.62
CA ALA B 616 14.51 8.90 22.57
C ALA B 616 14.09 10.22 23.23
N LEU B 617 14.67 11.33 22.76
CA LEU B 617 14.67 12.57 23.51
C LEU B 617 13.29 13.25 23.48
N TYR B 618 12.60 13.16 22.34
CA TYR B 618 11.29 13.78 22.18
C TYR B 618 10.47 12.93 21.21
N ASP B 619 9.33 13.46 20.75
CA ASP B 619 8.63 12.87 19.63
C ASP B 619 9.51 12.99 18.37
N PRO B 620 9.33 12.13 17.35
CA PRO B 620 10.03 12.31 16.07
C PRO B 620 9.63 13.64 15.42
N ILE B 621 10.54 14.18 14.60
CA ILE B 621 10.40 15.54 14.08
C ILE B 621 10.03 15.48 12.60
N GLY B 622 8.78 15.83 12.28
CA GLY B 622 8.30 15.82 10.91
C GLY B 622 6.79 15.57 10.82
N PRO B 623 6.26 15.25 9.61
CA PRO B 623 4.85 14.95 9.43
C PRO B 623 4.39 13.67 10.15
N ALA B 624 3.08 13.56 10.40
CA ALA B 624 2.53 12.48 11.20
C ALA B 624 2.86 11.11 10.58
N MET B 625 2.76 11.03 9.25
CA MET B 625 2.94 9.76 8.57
C MET B 625 4.39 9.30 8.70
N GLN B 626 5.31 10.27 8.71
CA GLN B 626 6.72 9.97 8.92
C GLN B 626 6.99 9.61 10.38
N ARG B 627 6.22 10.21 11.30
CA ARG B 627 6.40 9.98 12.72
C ARG B 627 6.08 8.54 13.09
N ALA B 628 4.91 8.04 12.65
CA ALA B 628 4.50 6.68 12.95
C ALA B 628 5.57 5.69 12.50
N GLU B 629 6.03 5.81 11.25
CA GLU B 629 7.03 4.89 10.73
C GLU B 629 8.31 4.97 11.55
N LEU B 630 8.64 6.19 12.03
CA LEU B 630 9.86 6.41 12.78
C LEU B 630 9.77 5.73 14.14
N ILE B 631 8.60 5.83 14.81
CA ILE B 631 8.40 5.23 16.11
C ILE B 631 8.53 3.71 16.02
N TRP B 632 7.95 3.12 14.98
CA TRP B 632 8.13 1.71 14.71
C TRP B 632 9.60 1.41 14.45
N GLN B 633 10.25 2.21 13.60
CA GLN B 633 11.64 2.00 13.23
C GLN B 633 12.53 1.95 14.47
N PHE B 634 12.20 2.78 15.45
CA PHE B 634 12.95 2.83 16.68
C PHE B 634 12.75 1.54 17.47
N ARG B 635 11.51 1.06 17.52
CA ARG B 635 11.17 -0.15 18.25
C ARG B 635 11.93 -1.32 17.63
N ASP B 636 11.93 -1.38 16.29
CA ASP B 636 12.71 -2.39 15.59
C ASP B 636 14.16 -2.33 16.07
N LEU B 637 14.77 -1.15 15.96
CA LEU B 637 16.17 -0.98 16.31
C LEU B 637 16.43 -1.45 17.74
N CYS B 638 15.56 -1.05 18.66
CA CYS B 638 15.75 -1.38 20.07
C CYS B 638 15.77 -2.89 20.26
N ASP B 639 14.85 -3.57 19.56
CA ASP B 639 14.68 -5.01 19.70
C ASP B 639 15.92 -5.71 19.15
N LEU B 640 16.46 -5.22 18.04
CA LEU B 640 17.67 -5.79 17.47
C LEU B 640 18.81 -5.77 18.50
N HIS B 641 18.95 -4.67 19.25
CA HIS B 641 20.07 -4.51 20.16
C HIS B 641 19.73 -5.00 21.56
N HIS B 642 18.56 -5.64 21.72
CA HIS B 642 18.17 -6.22 22.99
C HIS B 642 18.19 -5.15 24.08
N ALA B 643 17.50 -4.04 23.80
CA ALA B 643 17.43 -2.91 24.73
C ALA B 643 15.98 -2.46 24.88
N ARG B 644 15.65 -1.96 26.06
CA ARG B 644 14.33 -1.40 26.31
C ARG B 644 14.20 -0.07 25.58
N PRO B 645 13.20 0.12 24.69
CA PRO B 645 12.89 1.43 24.13
C PRO B 645 12.19 2.29 25.18
N VAL B 646 12.62 3.55 25.30
CA VAL B 646 11.97 4.53 26.16
C VAL B 646 11.85 5.85 25.40
N PHE B 647 10.69 6.49 25.51
CA PHE B 647 10.50 7.82 24.94
C PHE B 647 10.32 8.84 26.06
N TYR B 648 11.26 9.79 26.11
CA TYR B 648 11.33 10.80 27.16
C TYR B 648 10.63 12.07 26.67
N GLN B 649 9.76 12.65 27.52
CA GLN B 649 9.04 13.88 27.19
C GLN B 649 8.33 13.75 25.85
N VAL B 650 7.17 13.09 25.84
CA VAL B 650 6.37 13.02 24.65
C VAL B 650 5.09 13.80 24.91
N ARG B 651 4.48 14.30 23.83
CA ARG B 651 3.21 15.00 23.91
C ARG B 651 2.07 13.98 23.93
N ALA B 652 0.84 14.46 24.13
CA ALA B 652 -0.32 13.60 24.22
C ALA B 652 -0.74 13.07 22.86
N GLU B 653 -0.46 13.83 21.79
CA GLU B 653 -1.02 13.54 20.47
C GLU B 653 -0.43 12.27 19.88
N ASN B 654 0.78 11.90 20.28
CA ASN B 654 1.44 10.75 19.71
C ASN B 654 1.30 9.53 20.62
N LEU B 655 0.57 9.65 21.73
CA LEU B 655 0.53 8.58 22.72
C LEU B 655 0.11 7.27 22.05
N PRO B 656 -1.02 7.21 21.29
CA PRO B 656 -1.44 5.97 20.65
C PRO B 656 -0.43 5.30 19.72
N PHE B 657 0.51 6.06 19.18
CA PHE B 657 1.57 5.43 18.40
C PHE B 657 2.53 4.67 19.29
N TYR B 658 2.68 5.10 20.54
CA TYR B 658 3.58 4.41 21.47
C TYR B 658 2.85 3.20 22.03
N MET B 659 1.56 3.41 22.33
CA MET B 659 0.70 2.33 22.81
C MET B 659 0.75 1.16 21.83
N ASP B 660 0.78 1.47 20.53
CA ASP B 660 0.88 0.44 19.49
C ASP B 660 2.13 -0.38 19.75
N ILE B 661 3.30 0.26 19.79
CA ILE B 661 4.55 -0.48 19.84
C ILE B 661 4.77 -1.04 21.25
N GLY B 662 3.81 -0.79 22.15
CA GLY B 662 3.81 -1.48 23.42
C GLY B 662 4.58 -0.71 24.47
N LEU B 663 4.13 0.53 24.69
CA LEU B 663 4.64 1.36 25.77
C LEU B 663 3.44 1.87 26.57
N THR B 664 3.73 2.44 27.74
CA THR B 664 2.72 3.07 28.57
C THR B 664 3.17 4.48 28.91
N ALA B 665 2.21 5.40 28.91
CA ALA B 665 2.48 6.80 29.18
C ALA B 665 2.38 7.06 30.68
N LEU B 666 3.45 7.64 31.24
CA LEU B 666 3.48 8.10 32.61
C LEU B 666 3.58 9.61 32.62
N LYS B 667 2.84 10.26 33.54
CA LYS B 667 2.84 11.70 33.68
C LYS B 667 4.19 12.16 34.21
N LEU B 668 5.01 12.72 33.32
CA LEU B 668 6.38 13.08 33.65
C LEU B 668 6.41 14.48 34.26
N GLY B 669 5.80 15.43 33.55
CA GLY B 669 5.75 16.81 34.02
C GLY B 669 4.77 17.66 33.22
N GLU B 670 4.87 18.97 33.42
CA GLU B 670 4.01 19.95 32.78
C GLU B 670 4.88 20.94 32.02
N GLU B 671 4.46 21.26 30.80
CA GLU B 671 5.19 22.19 29.96
C GLU B 671 4.32 23.44 29.74
N ALA B 672 4.91 24.61 30.04
CA ALA B 672 4.20 25.87 29.93
C ALA B 672 4.51 26.52 28.58
N ARG B 673 3.47 27.06 27.94
CA ARG B 673 3.63 27.79 26.70
C ARG B 673 2.65 28.96 26.70
N VAL B 674 3.18 30.16 26.40
CA VAL B 674 2.38 31.36 26.42
C VAL B 674 1.89 31.63 25.00
N ASP B 675 0.61 31.99 24.88
CA ASP B 675 -0.02 32.33 23.61
C ASP B 675 0.05 33.85 23.44
N LEU B 676 0.74 34.28 22.38
CA LEU B 676 1.05 35.68 22.18
C LEU B 676 -0.11 36.41 21.51
N LEU B 677 -1.08 35.67 20.96
CA LEU B 677 -2.24 36.28 20.33
C LEU B 677 -3.12 36.95 21.38
N ARG B 678 -3.47 36.20 22.43
CA ARG B 678 -4.26 36.71 23.54
C ARG B 678 -3.42 37.71 24.33
N PHE B 679 -2.19 37.32 24.68
CA PHE B 679 -1.31 38.14 25.49
C PHE B 679 -1.00 39.44 24.75
N ASP B 680 -1.08 40.56 25.47
CA ASP B 680 -0.81 41.88 24.92
C ASP B 680 -0.30 42.78 26.05
N LEU B 681 0.38 43.87 25.67
CA LEU B 681 1.05 44.73 26.62
C LEU B 681 0.07 45.73 27.24
N GLU B 682 -1.15 45.81 26.68
CA GLU B 682 -2.17 46.73 27.17
C GLU B 682 -3.33 45.95 27.77
N ASN B 683 -3.01 44.97 28.62
CA ASN B 683 -4.01 44.12 29.25
C ASN B 683 -3.96 44.31 30.77
N LYS B 684 -4.92 43.72 31.48
CA LYS B 684 -5.05 43.88 32.92
C LYS B 684 -4.86 42.53 33.60
N GLY B 685 -4.59 42.58 34.91
CA GLY B 685 -4.26 41.41 35.72
C GLY B 685 -3.06 41.67 36.60
N LYS B 686 -3.17 41.34 37.90
CA LYS B 686 -2.15 41.67 38.89
C LYS B 686 -0.77 41.28 38.39
N GLU B 687 -0.65 40.05 37.87
CA GLU B 687 0.62 39.53 37.38
C GLU B 687 1.12 40.38 36.21
N MET B 688 0.18 40.81 35.35
CA MET B 688 0.50 41.61 34.18
C MET B 688 1.03 42.98 34.61
N LYS B 689 0.48 43.53 35.70
CA LYS B 689 0.90 44.84 36.17
C LYS B 689 2.29 44.72 36.79
N ASP B 690 2.57 43.56 37.40
CA ASP B 690 3.87 43.27 37.97
C ASP B 690 4.90 43.15 36.85
N LEU B 691 4.50 42.53 35.73
CA LEU B 691 5.38 42.33 34.59
C LEU B 691 5.74 43.68 33.95
N ARG B 692 4.75 44.56 33.77
CA ARG B 692 4.98 45.85 33.13
C ARG B 692 5.84 46.73 34.04
N TYR B 693 5.63 46.60 35.36
CA TYR B 693 6.45 47.30 36.34
C TYR B 693 7.90 46.83 36.24
N THR B 694 8.08 45.51 36.11
CA THR B 694 9.38 44.91 35.96
C THR B 694 10.05 45.42 34.69
N TRP B 695 9.28 45.46 33.59
CA TRP B 695 9.78 45.88 32.29
C TRP B 695 10.22 47.34 32.34
N ASN B 696 9.41 48.17 33.00
CA ASN B 696 9.65 49.61 33.02
C ASN B 696 10.87 49.92 33.88
N ARG B 697 11.01 49.22 35.01
CA ARG B 697 12.15 49.40 35.88
C ARG B 697 13.42 48.93 35.18
N GLY B 698 13.34 47.77 34.52
CA GLY B 698 14.46 47.24 33.76
C GLY B 698 14.96 48.23 32.70
N GLN B 699 14.02 48.86 32.01
CA GLN B 699 14.33 49.82 30.95
C GLN B 699 15.00 51.06 31.55
N ARG B 700 14.49 51.51 32.71
CA ARG B 700 14.99 52.71 33.37
C ARG B 700 16.39 52.45 33.95
N ASP B 701 16.63 51.22 34.43
CA ASP B 701 17.90 50.87 35.04
C ASP B 701 19.01 50.87 34.00
N GLY B 702 18.66 50.56 32.75
CA GLY B 702 19.63 50.52 31.66
C GLY B 702 19.94 49.09 31.22
N LEU B 703 18.89 48.26 31.14
CA LEU B 703 19.00 46.91 30.59
C LEU B 703 18.59 46.94 29.13
N ALA B 704 19.48 46.48 28.25
CA ALA B 704 19.24 46.46 26.82
C ALA B 704 19.40 45.05 26.28
N LEU B 705 18.39 44.59 25.53
CA LEU B 705 18.38 43.27 24.94
C LEU B 705 18.57 43.37 23.43
N GLU B 706 19.54 42.62 22.89
CA GLU B 706 19.81 42.61 21.46
C GLU B 706 19.97 41.17 20.97
N PHE B 707 19.54 40.92 19.73
CA PHE B 707 19.52 39.59 19.16
C PHE B 707 20.60 39.49 18.08
N HIS B 708 21.49 38.51 18.22
CA HIS B 708 22.57 38.30 17.28
C HIS B 708 22.23 37.11 16.39
N GLU B 709 22.45 37.26 15.07
CA GLU B 709 22.10 36.23 14.12
C GLU B 709 23.05 35.06 14.28
N PRO B 710 22.66 33.84 13.83
CA PRO B 710 23.52 32.65 13.96
C PRO B 710 24.85 32.84 13.25
N GLY B 711 25.95 32.74 14.02
CA GLY B 711 27.29 32.90 13.50
C GLY B 711 27.97 34.16 14.04
N GLN B 712 27.27 35.29 13.93
CA GLN B 712 27.80 36.58 14.32
C GLN B 712 27.50 36.81 15.80
N ALA B 713 28.25 36.12 16.67
CA ALA B 713 28.05 36.19 18.11
C ALA B 713 29.37 36.51 18.81
N PRO B 714 29.36 37.27 19.92
CA PRO B 714 30.56 37.52 20.71
C PRO B 714 30.92 36.31 21.56
N LEU B 715 31.73 35.40 21.00
CA LEU B 715 32.06 34.14 21.64
C LEU B 715 32.87 34.38 22.92
N ASP B 716 33.65 35.48 22.94
CA ASP B 716 34.46 35.83 24.09
C ASP B 716 33.54 36.15 25.28
N GLU B 717 32.51 36.97 25.03
CA GLU B 717 31.60 37.41 26.09
C GLU B 717 30.77 36.24 26.58
N LEU B 718 30.35 35.38 25.64
CA LEU B 718 29.57 34.19 25.96
C LEU B 718 30.41 33.25 26.83
N LYS B 719 31.68 33.04 26.45
CA LYS B 719 32.56 32.15 27.18
C LYS B 719 32.75 32.68 28.60
N ALA B 720 32.92 34.01 28.72
CA ALA B 720 33.15 34.65 30.01
C ALA B 720 31.96 34.43 30.94
N ILE B 721 30.75 34.63 30.44
CA ILE B 721 29.55 34.52 31.25
C ILE B 721 29.27 33.06 31.60
N SER B 722 29.54 32.15 30.65
CA SER B 722 29.33 30.73 30.87
C SER B 722 30.25 30.23 31.98
N ASP B 723 31.51 30.69 31.96
CA ASP B 723 32.48 30.34 32.97
C ASP B 723 32.05 30.89 34.33
N ALA B 724 31.54 32.13 34.33
CA ALA B 724 31.09 32.79 35.54
C ALA B 724 29.93 32.02 36.17
N TRP B 725 29.01 31.55 35.33
CA TRP B 725 27.84 30.80 35.78
C TRP B 725 28.26 29.43 36.31
N LEU B 726 29.22 28.79 35.63
CA LEU B 726 29.68 27.46 36.01
C LEU B 726 30.41 27.53 37.34
N GLY B 727 31.23 28.58 37.52
CA GLY B 727 31.95 28.80 38.77
C GLY B 727 31.01 28.94 39.95
N GLY B 728 30.00 29.81 39.80
CA GLY B 728 28.99 30.02 40.84
C GLY B 728 27.96 28.91 40.85
N PHE B 736 22.17 15.48 27.00
CA PHE B 736 20.81 14.90 26.86
C PHE B 736 19.77 15.81 27.51
N SER B 737 19.10 16.62 26.68
CA SER B 737 18.08 17.56 27.11
C SER B 737 18.70 18.74 27.87
N LEU B 738 19.99 19.01 27.63
CA LEU B 738 20.71 20.03 28.36
C LEU B 738 21.16 21.12 27.38
N GLY B 739 21.93 20.73 26.37
CA GLY B 739 22.50 21.67 25.41
C GLY B 739 23.90 22.10 25.83
N ARG B 740 24.89 21.68 25.03
CA ARG B 740 26.29 21.95 25.34
C ARG B 740 26.61 23.41 25.01
N PHE B 741 27.84 23.83 25.35
CA PHE B 741 28.31 25.18 25.11
C PHE B 741 29.38 25.20 24.03
N THR B 742 29.49 24.11 23.25
CA THR B 742 30.45 24.05 22.16
C THR B 742 30.08 25.11 21.12
N PRO B 743 31.07 25.78 20.49
CA PRO B 743 30.77 26.83 19.51
C PRO B 743 29.91 26.33 18.35
N ALA B 744 30.16 25.08 17.91
CA ALA B 744 29.43 24.50 16.79
C ALA B 744 27.93 24.51 17.05
N TYR B 745 27.54 24.16 18.28
CA TYR B 745 26.14 24.16 18.69
C TYR B 745 25.57 25.57 18.64
N LEU B 746 26.37 26.55 19.09
CA LEU B 746 25.89 27.92 19.25
C LEU B 746 25.73 28.61 17.90
N ASN B 747 26.55 28.24 16.90
CA ASN B 747 26.53 28.92 15.62
C ASN B 747 25.27 28.58 14.82
N PHE B 748 24.50 27.60 15.29
CA PHE B 748 23.28 27.19 14.61
C PHE B 748 22.12 28.13 14.90
N PHE B 749 22.08 28.69 16.12
CA PHE B 749 20.91 29.44 16.55
C PHE B 749 21.28 30.89 16.85
N ARG B 750 20.27 31.76 16.81
CA ARG B 750 20.41 33.16 17.14
C ARG B 750 20.37 33.33 18.65
N ILE B 751 21.29 34.16 19.17
CA ILE B 751 21.44 34.32 20.61
C ILE B 751 20.95 35.71 21.02
N ALA B 752 20.06 35.72 22.01
CA ALA B 752 19.63 36.96 22.64
C ALA B 752 20.54 37.25 23.83
N ILE B 753 21.20 38.42 23.81
CA ILE B 753 22.04 38.85 24.92
C ILE B 753 21.42 40.10 25.54
N VAL B 754 21.39 40.14 26.87
CA VAL B 754 21.00 41.33 27.60
C VAL B 754 22.28 41.96 28.19
N ARG B 755 22.31 43.29 28.24
CA ARG B 755 23.42 44.03 28.82
C ARG B 755 22.89 44.95 29.92
N HIS B 756 23.66 45.10 31.00
CA HIS B 756 23.35 46.04 32.06
C HIS B 756 24.34 47.20 32.00
N GLN B 757 23.91 48.31 31.38
CA GLN B 757 24.71 49.51 31.24
C GLN B 757 25.96 49.21 30.42
N GLY B 758 25.81 48.42 29.36
CA GLY B 758 26.87 48.23 28.37
C GLY B 758 27.50 46.83 28.44
N LYS B 759 27.80 46.36 29.65
CA LYS B 759 28.49 45.09 29.81
C LYS B 759 27.51 43.94 29.58
N PRO B 760 27.94 42.82 28.95
CA PRO B 760 27.09 41.65 28.80
C PRO B 760 26.95 40.90 30.12
N VAL B 761 25.71 40.59 30.50
CA VAL B 761 25.43 40.01 31.80
C VAL B 761 24.83 38.61 31.64
N ALA B 762 23.88 38.45 30.71
CA ALA B 762 23.19 37.18 30.53
C ALA B 762 22.92 36.94 29.05
N PHE B 763 22.65 35.67 28.70
CA PHE B 763 22.35 35.30 27.32
C PHE B 763 21.45 34.07 27.30
N ALA B 764 20.82 33.82 26.14
CA ALA B 764 19.92 32.70 25.95
C ALA B 764 19.68 32.43 24.46
N ASN B 765 20.19 31.31 23.96
CA ASN B 765 19.99 30.92 22.57
C ASN B 765 18.51 30.62 22.34
N LEU B 766 18.06 30.83 21.10
CA LEU B 766 16.65 30.70 20.75
C LEU B 766 16.50 29.64 19.67
N LEU B 767 15.67 28.62 19.97
CA LEU B 767 15.32 27.61 18.98
C LEU B 767 14.16 28.14 18.13
N GLU B 768 14.35 28.11 16.81
CA GLU B 768 13.39 28.66 15.87
C GLU B 768 13.26 27.74 14.65
N THR B 769 12.18 27.98 13.91
CA THR B 769 11.96 27.39 12.60
C THR B 769 11.73 28.53 11.60
N ASP B 770 11.61 28.18 10.32
CA ASP B 770 11.32 29.17 9.29
C ASP B 770 9.88 29.66 9.44
N SER B 771 9.00 28.80 9.94
CA SER B 771 7.62 29.16 10.26
C SER B 771 7.58 30.02 11.52
N ARG B 772 6.42 30.63 11.76
CA ARG B 772 6.22 31.48 12.92
C ARG B 772 5.08 30.92 13.77
N GLU B 773 5.15 29.62 14.04
CA GLU B 773 4.13 28.93 14.83
C GLU B 773 4.55 28.90 16.29
N LEU B 774 5.75 28.36 16.57
CA LEU B 774 6.22 28.18 17.93
C LEU B 774 7.70 28.58 18.03
N ALA B 775 8.07 29.11 19.20
CA ALA B 775 9.45 29.43 19.49
C ALA B 775 9.78 29.01 20.92
N SER B 776 11.05 28.66 21.15
CA SER B 776 11.47 28.12 22.42
C SER B 776 12.91 28.53 22.70
N LEU B 777 13.32 28.37 23.97
CA LEU B 777 14.71 28.57 24.35
C LEU B 777 15.17 27.39 25.19
N ASP B 778 16.35 26.86 24.84
CA ASP B 778 16.94 25.73 25.53
C ASP B 778 17.88 26.26 26.60
N LEU B 779 19.01 26.82 26.16
CA LEU B 779 20.08 27.22 27.05
C LEU B 779 19.86 28.67 27.47
N MET B 780 20.06 28.96 28.76
CA MET B 780 19.75 30.26 29.31
C MET B 780 20.54 30.47 30.60
N ARG B 781 21.51 31.39 30.54
CA ARG B 781 22.45 31.61 31.63
C ARG B 781 22.40 33.07 32.06
N VAL B 782 22.63 33.30 33.35
CA VAL B 782 22.62 34.64 33.94
C VAL B 782 23.83 34.78 34.85
N HIS B 783 24.31 36.01 35.01
CA HIS B 783 25.45 36.28 35.89
C HIS B 783 24.97 36.26 37.34
N PRO B 784 25.66 35.56 38.26
CA PRO B 784 25.30 35.58 39.68
C PRO B 784 25.09 36.97 40.29
N ASP B 785 25.88 37.95 39.83
CA ASP B 785 25.85 39.30 40.40
C ASP B 785 24.74 40.14 39.78
N ALA B 786 24.08 39.61 38.74
CA ALA B 786 23.03 40.35 38.04
C ALA B 786 21.88 40.67 38.98
N PRO B 787 21.18 41.81 38.78
CA PRO B 787 19.95 42.10 39.52
C PRO B 787 18.92 40.98 39.39
N LYS B 788 18.01 40.89 40.37
CA LYS B 788 17.06 39.81 40.45
C LYS B 788 16.04 39.92 39.31
N LEU B 789 15.81 41.15 38.82
CA LEU B 789 14.80 41.43 37.82
C LEU B 789 15.41 41.39 36.41
N THR B 790 16.73 41.20 36.31
CA THR B 790 17.43 41.23 35.03
C THR B 790 17.02 40.02 34.19
N MET B 791 16.96 38.85 34.82
CA MET B 791 16.60 37.62 34.11
C MET B 791 15.16 37.73 33.62
N GLU B 792 14.30 38.35 34.43
CA GLU B 792 12.89 38.51 34.09
C GLU B 792 12.74 39.50 32.93
N PHE B 793 13.61 40.52 32.89
CA PHE B 793 13.59 41.50 31.81
C PHE B 793 13.97 40.82 30.50
N LEU B 794 15.06 40.03 30.54
CA LEU B 794 15.49 39.25 29.39
C LEU B 794 14.33 38.38 28.89
N MET B 795 13.67 37.73 29.86
CA MET B 795 12.65 36.75 29.59
C MET B 795 11.41 37.40 28.98
N LEU B 796 11.01 38.55 29.52
CA LEU B 796 9.83 39.25 29.04
C LEU B 796 10.15 39.94 27.71
N GLY B 797 11.39 40.41 27.56
CA GLY B 797 11.88 41.00 26.32
C GLY B 797 11.79 40.01 25.16
N LEU B 798 12.13 38.75 25.42
CA LEU B 798 11.98 37.67 24.46
C LEU B 798 10.52 37.58 24.03
N ILE B 799 9.62 37.56 25.00
CA ILE B 799 8.20 37.38 24.73
C ILE B 799 7.71 38.50 23.82
N LEU B 800 8.08 39.75 24.15
CA LEU B 800 7.64 40.90 23.39
C LEU B 800 8.24 40.85 21.97
N HIS B 801 9.50 40.43 21.87
CA HIS B 801 10.18 40.35 20.59
C HIS B 801 9.45 39.39 19.67
N TYR B 802 9.05 38.23 20.21
CA TYR B 802 8.37 37.21 19.44
C TYR B 802 6.95 37.64 19.11
N LYS B 803 6.36 38.48 19.97
CA LYS B 803 5.09 39.12 19.66
C LYS B 803 5.26 40.00 18.41
N ALA B 804 6.39 40.72 18.35
CA ALA B 804 6.67 41.65 17.27
C ALA B 804 6.78 40.93 15.93
N GLN B 805 7.57 39.86 15.89
CA GLN B 805 7.69 39.06 14.67
C GLN B 805 6.37 38.36 14.36
N GLY B 806 5.62 38.01 15.41
CA GLY B 806 4.30 37.44 15.27
C GLY B 806 4.31 35.91 15.31
N HIS B 807 4.91 35.36 16.37
CA HIS B 807 4.87 33.93 16.64
C HIS B 807 3.66 33.62 17.51
N ALA B 808 2.91 32.60 17.12
CA ALA B 808 1.64 32.28 17.78
C ALA B 808 1.89 31.93 19.25
N ARG B 809 2.76 30.93 19.48
CA ARG B 809 3.02 30.41 20.81
C ARG B 809 4.50 30.57 21.14
N PHE B 810 4.83 30.54 22.43
CA PHE B 810 6.21 30.64 22.90
C PHE B 810 6.45 29.66 24.04
N SER B 811 7.23 28.61 23.77
CA SER B 811 7.48 27.54 24.74
C SER B 811 8.33 28.08 25.88
N LEU B 812 7.81 27.98 27.11
CA LEU B 812 8.49 28.47 28.29
C LEU B 812 9.50 27.43 28.76
N GLY B 813 9.02 26.22 29.05
CA GLY B 813 9.84 25.15 29.60
C GLY B 813 9.00 24.17 30.40
N MET B 814 9.65 23.14 30.97
CA MET B 814 8.94 22.11 31.71
C MET B 814 9.28 22.19 33.19
N VAL B 815 8.27 21.98 34.04
CA VAL B 815 8.47 21.69 35.45
C VAL B 815 8.11 20.22 35.67
N PRO B 816 9.02 19.38 36.22
CA PRO B 816 8.70 17.99 36.52
C PRO B 816 7.85 17.85 37.79
N LEU B 817 7.50 16.61 38.12
CA LEU B 817 6.69 16.27 39.28
C LEU B 817 5.35 17.02 39.20
N GLN B 847 9.88 23.90 43.10
CA GLN B 847 8.63 24.64 43.38
C GLN B 847 8.72 26.05 42.78
N GLY B 848 9.86 26.72 42.99
CA GLY B 848 10.06 28.08 42.52
C GLY B 848 9.85 28.24 41.02
N LEU B 849 10.26 27.22 40.25
CA LEU B 849 10.15 27.25 38.80
C LEU B 849 8.68 27.29 38.38
N ARG B 850 7.83 26.55 39.09
CA ARG B 850 6.40 26.53 38.79
C ARG B 850 5.81 27.92 38.98
N ARG B 851 6.18 28.60 40.06
CA ARG B 851 5.62 29.90 40.39
C ARG B 851 6.10 30.91 39.36
N PHE B 852 7.39 30.84 39.02
CA PHE B 852 8.02 31.76 38.09
C PHE B 852 7.37 31.66 36.71
N LYS B 853 7.07 30.43 36.26
CA LYS B 853 6.42 30.23 34.97
C LYS B 853 4.98 30.71 35.03
N ASP B 854 4.31 30.47 36.17
CA ASP B 854 2.91 30.81 36.33
C ASP B 854 2.74 32.33 36.36
N LYS B 855 3.82 33.06 36.69
CA LYS B 855 3.74 34.50 36.87
C LYS B 855 3.59 35.21 35.52
N PHE B 856 3.78 34.48 34.42
CA PHE B 856 3.54 35.03 33.08
C PHE B 856 2.15 34.66 32.59
N GLN B 857 1.38 33.91 33.40
CA GLN B 857 0.05 33.45 33.03
C GLN B 857 0.13 32.64 31.74
N PRO B 858 0.80 31.45 31.75
CA PRO B 858 0.93 30.63 30.56
C PRO B 858 -0.20 29.60 30.42
N ASP B 859 -0.07 28.76 29.39
CA ASP B 859 -0.97 27.63 29.21
C ASP B 859 -0.18 26.36 29.49
N TRP B 860 -0.70 25.53 30.40
CA TRP B 860 -0.04 24.29 30.79
C TRP B 860 -0.44 23.17 29.85
N GLU B 861 0.48 22.24 29.63
CA GLU B 861 0.25 21.07 28.80
C GLU B 861 1.06 19.91 29.39
N PRO B 862 0.45 18.73 29.62
CA PRO B 862 1.16 17.60 30.22
C PRO B 862 2.26 17.07 29.31
N ARG B 863 3.33 16.55 29.91
CA ARG B 863 4.41 15.91 29.16
C ARG B 863 4.63 14.52 29.74
N TYR B 864 4.66 13.50 28.87
CA TYR B 864 4.61 12.11 29.29
C TYR B 864 5.95 11.42 29.10
N LEU B 865 6.07 10.24 29.71
CA LEU B 865 7.20 9.34 29.53
C LEU B 865 6.69 7.97 29.12
N ALA B 866 7.30 7.38 28.09
CA ALA B 866 6.86 6.10 27.55
C ALA B 866 7.85 5.00 27.91
N VAL B 867 7.35 3.98 28.61
CA VAL B 867 8.17 2.86 29.07
C VAL B 867 7.42 1.56 28.79
N PRO B 868 8.14 0.44 28.57
CA PRO B 868 7.49 -0.85 28.36
C PRO B 868 6.42 -1.14 29.40
N ALA B 869 5.35 -1.82 28.95
CA ALA B 869 4.11 -1.89 29.69
C ALA B 869 4.26 -2.70 30.97
N GLY B 870 5.02 -3.80 30.91
CA GLY B 870 5.09 -4.78 31.97
C GLY B 870 5.32 -4.17 33.35
N LEU B 871 6.60 -3.96 33.70
CA LEU B 871 6.98 -3.37 34.97
C LEU B 871 8.32 -2.65 34.82
N ASP B 872 8.26 -1.35 34.53
CA ASP B 872 9.44 -0.49 34.52
C ASP B 872 9.02 0.94 34.86
N PRO B 873 8.44 1.19 36.06
CA PRO B 873 7.96 2.53 36.41
C PRO B 873 9.05 3.50 36.82
N LEU B 874 9.98 3.04 37.68
CA LEU B 874 10.92 3.92 38.37
C LEU B 874 12.33 3.74 37.83
N VAL B 875 12.72 2.49 37.53
CA VAL B 875 14.07 2.19 37.10
C VAL B 875 14.47 3.07 35.90
N ALA B 876 13.56 3.20 34.93
CA ALA B 876 13.82 3.95 33.72
C ALA B 876 13.91 5.45 34.01
N LEU B 877 13.04 5.92 34.91
CA LEU B 877 12.97 7.33 35.24
C LEU B 877 14.23 7.74 36.01
N ALA B 878 14.67 6.89 36.94
CA ALA B 878 15.87 7.14 37.72
C ALA B 878 17.11 7.11 36.82
N ASP B 879 17.12 6.17 35.86
CA ASP B 879 18.23 6.01 34.94
C ASP B 879 18.34 7.23 34.01
N THR B 880 17.19 7.74 33.57
CA THR B 880 17.14 8.91 32.71
C THR B 880 17.57 10.16 33.48
N ALA B 881 17.17 10.23 34.76
CA ALA B 881 17.51 11.35 35.64
C ALA B 881 19.02 11.39 35.87
N ALA B 882 19.64 10.20 35.98
CA ALA B 882 21.09 10.10 36.12
C ALA B 882 21.77 10.58 34.85
N LEU B 883 21.24 10.16 33.68
CA LEU B 883 21.74 10.62 32.40
C LEU B 883 21.23 12.04 32.13
#